data_2DMP
#
_entry.id   2DMP
#
_entity_poly.entity_id   1
_entity_poly.type   'polypeptide(L)'
_entity_poly.pdbx_seq_one_letter_code
;GSSGSSGAYPDFAPQKFKEKTQGQVKILEDSFLKSSFPTQAELDRLRVETKLSRREIDSWFSERRKLRDSMEQAVLDSMG
SGKSGPSSG
;
_entity_poly.pdbx_strand_id   A
#
# COMPACT_ATOMS: atom_id res chain seq x y z
N GLY A 1 -18.33 12.85 -2.30
CA GLY A 1 -17.76 12.96 -0.98
C GLY A 1 -18.75 12.65 0.12
N SER A 2 -18.33 12.84 1.36
CA SER A 2 -19.19 12.58 2.51
C SER A 2 -19.25 13.79 3.43
N SER A 3 -20.19 13.76 4.38
CA SER A 3 -20.36 14.86 5.32
C SER A 3 -19.22 14.89 6.33
N GLY A 4 -18.82 13.70 6.79
CA GLY A 4 -17.74 13.60 7.76
C GLY A 4 -16.63 12.68 7.30
N SER A 5 -15.39 13.03 7.65
CA SER A 5 -14.24 12.22 7.27
C SER A 5 -14.32 10.83 7.88
N SER A 6 -13.51 9.91 7.36
CA SER A 6 -13.49 8.54 7.85
C SER A 6 -12.63 8.43 9.11
N GLY A 7 -13.28 8.16 10.23
CA GLY A 7 -12.57 8.04 11.50
C GLY A 7 -13.05 6.84 12.31
N ALA A 8 -12.15 6.27 13.10
CA ALA A 8 -12.47 5.12 13.93
C ALA A 8 -13.38 5.52 15.08
N TYR A 9 -14.10 4.54 15.63
CA TYR A 9 -15.01 4.80 16.74
C TYR A 9 -15.40 3.50 17.43
N PRO A 10 -15.77 3.60 18.71
CA PRO A 10 -16.18 2.44 19.52
C PRO A 10 -17.51 1.86 19.07
N ASP A 11 -17.46 0.83 18.23
CA ASP A 11 -18.66 0.18 17.74
C ASP A 11 -18.35 -1.19 17.16
N PHE A 12 -19.37 -2.04 17.07
CA PHE A 12 -19.19 -3.39 16.54
C PHE A 12 -19.85 -3.52 15.17
N ALA A 13 -19.02 -3.69 14.14
CA ALA A 13 -19.52 -3.83 12.78
C ALA A 13 -19.99 -5.26 12.51
N PRO A 14 -21.19 -5.40 11.94
CA PRO A 14 -21.77 -6.70 11.62
C PRO A 14 -21.05 -7.39 10.47
N GLN A 15 -20.21 -6.64 9.77
CA GLN A 15 -19.45 -7.19 8.65
C GLN A 15 -17.97 -7.35 9.01
N LYS A 16 -17.40 -8.50 8.66
CA LYS A 16 -16.01 -8.78 8.96
C LYS A 16 -15.10 -8.10 7.94
N PHE A 17 -13.88 -7.78 8.36
CA PHE A 17 -12.91 -7.13 7.48
C PHE A 17 -12.72 -7.93 6.20
N LYS A 18 -12.85 -7.25 5.06
CA LYS A 18 -12.70 -7.89 3.76
C LYS A 18 -11.38 -7.49 3.11
N GLU A 19 -10.91 -8.31 2.18
CA GLU A 19 -9.66 -8.03 1.48
C GLU A 19 -9.74 -6.72 0.71
N LYS A 20 -8.60 -6.07 0.54
CA LYS A 20 -8.54 -4.80 -0.19
C LYS A 20 -9.20 -4.92 -1.56
N THR A 21 -10.23 -4.11 -1.79
CA THR A 21 -10.95 -4.12 -3.05
C THR A 21 -10.10 -3.53 -4.17
N GLN A 22 -10.22 -4.12 -5.36
CA GLN A 22 -9.45 -3.66 -6.52
C GLN A 22 -9.44 -2.14 -6.59
N GLY A 23 -10.62 -1.53 -6.52
CA GLY A 23 -10.73 -0.08 -6.58
C GLY A 23 -9.81 0.60 -5.60
N GLN A 24 -9.93 0.24 -4.32
CA GLN A 24 -9.10 0.83 -3.28
C GLN A 24 -7.62 0.75 -3.63
N VAL A 25 -7.12 -0.47 -3.75
CA VAL A 25 -5.72 -0.69 -4.10
C VAL A 25 -5.30 0.17 -5.28
N LYS A 26 -6.16 0.22 -6.30
CA LYS A 26 -5.87 1.02 -7.48
C LYS A 26 -5.69 2.49 -7.13
N ILE A 27 -6.51 2.98 -6.21
CA ILE A 27 -6.42 4.37 -5.78
C ILE A 27 -5.11 4.65 -5.05
N LEU A 28 -4.69 3.69 -4.23
CA LEU A 28 -3.45 3.83 -3.48
C LEU A 28 -2.24 3.74 -4.40
N GLU A 29 -2.21 2.71 -5.24
CA GLU A 29 -1.11 2.51 -6.17
C GLU A 29 -0.80 3.81 -6.93
N ASP A 30 -1.83 4.45 -7.43
CA ASP A 30 -1.67 5.70 -8.18
C ASP A 30 -0.83 6.69 -7.39
N SER A 31 -1.10 6.78 -6.09
CA SER A 31 -0.37 7.70 -5.22
C SER A 31 1.02 7.16 -4.90
N PHE A 32 1.07 5.94 -4.36
CA PHE A 32 2.33 5.31 -4.01
C PHE A 32 3.29 5.31 -5.20
N LEU A 33 2.91 4.64 -6.27
CA LEU A 33 3.74 4.59 -7.47
C LEU A 33 4.46 5.91 -7.70
N LYS A 34 3.76 7.00 -7.45
CA LYS A 34 4.32 8.34 -7.63
C LYS A 34 5.24 8.70 -6.47
N SER A 35 4.72 8.60 -5.26
CA SER A 35 5.50 8.92 -4.06
C SER A 35 5.25 7.90 -2.96
N SER A 36 6.24 7.08 -2.68
CA SER A 36 6.13 6.05 -1.65
C SER A 36 5.53 6.63 -0.37
N PHE A 37 6.05 7.77 0.05
CA PHE A 37 5.58 8.43 1.26
C PHE A 37 4.60 9.55 0.93
N PRO A 38 3.30 9.26 1.10
CA PRO A 38 2.23 10.24 0.82
C PRO A 38 2.22 11.39 1.81
N THR A 39 1.63 12.51 1.41
CA THR A 39 1.55 13.68 2.26
C THR A 39 0.18 13.78 2.92
N GLN A 40 0.12 14.52 4.04
CA GLN A 40 -1.13 14.69 4.76
C GLN A 40 -2.31 14.82 3.80
N ALA A 41 -2.20 15.75 2.86
CA ALA A 41 -3.25 15.98 1.88
C ALA A 41 -3.54 14.70 1.08
N GLU A 42 -2.49 14.06 0.59
CA GLU A 42 -2.64 12.84 -0.18
C GLU A 42 -3.40 11.78 0.61
N LEU A 43 -2.77 11.28 1.67
CA LEU A 43 -3.40 10.26 2.51
C LEU A 43 -4.86 10.61 2.78
N ASP A 44 -5.10 11.84 3.22
CA ASP A 44 -6.46 12.28 3.52
C ASP A 44 -7.43 11.85 2.42
N ARG A 45 -7.01 12.03 1.17
CA ARG A 45 -7.84 11.67 0.03
C ARG A 45 -7.83 10.16 -0.19
N LEU A 46 -6.75 9.51 0.24
CA LEU A 46 -6.63 8.06 0.10
C LEU A 46 -7.61 7.33 1.00
N ARG A 47 -7.61 7.69 2.29
CA ARG A 47 -8.51 7.07 3.26
C ARG A 47 -9.96 7.23 2.83
N VAL A 48 -10.40 8.48 2.71
CA VAL A 48 -11.77 8.77 2.32
C VAL A 48 -12.15 8.04 1.04
N GLU A 49 -11.32 8.20 0.01
CA GLU A 49 -11.56 7.55 -1.27
C GLU A 49 -11.65 6.03 -1.11
N THR A 50 -10.55 5.42 -0.68
CA THR A 50 -10.51 3.97 -0.48
C THR A 50 -11.38 3.56 0.70
N LYS A 51 -11.94 4.55 1.40
CA LYS A 51 -12.79 4.28 2.55
C LYS A 51 -12.06 3.47 3.61
N LEU A 52 -10.82 3.88 3.89
CA LEU A 52 -10.01 3.19 4.88
C LEU A 52 -9.51 4.17 5.96
N SER A 53 -8.80 3.64 6.94
CA SER A 53 -8.28 4.46 8.02
C SER A 53 -6.75 4.57 7.95
N ARG A 54 -6.19 5.57 8.61
CA ARG A 54 -4.76 5.78 8.62
C ARG A 54 -4.02 4.46 8.82
N ARG A 55 -4.32 3.78 9.92
CA ARG A 55 -3.68 2.50 10.24
C ARG A 55 -3.84 1.52 9.08
N GLU A 56 -5.08 1.33 8.64
CA GLU A 56 -5.38 0.41 7.55
C GLU A 56 -4.37 0.58 6.42
N ILE A 57 -4.32 1.78 5.84
CA ILE A 57 -3.41 2.07 4.75
C ILE A 57 -1.95 1.88 5.18
N ASP A 58 -1.62 2.45 6.36
CA ASP A 58 -0.27 2.34 6.88
C ASP A 58 0.34 0.98 6.57
N SER A 59 -0.45 -0.07 6.73
CA SER A 59 0.01 -1.43 6.47
C SER A 59 0.31 -1.61 4.98
N TRP A 60 -0.65 -1.25 4.15
CA TRP A 60 -0.49 -1.39 2.70
C TRP A 60 0.82 -0.77 2.24
N PHE A 61 0.99 0.52 2.54
CA PHE A 61 2.20 1.24 2.15
C PHE A 61 3.44 0.61 2.79
N SER A 62 3.35 0.35 4.09
CA SER A 62 4.47 -0.25 4.82
C SER A 62 5.02 -1.47 4.08
N GLU A 63 4.12 -2.34 3.64
CA GLU A 63 4.52 -3.54 2.92
C GLU A 63 4.90 -3.21 1.48
N ARG A 64 4.09 -2.38 0.83
CA ARG A 64 4.36 -1.98 -0.54
C ARG A 64 5.85 -1.67 -0.75
N ARG A 65 6.46 -1.06 0.25
CA ARG A 65 7.88 -0.72 0.19
C ARG A 65 8.74 -1.98 0.15
N LYS A 66 8.42 -2.93 1.01
CA LYS A 66 9.18 -4.18 1.07
C LYS A 66 9.35 -4.78 -0.31
N LEU A 67 8.31 -4.68 -1.13
CA LEU A 67 8.35 -5.21 -2.49
C LEU A 67 9.33 -4.42 -3.36
N ARG A 68 9.36 -3.11 -3.15
CA ARG A 68 10.25 -2.23 -3.91
C ARG A 68 11.70 -2.43 -3.47
N ASP A 69 11.90 -2.60 -2.18
CA ASP A 69 13.24 -2.79 -1.64
C ASP A 69 13.94 -3.97 -2.29
N SER A 70 13.20 -5.06 -2.47
CA SER A 70 13.74 -6.27 -3.07
C SER A 70 14.87 -6.84 -2.23
N MET A 71 14.68 -6.85 -0.92
CA MET A 71 15.69 -7.37 0.00
C MET A 71 17.01 -6.64 -0.17
N GLU A 72 16.93 -5.31 -0.26
CA GLU A 72 18.13 -4.49 -0.43
C GLU A 72 18.59 -3.93 0.92
N GLN A 73 19.83 -3.45 0.96
CA GLN A 73 20.40 -2.88 2.17
C GLN A 73 19.70 -1.58 2.55
N ALA A 74 18.88 -1.63 3.59
CA ALA A 74 18.15 -0.45 4.05
C ALA A 74 17.78 -0.58 5.52
N VAL A 75 17.97 0.51 6.27
CA VAL A 75 17.65 0.52 7.69
C VAL A 75 16.16 0.47 7.93
N LEU A 76 15.74 -0.26 8.95
CA LEU A 76 14.32 -0.38 9.28
C LEU A 76 14.12 -0.52 10.79
N ASP A 77 12.91 -0.25 11.25
CA ASP A 77 12.59 -0.36 12.67
C ASP A 77 12.17 -1.79 13.02
N SER A 78 12.15 -2.08 14.32
CA SER A 78 11.77 -3.40 14.80
C SER A 78 10.40 -3.38 15.47
N MET A 79 9.64 -4.46 15.29
CA MET A 79 8.31 -4.55 15.88
C MET A 79 7.85 -6.01 15.93
N GLY A 80 6.98 -6.32 16.90
CA GLY A 80 6.48 -7.67 17.04
C GLY A 80 5.26 -7.75 17.93
N SER A 81 4.24 -8.46 17.47
CA SER A 81 3.00 -8.61 18.24
C SER A 81 2.44 -10.01 18.10
N GLY A 82 1.50 -10.36 18.97
CA GLY A 82 0.90 -11.68 18.93
C GLY A 82 -0.62 -11.62 19.03
N LYS A 83 -1.30 -12.02 17.96
CA LYS A 83 -2.75 -12.01 17.93
C LYS A 83 -3.29 -13.43 17.71
N SER A 84 -4.37 -13.75 18.43
CA SER A 84 -4.98 -15.08 18.33
C SER A 84 -6.50 -14.97 18.44
N GLY A 85 -7.18 -16.07 18.13
CA GLY A 85 -8.63 -16.09 18.21
C GLY A 85 -9.24 -17.22 17.41
N PRO A 86 -9.24 -17.08 16.08
CA PRO A 86 -9.80 -18.10 15.17
C PRO A 86 -8.96 -19.36 15.13
N SER A 87 -9.55 -20.45 14.66
CA SER A 87 -8.84 -21.73 14.57
C SER A 87 -7.91 -21.74 13.37
N SER A 88 -6.92 -22.65 13.41
CA SER A 88 -5.95 -22.77 12.33
C SER A 88 -5.22 -21.45 12.10
N GLY A 89 -4.86 -20.79 13.20
CA GLY A 89 -4.16 -19.52 13.10
C GLY A 89 -2.97 -19.45 14.05
N GLY A 1 -14.24 34.49 8.86
CA GLY A 1 -13.93 33.41 7.94
C GLY A 1 -14.90 32.25 8.04
N SER A 2 -14.46 31.08 7.61
CA SER A 2 -15.31 29.89 7.64
C SER A 2 -15.36 29.30 9.05
N SER A 3 -16.56 29.00 9.52
CA SER A 3 -16.74 28.43 10.86
C SER A 3 -17.28 27.01 10.77
N GLY A 4 -16.62 26.10 11.48
CA GLY A 4 -17.04 24.71 11.49
C GLY A 4 -16.45 23.91 12.63
N SER A 5 -17.29 23.16 13.32
CA SER A 5 -16.83 22.35 14.45
C SER A 5 -17.00 20.87 14.16
N SER A 6 -16.17 20.05 14.81
CA SER A 6 -16.22 18.60 14.61
C SER A 6 -16.71 17.91 15.88
N GLY A 7 -17.57 16.91 15.69
CA GLY A 7 -18.11 16.17 16.83
C GLY A 7 -19.16 15.17 16.42
N ALA A 8 -18.75 13.92 16.23
CA ALA A 8 -19.67 12.86 15.83
C ALA A 8 -19.80 11.80 16.93
N TYR A 9 -20.80 10.94 16.80
CA TYR A 9 -21.03 9.89 17.79
C TYR A 9 -20.45 8.56 17.31
N PRO A 10 -19.84 7.80 18.23
CA PRO A 10 -19.24 6.51 17.92
C PRO A 10 -20.28 5.44 17.61
N ASP A 11 -20.01 4.63 16.60
CA ASP A 11 -20.93 3.56 16.20
C ASP A 11 -20.45 2.21 16.72
N PHE A 12 -21.31 1.54 17.48
CA PHE A 12 -20.97 0.24 18.04
C PHE A 12 -21.10 -0.86 16.99
N ALA A 13 -19.98 -1.53 16.70
CA ALA A 13 -19.97 -2.60 15.71
C ALA A 13 -18.95 -3.68 16.08
N PRO A 14 -19.19 -4.91 15.61
CA PRO A 14 -18.30 -6.04 15.86
C PRO A 14 -16.97 -5.91 15.13
N GLN A 15 -16.15 -6.95 15.22
CA GLN A 15 -14.84 -6.96 14.56
C GLN A 15 -14.75 -8.09 13.55
N LYS A 16 -14.47 -7.73 12.30
CA LYS A 16 -14.35 -8.72 11.23
C LYS A 16 -13.37 -8.25 10.17
N PHE A 17 -12.73 -9.21 9.50
CA PHE A 17 -11.76 -8.89 8.46
C PHE A 17 -12.44 -8.59 7.14
N LYS A 18 -11.88 -7.66 6.38
CA LYS A 18 -12.44 -7.26 5.09
C LYS A 18 -11.33 -6.95 4.09
N GLU A 19 -11.09 -7.88 3.17
CA GLU A 19 -10.06 -7.69 2.15
C GLU A 19 -10.35 -6.45 1.31
N LYS A 20 -9.31 -5.91 0.69
CA LYS A 20 -9.45 -4.72 -0.15
C LYS A 20 -9.91 -5.11 -1.55
N THR A 21 -10.44 -4.12 -2.28
CA THR A 21 -10.93 -4.35 -3.63
C THR A 21 -10.02 -3.68 -4.65
N GLN A 22 -10.21 -4.01 -5.93
CA GLN A 22 -9.42 -3.44 -7.00
C GLN A 22 -9.45 -1.91 -6.95
N GLY A 23 -10.65 -1.36 -6.88
CA GLY A 23 -10.78 0.09 -6.82
C GLY A 23 -9.91 0.71 -5.75
N GLN A 24 -10.10 0.29 -4.50
CA GLN A 24 -9.33 0.81 -3.39
C GLN A 24 -7.84 0.75 -3.69
N VAL A 25 -7.33 -0.45 -3.90
CA VAL A 25 -5.91 -0.65 -4.20
C VAL A 25 -5.45 0.31 -5.30
N LYS A 26 -6.25 0.42 -6.36
CA LYS A 26 -5.92 1.29 -7.48
C LYS A 26 -5.65 2.72 -6.99
N ILE A 27 -6.48 3.19 -6.06
CA ILE A 27 -6.32 4.54 -5.53
C ILE A 27 -4.99 4.68 -4.81
N LEU A 28 -4.60 3.65 -4.05
CA LEU A 28 -3.34 3.66 -3.31
C LEU A 28 -2.15 3.55 -4.27
N GLU A 29 -2.13 2.47 -5.04
CA GLU A 29 -1.04 2.25 -5.99
C GLU A 29 -0.71 3.53 -6.74
N ASP A 30 -1.73 4.18 -7.29
CA ASP A 30 -1.54 5.42 -8.04
C ASP A 30 -0.70 6.41 -7.24
N SER A 31 -0.99 6.53 -5.95
CA SER A 31 -0.26 7.44 -5.08
C SER A 31 1.11 6.89 -4.75
N PHE A 32 1.15 5.68 -4.19
CA PHE A 32 2.41 5.05 -3.83
C PHE A 32 3.37 5.03 -5.01
N LEU A 33 3.00 4.34 -6.06
CA LEU A 33 3.82 4.25 -7.26
C LEU A 33 4.56 5.55 -7.52
N LYS A 34 3.86 6.67 -7.31
CA LYS A 34 4.44 7.99 -7.51
C LYS A 34 5.35 8.38 -6.35
N SER A 35 4.77 8.40 -5.16
CA SER A 35 5.52 8.76 -3.96
C SER A 35 5.22 7.80 -2.82
N SER A 36 6.23 7.04 -2.40
CA SER A 36 6.07 6.07 -1.31
C SER A 36 5.51 6.74 -0.07
N PHE A 37 6.04 7.92 0.25
CA PHE A 37 5.60 8.67 1.43
C PHE A 37 4.60 9.75 1.03
N PRO A 38 3.31 9.48 1.27
CA PRO A 38 2.23 10.42 0.94
C PRO A 38 2.24 11.65 1.85
N THR A 39 1.34 12.60 1.58
CA THR A 39 1.24 13.81 2.37
C THR A 39 -0.13 13.94 3.02
N GLN A 40 -0.21 14.77 4.06
CA GLN A 40 -1.47 14.99 4.76
C GLN A 40 -2.62 15.20 3.78
N ALA A 41 -2.34 15.94 2.72
CA ALA A 41 -3.35 16.22 1.70
C ALA A 41 -3.74 14.95 0.94
N GLU A 42 -2.74 14.21 0.50
CA GLU A 42 -2.96 12.96 -0.23
C GLU A 42 -3.70 11.95 0.63
N LEU A 43 -3.03 11.50 1.70
CA LEU A 43 -3.61 10.53 2.62
C LEU A 43 -5.09 10.82 2.86
N ASP A 44 -5.37 12.03 3.32
CA ASP A 44 -6.74 12.44 3.60
C ASP A 44 -7.69 11.95 2.51
N ARG A 45 -7.25 12.06 1.26
CA ARG A 45 -8.06 11.63 0.13
C ARG A 45 -8.03 10.11 -0.03
N LEU A 46 -6.85 9.53 0.19
CA LEU A 46 -6.69 8.08 0.08
C LEU A 46 -7.62 7.36 1.04
N ARG A 47 -7.60 7.76 2.30
CA ARG A 47 -8.44 7.14 3.32
C ARG A 47 -9.91 7.20 2.91
N VAL A 48 -10.45 8.41 2.84
CA VAL A 48 -11.84 8.60 2.45
C VAL A 48 -12.17 7.88 1.15
N GLU A 49 -11.33 8.11 0.13
CA GLU A 49 -11.52 7.49 -1.16
C GLU A 49 -11.63 5.97 -1.03
N THR A 50 -10.54 5.34 -0.57
CA THR A 50 -10.50 3.90 -0.40
C THR A 50 -11.36 3.47 0.79
N LYS A 51 -11.87 4.44 1.52
CA LYS A 51 -12.71 4.17 2.69
C LYS A 51 -11.93 3.38 3.74
N LEU A 52 -10.70 3.82 4.01
CA LEU A 52 -9.86 3.15 5.00
C LEU A 52 -9.28 4.16 5.98
N SER A 53 -8.67 3.65 7.05
CA SER A 53 -8.07 4.51 8.07
C SER A 53 -6.55 4.58 7.89
N ARG A 54 -5.93 5.53 8.58
CA ARG A 54 -4.49 5.71 8.50
C ARG A 54 -3.77 4.38 8.58
N ARG A 55 -4.12 3.58 9.59
CA ARG A 55 -3.51 2.28 9.79
C ARG A 55 -3.64 1.41 8.53
N GLU A 56 -4.88 1.14 8.14
CA GLU A 56 -5.14 0.33 6.96
C GLU A 56 -4.09 0.59 5.88
N ILE A 57 -4.07 1.82 5.37
CA ILE A 57 -3.11 2.20 4.34
C ILE A 57 -1.68 2.00 4.82
N ASP A 58 -1.33 2.66 5.91
CA ASP A 58 0.01 2.57 6.47
C ASP A 58 0.56 1.14 6.33
N SER A 59 -0.33 0.17 6.49
CA SER A 59 0.06 -1.24 6.39
C SER A 59 0.35 -1.61 4.93
N TRP A 60 -0.50 -1.17 4.02
CA TRP A 60 -0.34 -1.46 2.61
C TRP A 60 0.89 -0.75 2.05
N PHE A 61 1.14 0.46 2.54
CA PHE A 61 2.28 1.24 2.09
C PHE A 61 3.59 0.65 2.59
N SER A 62 3.64 0.34 3.89
CA SER A 62 4.83 -0.23 4.49
C SER A 62 5.23 -1.52 3.79
N GLU A 63 4.28 -2.45 3.70
CA GLU A 63 4.53 -3.73 3.05
C GLU A 63 4.98 -3.53 1.60
N ARG A 64 4.45 -2.49 0.96
CA ARG A 64 4.80 -2.20 -0.42
C ARG A 64 6.24 -1.73 -0.53
N ARG A 65 6.72 -1.06 0.52
CA ARG A 65 8.10 -0.56 0.54
C ARG A 65 9.10 -1.70 0.60
N LYS A 66 8.71 -2.78 1.26
CA LYS A 66 9.57 -3.95 1.40
C LYS A 66 9.31 -4.96 0.29
N LEU A 67 8.10 -4.94 -0.25
CA LEU A 67 7.72 -5.85 -1.33
C LEU A 67 8.15 -5.29 -2.68
N ARG A 68 7.53 -4.19 -3.10
CA ARG A 68 7.86 -3.56 -4.37
C ARG A 68 9.36 -3.53 -4.60
N ASP A 69 10.11 -3.18 -3.56
CA ASP A 69 11.56 -3.11 -3.64
C ASP A 69 12.17 -4.51 -3.77
N SER A 70 11.62 -5.45 -3.01
CA SER A 70 12.11 -6.83 -3.03
C SER A 70 11.59 -7.56 -4.26
N MET A 71 12.23 -8.68 -4.59
CA MET A 71 11.83 -9.48 -5.73
C MET A 71 11.90 -8.66 -7.02
N GLU A 72 12.95 -7.84 -7.14
CA GLU A 72 13.13 -7.00 -8.32
C GLU A 72 14.05 -7.69 -9.32
N GLN A 73 13.73 -7.53 -10.61
CA GLN A 73 14.52 -8.14 -11.68
C GLN A 73 16.01 -8.00 -11.39
N ALA A 74 16.44 -6.78 -11.07
CA ALA A 74 17.84 -6.52 -10.78
C ALA A 74 18.04 -6.23 -9.29
N VAL A 75 19.02 -6.91 -8.69
CA VAL A 75 19.31 -6.73 -7.27
C VAL A 75 20.15 -5.47 -7.04
N LEU A 76 19.60 -4.53 -6.28
CA LEU A 76 20.29 -3.30 -5.98
C LEU A 76 21.44 -3.53 -5.01
N ASP A 77 22.42 -2.63 -5.04
CA ASP A 77 23.58 -2.74 -4.15
C ASP A 77 23.22 -2.31 -2.73
N SER A 78 24.08 -2.69 -1.78
CA SER A 78 23.85 -2.35 -0.39
C SER A 78 24.69 -1.13 0.03
N MET A 79 24.51 -0.69 1.28
CA MET A 79 25.25 0.46 1.79
C MET A 79 26.74 0.14 1.90
N GLY A 80 27.54 1.18 2.13
CA GLY A 80 28.97 0.99 2.26
C GLY A 80 29.77 2.18 1.74
N SER A 81 29.52 3.34 2.31
CA SER A 81 30.21 4.56 1.91
C SER A 81 31.05 5.12 3.04
N GLY A 82 31.92 6.07 2.72
CA GLY A 82 32.77 6.67 3.73
C GLY A 82 31.99 7.21 4.90
N LYS A 83 32.55 7.08 6.10
CA LYS A 83 31.88 7.56 7.32
C LYS A 83 32.90 8.11 8.31
N SER A 84 32.48 9.08 9.10
CA SER A 84 33.36 9.68 10.09
C SER A 84 33.39 8.86 11.37
N GLY A 85 34.53 8.86 12.05
CA GLY A 85 34.67 8.11 13.28
C GLY A 85 34.21 8.89 14.50
N PRO A 86 33.61 8.18 15.47
CA PRO A 86 33.11 8.79 16.71
C PRO A 86 34.24 9.27 17.61
N SER A 87 34.07 10.47 18.18
CA SER A 87 35.07 11.04 19.07
C SER A 87 35.11 10.30 20.40
N SER A 88 33.93 10.10 20.99
CA SER A 88 33.83 9.42 22.27
C SER A 88 33.35 7.98 22.07
N GLY A 89 33.68 7.12 23.04
CA GLY A 89 33.27 5.73 22.96
C GLY A 89 33.63 4.95 24.22
N GLY A 1 -20.05 19.29 21.27
CA GLY A 1 -19.64 17.92 21.51
C GLY A 1 -18.24 17.64 20.98
N SER A 2 -17.55 16.68 21.61
CA SER A 2 -16.20 16.33 21.21
C SER A 2 -15.84 14.94 21.73
N SER A 3 -14.89 14.30 21.05
CA SER A 3 -14.44 12.96 21.44
C SER A 3 -13.13 12.60 20.76
N GLY A 4 -12.47 11.56 21.26
CA GLY A 4 -11.21 11.14 20.68
C GLY A 4 -10.25 10.57 21.73
N SER A 5 -10.19 9.26 21.82
CA SER A 5 -9.32 8.59 22.78
C SER A 5 -8.21 7.83 22.07
N SER A 6 -7.09 7.63 22.78
CA SER A 6 -5.96 6.91 22.22
C SER A 6 -5.21 6.15 23.31
N GLY A 7 -5.12 4.83 23.13
CA GLY A 7 -4.43 4.00 24.10
C GLY A 7 -3.25 3.24 23.49
N ALA A 8 -2.15 3.19 24.23
CA ALA A 8 -0.96 2.50 23.76
C ALA A 8 -0.42 1.54 24.82
N TYR A 9 0.25 0.49 24.38
CA TYR A 9 0.81 -0.51 25.29
C TYR A 9 2.26 -0.82 24.93
N PRO A 10 3.02 -1.31 25.92
CA PRO A 10 4.43 -1.66 25.72
C PRO A 10 4.60 -2.90 24.85
N ASP A 11 3.49 -3.44 24.37
CA ASP A 11 3.52 -4.62 23.51
C ASP A 11 2.82 -4.35 22.18
N PHE A 12 3.34 -4.95 21.12
CA PHE A 12 2.77 -4.77 19.79
C PHE A 12 2.01 -6.02 19.34
N ALA A 13 0.89 -5.82 18.67
CA ALA A 13 0.07 -6.93 18.20
C ALA A 13 0.65 -7.52 16.91
N PRO A 14 0.17 -8.72 16.55
CA PRO A 14 0.62 -9.41 15.33
C PRO A 14 0.15 -8.73 14.06
N GLN A 15 0.68 -9.16 12.92
CA GLN A 15 0.32 -8.58 11.63
C GLN A 15 -1.07 -9.05 11.21
N LYS A 16 -1.67 -8.34 10.25
CA LYS A 16 -2.99 -8.69 9.75
C LYS A 16 -3.10 -8.43 8.25
N PHE A 17 -3.06 -9.49 7.46
CA PHE A 17 -3.15 -9.36 6.01
C PHE A 17 -4.61 -9.39 5.56
N LYS A 18 -4.93 -8.57 4.56
CA LYS A 18 -6.29 -8.50 4.04
C LYS A 18 -6.27 -8.27 2.53
N GLU A 19 -7.43 -8.43 1.89
CA GLU A 19 -7.55 -8.24 0.46
C GLU A 19 -8.48 -7.07 0.13
N LYS A 20 -7.95 -6.06 -0.54
CA LYS A 20 -8.73 -4.88 -0.91
C LYS A 20 -9.30 -5.03 -2.31
N THR A 21 -10.38 -4.31 -2.60
CA THR A 21 -11.03 -4.36 -3.90
C THR A 21 -10.17 -3.67 -4.96
N GLN A 22 -10.40 -4.03 -6.22
CA GLN A 22 -9.65 -3.44 -7.32
C GLN A 22 -9.59 -1.93 -7.20
N GLY A 23 -10.74 -1.31 -6.93
CA GLY A 23 -10.80 0.12 -6.79
C GLY A 23 -9.87 0.64 -5.71
N GLN A 24 -10.19 0.34 -4.46
CA GLN A 24 -9.37 0.78 -3.33
C GLN A 24 -7.89 0.67 -3.65
N VAL A 25 -7.47 -0.52 -4.11
CA VAL A 25 -6.08 -0.76 -4.46
C VAL A 25 -5.60 0.23 -5.52
N LYS A 26 -6.46 0.48 -6.50
CA LYS A 26 -6.12 1.41 -7.57
C LYS A 26 -5.80 2.80 -7.02
N ILE A 27 -6.57 3.23 -6.03
CA ILE A 27 -6.37 4.54 -5.41
C ILE A 27 -5.03 4.60 -4.69
N LEU A 28 -4.64 3.49 -4.07
CA LEU A 28 -3.37 3.43 -3.35
C LEU A 28 -2.20 3.32 -4.32
N GLU A 29 -2.22 2.28 -5.14
CA GLU A 29 -1.16 2.05 -6.12
C GLU A 29 -0.71 3.38 -6.75
N ASP A 30 -1.68 4.12 -7.28
CA ASP A 30 -1.39 5.41 -7.91
C ASP A 30 -0.65 6.33 -6.95
N SER A 31 -1.10 6.34 -5.69
CA SER A 31 -0.48 7.19 -4.68
C SER A 31 0.94 6.73 -4.36
N PHE A 32 1.15 5.42 -4.43
CA PHE A 32 2.47 4.85 -4.15
C PHE A 32 3.39 5.02 -5.35
N LEU A 33 3.07 4.33 -6.44
CA LEU A 33 3.87 4.40 -7.66
C LEU A 33 4.33 5.83 -7.93
N LYS A 34 3.47 6.79 -7.58
CA LYS A 34 3.78 8.20 -7.78
C LYS A 34 4.63 8.75 -6.63
N SER A 35 4.33 8.28 -5.42
CA SER A 35 5.07 8.72 -4.24
C SER A 35 4.94 7.69 -3.11
N SER A 36 6.03 6.96 -2.87
CA SER A 36 6.04 5.94 -1.83
C SER A 36 5.47 6.49 -0.53
N PHE A 37 5.91 7.69 -0.16
CA PHE A 37 5.45 8.33 1.06
C PHE A 37 4.46 9.44 0.76
N PRO A 38 3.16 9.15 0.94
CA PRO A 38 2.09 10.13 0.69
C PRO A 38 2.08 11.26 1.71
N THR A 39 1.67 12.44 1.26
CA THR A 39 1.61 13.61 2.14
C THR A 39 0.28 13.71 2.85
N GLN A 40 0.26 14.41 3.98
CA GLN A 40 -0.97 14.57 4.76
C GLN A 40 -2.15 14.88 3.85
N ALA A 41 -1.95 15.79 2.91
CA ALA A 41 -3.00 16.18 1.98
C ALA A 41 -3.50 14.97 1.19
N GLU A 42 -2.57 14.23 0.61
CA GLU A 42 -2.92 13.05 -0.17
C GLU A 42 -3.64 12.01 0.69
N LEU A 43 -2.95 11.50 1.70
CA LEU A 43 -3.51 10.50 2.60
C LEU A 43 -4.97 10.84 2.91
N ASP A 44 -5.20 12.01 3.48
CA ASP A 44 -6.54 12.45 3.82
C ASP A 44 -7.53 12.06 2.74
N ARG A 45 -7.13 12.22 1.48
CA ARG A 45 -7.98 11.89 0.35
C ARG A 45 -8.01 10.39 0.11
N LEU A 46 -6.90 9.73 0.38
CA LEU A 46 -6.79 8.28 0.19
C LEU A 46 -7.73 7.54 1.13
N ARG A 47 -7.69 7.90 2.42
CA ARG A 47 -8.55 7.27 3.41
C ARG A 47 -10.01 7.36 3.00
N VAL A 48 -10.52 8.58 2.87
CA VAL A 48 -11.91 8.79 2.48
C VAL A 48 -12.23 8.07 1.17
N GLU A 49 -11.37 8.26 0.18
CA GLU A 49 -11.57 7.62 -1.12
C GLU A 49 -11.70 6.11 -0.99
N THR A 50 -10.64 5.47 -0.51
CA THR A 50 -10.64 4.02 -0.33
C THR A 50 -11.49 3.62 0.87
N LYS A 51 -11.97 4.62 1.60
CA LYS A 51 -12.80 4.36 2.77
C LYS A 51 -12.04 3.58 3.82
N LEU A 52 -10.79 3.96 4.06
CA LEU A 52 -9.95 3.30 5.05
C LEU A 52 -9.46 4.28 6.11
N SER A 53 -8.86 3.75 7.17
CA SER A 53 -8.35 4.59 8.26
C SER A 53 -6.85 4.85 8.07
N ARG A 54 -6.32 5.76 8.87
CA ARG A 54 -4.90 6.11 8.80
C ARG A 54 -4.04 4.84 8.87
N ARG A 55 -4.31 3.99 9.85
CA ARG A 55 -3.57 2.76 10.04
C ARG A 55 -3.70 1.85 8.81
N GLU A 56 -4.94 1.62 8.40
CA GLU A 56 -5.21 0.77 7.24
C GLU A 56 -4.17 1.02 6.14
N ILE A 57 -4.09 2.26 5.68
CA ILE A 57 -3.14 2.62 4.63
C ILE A 57 -1.70 2.44 5.10
N ASP A 58 -1.40 2.96 6.28
CA ASP A 58 -0.06 2.85 6.85
C ASP A 58 0.46 1.42 6.74
N SER A 59 -0.42 0.46 6.97
CA SER A 59 -0.05 -0.95 6.91
C SER A 59 0.22 -1.38 5.47
N TRP A 60 -0.70 -1.03 4.58
CA TRP A 60 -0.55 -1.37 3.17
C TRP A 60 0.80 -0.94 2.64
N PHE A 61 1.09 0.34 2.74
CA PHE A 61 2.36 0.89 2.26
C PHE A 61 3.54 0.23 2.98
N SER A 62 3.42 0.09 4.29
CA SER A 62 4.48 -0.52 5.09
C SER A 62 5.00 -1.79 4.41
N GLU A 63 4.08 -2.67 4.02
CA GLU A 63 4.45 -3.91 3.37
C GLU A 63 4.76 -3.68 1.89
N ARG A 64 3.90 -2.93 1.22
CA ARG A 64 4.08 -2.63 -0.19
C ARG A 64 5.51 -2.19 -0.48
N ARG A 65 6.07 -1.39 0.43
CA ARG A 65 7.43 -0.90 0.27
C ARG A 65 8.42 -2.05 0.15
N LYS A 66 8.33 -3.00 1.07
CA LYS A 66 9.21 -4.16 1.06
C LYS A 66 9.33 -4.74 -0.34
N LEU A 67 8.21 -4.80 -1.05
CA LEU A 67 8.20 -5.33 -2.41
C LEU A 67 9.09 -4.51 -3.33
N ARG A 68 8.82 -3.21 -3.42
CA ARG A 68 9.59 -2.32 -4.26
C ARG A 68 11.09 -2.55 -4.05
N ASP A 69 11.53 -2.48 -2.80
CA ASP A 69 12.93 -2.68 -2.47
C ASP A 69 13.40 -4.07 -2.89
N SER A 70 12.62 -5.09 -2.54
CA SER A 70 12.95 -6.46 -2.87
C SER A 70 12.94 -6.68 -4.39
N MET A 71 13.51 -7.79 -4.82
CA MET A 71 13.56 -8.11 -6.25
C MET A 71 14.35 -7.06 -7.01
N GLU A 72 15.46 -6.62 -6.42
CA GLU A 72 16.31 -5.61 -7.05
C GLU A 72 17.04 -6.18 -8.27
N GLN A 73 17.67 -5.30 -9.04
CA GLN A 73 18.40 -5.72 -10.23
C GLN A 73 19.76 -6.30 -9.85
N ALA A 74 19.94 -7.59 -10.10
CA ALA A 74 21.20 -8.26 -9.79
C ALA A 74 22.19 -8.12 -10.93
N VAL A 75 21.73 -8.41 -12.15
CA VAL A 75 22.59 -8.33 -13.33
C VAL A 75 22.76 -6.87 -13.76
N LEU A 76 23.96 -6.55 -14.22
CA LEU A 76 24.26 -5.20 -14.68
C LEU A 76 24.97 -5.22 -16.03
N ASP A 77 24.33 -4.64 -17.03
CA ASP A 77 24.89 -4.59 -18.38
C ASP A 77 26.29 -3.97 -18.35
N SER A 78 27.22 -4.61 -19.06
CA SER A 78 28.60 -4.13 -19.12
C SER A 78 28.80 -3.18 -20.29
N MET A 79 28.42 -3.63 -21.48
CA MET A 79 28.56 -2.83 -22.69
C MET A 79 30.03 -2.49 -22.96
N GLY A 80 30.89 -3.48 -22.77
CA GLY A 80 32.32 -3.26 -23.00
C GLY A 80 32.81 -3.94 -24.26
N SER A 81 34.08 -4.31 -24.27
CA SER A 81 34.68 -4.97 -25.43
C SER A 81 33.99 -6.29 -25.72
N GLY A 82 33.77 -6.57 -27.00
CA GLY A 82 33.11 -7.81 -27.40
C GLY A 82 31.63 -7.61 -27.68
N LYS A 83 30.93 -8.72 -27.89
CA LYS A 83 29.50 -8.67 -28.18
C LYS A 83 28.69 -9.02 -26.94
N SER A 84 27.47 -8.49 -26.87
CA SER A 84 26.60 -8.74 -25.73
C SER A 84 25.13 -8.72 -26.16
N GLY A 85 24.32 -9.55 -25.51
CA GLY A 85 22.90 -9.61 -25.84
C GLY A 85 22.02 -9.37 -24.63
N PRO A 86 21.64 -8.10 -24.42
CA PRO A 86 20.79 -7.70 -23.30
C PRO A 86 19.36 -8.20 -23.45
N SER A 87 18.76 -8.63 -22.35
CA SER A 87 17.39 -9.14 -22.36
C SER A 87 16.42 -8.08 -21.84
N SER A 88 15.50 -7.67 -22.69
CA SER A 88 14.51 -6.66 -22.32
C SER A 88 13.33 -7.30 -21.59
N GLY A 89 12.71 -8.29 -22.23
CA GLY A 89 11.58 -8.97 -21.65
C GLY A 89 10.63 -9.54 -22.68
N GLY A 1 -40.67 20.87 -3.40
CA GLY A 1 -41.28 19.60 -3.07
C GLY A 1 -40.78 19.05 -1.75
N SER A 2 -41.44 18.01 -1.26
CA SER A 2 -41.07 17.40 0.01
C SER A 2 -40.86 15.89 -0.16
N SER A 3 -39.75 15.39 0.38
CA SER A 3 -39.44 13.97 0.30
C SER A 3 -38.92 13.44 1.63
N GLY A 4 -39.20 12.18 1.91
CA GLY A 4 -38.76 11.57 3.15
C GLY A 4 -37.25 11.64 3.32
N SER A 5 -36.81 11.94 4.55
CA SER A 5 -35.39 12.04 4.84
C SER A 5 -35.03 11.28 6.12
N SER A 6 -33.99 10.47 6.04
CA SER A 6 -33.55 9.67 7.18
C SER A 6 -32.37 10.35 7.89
N GLY A 7 -31.97 9.78 9.03
CA GLY A 7 -30.87 10.34 9.78
C GLY A 7 -30.70 9.68 11.14
N ALA A 8 -29.74 8.76 11.23
CA ALA A 8 -29.48 8.04 12.47
C ALA A 8 -27.99 8.05 12.81
N TYR A 9 -27.65 7.58 14.00
CA TYR A 9 -26.26 7.54 14.44
C TYR A 9 -25.85 6.11 14.81
N PRO A 10 -24.87 5.56 14.08
CA PRO A 10 -24.37 4.22 14.31
C PRO A 10 -23.58 4.10 15.62
N ASP A 11 -23.00 2.94 15.85
CA ASP A 11 -22.22 2.70 17.06
C ASP A 11 -20.78 2.35 16.71
N PHE A 12 -19.94 2.21 17.75
CA PHE A 12 -18.54 1.87 17.55
C PHE A 12 -18.32 0.36 17.63
N ALA A 13 -17.90 -0.22 16.52
CA ALA A 13 -17.66 -1.66 16.45
C ALA A 13 -16.39 -1.97 15.65
N PRO A 14 -15.65 -3.00 16.10
CA PRO A 14 -14.40 -3.41 15.46
C PRO A 14 -14.64 -4.05 14.08
N GLN A 15 -13.56 -4.43 13.41
CA GLN A 15 -13.66 -5.05 12.10
C GLN A 15 -12.58 -6.10 11.91
N LYS A 16 -12.66 -6.83 10.81
CA LYS A 16 -11.68 -7.87 10.51
C LYS A 16 -10.64 -7.39 9.50
N PHE A 17 -9.52 -8.09 9.42
CA PHE A 17 -8.46 -7.73 8.49
C PHE A 17 -8.57 -8.52 7.19
N LYS A 18 -8.52 -7.80 6.07
CA LYS A 18 -8.61 -8.43 4.76
C LYS A 18 -8.05 -7.52 3.67
N GLU A 19 -7.94 -8.05 2.46
CA GLU A 19 -7.42 -7.28 1.33
C GLU A 19 -8.40 -6.19 0.91
N LYS A 20 -7.93 -5.24 0.13
CA LYS A 20 -8.76 -4.14 -0.35
C LYS A 20 -9.34 -4.46 -1.72
N THR A 21 -10.48 -3.83 -2.04
CA THR A 21 -11.14 -4.05 -3.32
C THR A 21 -10.34 -3.42 -4.45
N GLN A 22 -10.36 -4.06 -5.62
CA GLN A 22 -9.63 -3.57 -6.78
C GLN A 22 -9.68 -2.05 -6.84
N GLY A 23 -10.88 -1.49 -6.82
CA GLY A 23 -11.04 -0.06 -6.86
C GLY A 23 -10.19 0.66 -5.83
N GLN A 24 -10.30 0.21 -4.58
CA GLN A 24 -9.54 0.80 -3.48
C GLN A 24 -8.03 0.71 -3.75
N VAL A 25 -7.54 -0.51 -3.91
CA VAL A 25 -6.12 -0.74 -4.18
C VAL A 25 -5.63 0.17 -5.29
N LYS A 26 -6.43 0.32 -6.34
CA LYS A 26 -6.07 1.16 -7.47
C LYS A 26 -5.82 2.60 -7.02
N ILE A 27 -6.62 3.07 -6.08
CA ILE A 27 -6.49 4.43 -5.56
C ILE A 27 -5.18 4.59 -4.81
N LEU A 28 -4.76 3.54 -4.12
CA LEU A 28 -3.51 3.56 -3.35
C LEU A 28 -2.30 3.43 -4.27
N GLU A 29 -2.34 2.42 -5.13
CA GLU A 29 -1.24 2.20 -6.07
C GLU A 29 -0.91 3.46 -6.84
N ASP A 30 -1.94 4.14 -7.33
CA ASP A 30 -1.76 5.37 -8.09
C ASP A 30 -0.92 6.38 -7.31
N SER A 31 -1.18 6.47 -6.01
CA SER A 31 -0.44 7.39 -5.16
C SER A 31 0.95 6.86 -4.84
N PHE A 32 1.00 5.66 -4.26
CA PHE A 32 2.27 5.04 -3.90
C PHE A 32 3.23 5.04 -5.09
N LEU A 33 2.86 4.33 -6.15
CA LEU A 33 3.67 4.25 -7.34
C LEU A 33 4.41 5.57 -7.60
N LYS A 34 3.73 6.68 -7.32
CA LYS A 34 4.32 7.99 -7.51
C LYS A 34 5.27 8.33 -6.37
N SER A 35 4.77 8.26 -5.14
CA SER A 35 5.58 8.56 -3.96
C SER A 35 5.26 7.60 -2.82
N SER A 36 6.22 6.74 -2.50
CA SER A 36 6.04 5.76 -1.43
C SER A 36 5.47 6.42 -0.18
N PHE A 37 6.03 7.56 0.19
CA PHE A 37 5.58 8.30 1.37
C PHE A 37 4.70 9.47 0.97
N PRO A 38 3.37 9.30 1.12
CA PRO A 38 2.39 10.34 0.78
C PRO A 38 2.44 11.51 1.74
N THR A 39 1.57 12.49 1.51
CA THR A 39 1.52 13.68 2.36
C THR A 39 0.19 13.77 3.09
N GLN A 40 0.15 14.60 4.14
CA GLN A 40 -1.07 14.77 4.92
C GLN A 40 -2.28 14.95 4.01
N ALA A 41 -2.14 15.81 3.01
CA ALA A 41 -3.22 16.07 2.05
C ALA A 41 -3.57 14.80 1.28
N GLU A 42 -2.58 14.24 0.59
CA GLU A 42 -2.79 13.03 -0.20
C GLU A 42 -3.54 11.97 0.61
N LEU A 43 -2.86 11.45 1.64
CA LEU A 43 -3.46 10.42 2.49
C LEU A 43 -4.94 10.72 2.74
N ASP A 44 -5.22 11.88 3.32
CA ASP A 44 -6.58 12.28 3.61
C ASP A 44 -7.53 11.87 2.49
N ARG A 45 -7.07 12.04 1.25
CA ARG A 45 -7.87 11.69 0.08
C ARG A 45 -7.89 10.19 -0.13
N LEU A 46 -6.77 9.54 0.18
CA LEU A 46 -6.66 8.08 0.02
C LEU A 46 -7.61 7.36 0.97
N ARG A 47 -7.61 7.78 2.23
CA ARG A 47 -8.47 7.16 3.24
C ARG A 47 -9.93 7.30 2.85
N VAL A 48 -10.42 8.53 2.79
CA VAL A 48 -11.81 8.80 2.43
C VAL A 48 -12.18 8.10 1.12
N GLU A 49 -11.36 8.30 0.09
CA GLU A 49 -11.60 7.69 -1.22
C GLU A 49 -11.79 6.19 -1.08
N THR A 50 -10.73 5.51 -0.65
CA THR A 50 -10.77 4.06 -0.48
C THR A 50 -11.63 3.67 0.72
N LYS A 51 -12.05 4.67 1.49
CA LYS A 51 -12.87 4.43 2.66
C LYS A 51 -12.13 3.60 3.71
N LEU A 52 -10.87 3.96 3.94
CA LEU A 52 -10.04 3.25 4.91
C LEU A 52 -9.43 4.22 5.92
N SER A 53 -8.96 3.67 7.04
CA SER A 53 -8.35 4.49 8.08
C SER A 53 -6.85 4.62 7.86
N ARG A 54 -6.21 5.49 8.64
CA ARG A 54 -4.78 5.71 8.52
C ARG A 54 -4.01 4.39 8.61
N ARG A 55 -4.37 3.57 9.60
CA ARG A 55 -3.73 2.29 9.81
C ARG A 55 -3.89 1.40 8.56
N GLU A 56 -5.14 1.13 8.20
CA GLU A 56 -5.43 0.30 7.04
C GLU A 56 -4.41 0.54 5.92
N ILE A 57 -4.24 1.81 5.55
CA ILE A 57 -3.30 2.18 4.50
C ILE A 57 -1.86 2.00 4.97
N ASP A 58 -1.54 2.57 6.12
CA ASP A 58 -0.20 2.48 6.68
C ASP A 58 0.39 1.09 6.45
N SER A 59 -0.43 0.07 6.70
CA SER A 59 0.01 -1.31 6.52
C SER A 59 0.33 -1.61 5.06
N TRP A 60 -0.62 -1.33 4.18
CA TRP A 60 -0.43 -1.56 2.76
C TRP A 60 0.82 -0.86 2.25
N PHE A 61 0.99 0.41 2.64
CA PHE A 61 2.15 1.19 2.22
C PHE A 61 3.43 0.62 2.83
N SER A 62 3.46 0.53 4.15
CA SER A 62 4.63 0.01 4.86
C SER A 62 5.20 -1.21 4.15
N GLU A 63 4.32 -2.15 3.82
CA GLU A 63 4.74 -3.37 3.13
C GLU A 63 5.17 -3.07 1.70
N ARG A 64 4.30 -2.39 0.95
CA ARG A 64 4.59 -2.03 -0.43
C ARG A 64 6.07 -1.69 -0.61
N ARG A 65 6.56 -0.81 0.25
CA ARG A 65 7.96 -0.38 0.19
C ARG A 65 8.87 -1.55 -0.15
N LYS A 66 8.66 -2.69 0.53
CA LYS A 66 9.46 -3.88 0.30
C LYS A 66 9.20 -4.44 -1.10
N LEU A 67 7.93 -4.66 -1.41
CA LEU A 67 7.55 -5.19 -2.72
C LEU A 67 8.26 -4.45 -3.84
N ARG A 68 8.01 -3.15 -3.93
CA ARG A 68 8.63 -2.32 -4.95
C ARG A 68 10.15 -2.40 -4.89
N ASP A 69 10.68 -2.32 -3.67
CA ASP A 69 12.12 -2.40 -3.46
C ASP A 69 12.71 -3.65 -4.11
N SER A 70 12.06 -4.78 -3.87
CA SER A 70 12.51 -6.05 -4.43
C SER A 70 12.79 -5.93 -5.92
N MET A 71 11.80 -5.42 -6.66
CA MET A 71 11.94 -5.24 -8.10
C MET A 71 12.92 -4.12 -8.42
N GLU A 72 13.88 -4.41 -9.29
CA GLU A 72 14.89 -3.43 -9.68
C GLU A 72 14.40 -2.60 -10.87
N GLN A 73 15.20 -1.61 -11.26
CA GLN A 73 14.85 -0.75 -12.38
C GLN A 73 15.60 -1.15 -13.64
N ALA A 74 15.01 -0.85 -14.79
CA ALA A 74 15.63 -1.18 -16.07
C ALA A 74 16.54 -0.06 -16.56
N VAL A 75 17.56 -0.44 -17.34
CA VAL A 75 18.50 0.54 -17.87
C VAL A 75 18.26 0.80 -19.34
N LEU A 76 18.50 2.04 -19.77
CA LEU A 76 18.29 2.43 -21.16
C LEU A 76 19.47 1.98 -22.03
N ASP A 77 19.23 1.88 -23.33
CA ASP A 77 20.27 1.46 -24.26
C ASP A 77 21.50 2.35 -24.13
N SER A 78 22.57 1.80 -23.56
CA SER A 78 23.81 2.54 -23.37
C SER A 78 25.02 1.61 -23.45
N MET A 79 26.13 2.15 -23.96
CA MET A 79 27.35 1.36 -24.09
C MET A 79 28.03 1.18 -22.73
N GLY A 80 27.91 -0.02 -22.18
CA GLY A 80 28.52 -0.30 -20.89
C GLY A 80 28.02 -1.59 -20.28
N SER A 81 27.30 -1.49 -19.17
CA SER A 81 26.77 -2.67 -18.49
C SER A 81 25.27 -2.52 -18.24
N GLY A 82 24.57 -3.64 -18.25
CA GLY A 82 23.13 -3.61 -18.00
C GLY A 82 22.36 -4.38 -19.07
N LYS A 83 21.26 -5.01 -18.66
CA LYS A 83 20.43 -5.78 -19.58
C LYS A 83 19.10 -5.08 -19.82
N SER A 84 18.51 -5.31 -20.99
CA SER A 84 17.24 -4.70 -21.35
C SER A 84 16.13 -5.74 -21.36
N GLY A 85 14.95 -5.36 -20.87
CA GLY A 85 13.82 -6.28 -20.85
C GLY A 85 12.49 -5.56 -20.92
N PRO A 86 12.25 -4.89 -22.06
CA PRO A 86 11.00 -4.13 -22.27
C PRO A 86 9.79 -5.05 -22.45
N SER A 87 9.00 -5.17 -21.39
CA SER A 87 7.81 -6.03 -21.43
C SER A 87 6.70 -5.39 -22.26
N SER A 88 5.97 -6.22 -23.00
CA SER A 88 4.89 -5.72 -23.84
C SER A 88 3.89 -4.90 -23.03
N GLY A 89 3.97 -5.02 -21.72
CA GLY A 89 3.08 -4.27 -20.84
C GLY A 89 2.02 -5.16 -20.21
N GLY A 1 -12.21 29.60 26.89
CA GLY A 1 -11.40 28.62 26.19
C GLY A 1 -12.22 27.77 25.23
N SER A 2 -12.20 28.15 23.96
CA SER A 2 -12.95 27.42 22.93
C SER A 2 -12.39 26.02 22.75
N SER A 3 -11.08 25.93 22.52
CA SER A 3 -10.42 24.65 22.32
C SER A 3 -9.94 24.07 23.65
N GLY A 4 -9.54 22.80 23.64
CA GLY A 4 -9.06 22.16 24.84
C GLY A 4 -7.94 21.17 24.57
N SER A 5 -7.34 20.65 25.63
CA SER A 5 -6.25 19.69 25.49
C SER A 5 -6.53 18.43 26.30
N SER A 6 -6.13 17.29 25.76
CA SER A 6 -6.35 16.00 26.42
C SER A 6 -5.43 14.94 25.85
N GLY A 7 -5.29 13.83 26.59
CA GLY A 7 -4.43 12.75 26.14
C GLY A 7 -5.03 11.39 26.40
N ALA A 8 -4.53 10.37 25.70
CA ALA A 8 -5.03 9.01 25.87
C ALA A 8 -3.92 7.99 25.63
N TYR A 9 -3.81 7.02 26.53
CA TYR A 9 -2.79 5.98 26.42
C TYR A 9 -3.24 4.88 25.47
N PRO A 10 -2.41 4.61 24.45
CA PRO A 10 -2.69 3.58 23.45
C PRO A 10 -2.61 2.17 24.04
N ASP A 11 -2.77 1.16 23.18
CA ASP A 11 -2.72 -0.22 23.60
C ASP A 11 -2.23 -1.12 22.47
N PHE A 12 -1.15 -1.84 22.72
CA PHE A 12 -0.58 -2.75 21.72
C PHE A 12 -1.62 -3.73 21.22
N ALA A 13 -1.83 -3.75 19.90
CA ALA A 13 -2.81 -4.65 19.30
C ALA A 13 -2.33 -5.14 17.93
N PRO A 14 -2.80 -6.33 17.54
CA PRO A 14 -2.43 -6.94 16.25
C PRO A 14 -3.03 -6.19 15.07
N GLN A 15 -2.70 -6.64 13.86
CA GLN A 15 -3.21 -6.02 12.65
C GLN A 15 -3.84 -7.06 11.73
N LYS A 16 -5.12 -6.86 11.41
CA LYS A 16 -5.84 -7.78 10.55
C LYS A 16 -5.87 -7.26 9.11
N PHE A 17 -6.11 -8.16 8.17
CA PHE A 17 -6.16 -7.79 6.75
C PHE A 17 -7.51 -8.17 6.14
N LYS A 18 -8.27 -7.16 5.73
CA LYS A 18 -9.58 -7.39 5.12
C LYS A 18 -9.45 -7.60 3.62
N GLU A 19 -10.55 -8.02 3.00
CA GLU A 19 -10.57 -8.25 1.56
C GLU A 19 -10.89 -6.97 0.80
N LYS A 20 -9.95 -6.51 -0.02
CA LYS A 20 -10.13 -5.29 -0.80
C LYS A 20 -10.28 -5.62 -2.28
N THR A 21 -10.67 -4.61 -3.06
CA THR A 21 -10.85 -4.80 -4.50
C THR A 21 -9.86 -3.94 -5.28
N GLN A 22 -9.75 -4.21 -6.59
CA GLN A 22 -8.85 -3.47 -7.45
C GLN A 22 -9.15 -1.97 -7.40
N GLY A 23 -10.42 -1.64 -7.18
CA GLY A 23 -10.82 -0.25 -7.11
C GLY A 23 -10.09 0.51 -6.02
N GLN A 24 -10.13 -0.01 -4.80
CA GLN A 24 -9.47 0.63 -3.68
C GLN A 24 -7.95 0.68 -3.89
N VAL A 25 -7.35 -0.49 -4.05
CA VAL A 25 -5.91 -0.58 -4.26
C VAL A 25 -5.46 0.35 -5.37
N LYS A 26 -6.25 0.40 -6.45
CA LYS A 26 -5.93 1.26 -7.59
C LYS A 26 -5.69 2.70 -7.14
N ILE A 27 -6.52 3.18 -6.22
CA ILE A 27 -6.39 4.54 -5.71
C ILE A 27 -5.07 4.72 -4.98
N LEU A 28 -4.69 3.74 -4.18
CA LEU A 28 -3.45 3.78 -3.42
C LEU A 28 -2.24 3.64 -4.35
N GLU A 29 -2.16 2.49 -5.02
CA GLU A 29 -1.05 2.23 -5.94
C GLU A 29 -0.68 3.48 -6.71
N ASP A 30 -1.68 4.26 -7.10
CA ASP A 30 -1.46 5.49 -7.85
C ASP A 30 -0.61 6.47 -7.05
N SER A 31 -0.95 6.63 -5.77
CA SER A 31 -0.22 7.53 -4.89
C SER A 31 1.15 6.96 -4.53
N PHE A 32 1.20 5.65 -4.33
CA PHE A 32 2.45 4.99 -3.98
C PHE A 32 3.38 4.90 -5.20
N LEU A 33 2.96 4.14 -6.20
CA LEU A 33 3.75 3.98 -7.41
C LEU A 33 4.33 5.32 -7.88
N LYS A 34 3.56 6.38 -7.66
CA LYS A 34 4.00 7.72 -8.05
C LYS A 34 4.82 8.38 -6.95
N SER A 35 4.46 8.09 -5.70
CA SER A 35 5.16 8.65 -4.55
C SER A 35 5.09 7.70 -3.35
N SER A 36 6.17 6.99 -3.11
CA SER A 36 6.23 6.04 -1.99
C SER A 36 5.69 6.68 -0.72
N PHE A 37 6.16 7.88 -0.42
CA PHE A 37 5.73 8.61 0.77
C PHE A 37 4.81 9.77 0.41
N PRO A 38 3.50 9.57 0.60
CA PRO A 38 2.50 10.59 0.30
C PRO A 38 2.56 11.76 1.27
N THR A 39 1.65 12.72 1.07
CA THR A 39 1.60 13.91 1.93
C THR A 39 0.32 13.94 2.75
N GLN A 40 0.37 14.59 3.90
CA GLN A 40 -0.80 14.70 4.77
C GLN A 40 -2.07 14.85 3.96
N ALA A 41 -2.16 15.94 3.20
CA ALA A 41 -3.33 16.21 2.37
C ALA A 41 -3.71 14.98 1.55
N GLU A 42 -2.75 14.46 0.79
CA GLU A 42 -2.97 13.30 -0.04
C GLU A 42 -3.53 12.14 0.78
N LEU A 43 -2.74 11.65 1.73
CA LEU A 43 -3.15 10.55 2.59
C LEU A 43 -4.58 10.75 3.08
N ASP A 44 -4.78 11.81 3.86
CA ASP A 44 -6.10 12.12 4.40
C ASP A 44 -7.20 11.73 3.41
N ARG A 45 -6.95 11.98 2.13
CA ARG A 45 -7.92 11.66 1.09
C ARG A 45 -7.90 10.17 0.78
N LEU A 46 -6.71 9.64 0.52
CA LEU A 46 -6.55 8.23 0.20
C LEU A 46 -7.46 7.37 1.08
N ARG A 47 -7.64 7.78 2.32
CA ARG A 47 -8.49 7.06 3.26
C ARG A 47 -9.95 7.11 2.83
N VAL A 48 -10.52 8.30 2.84
CA VAL A 48 -11.92 8.50 2.45
C VAL A 48 -12.19 7.86 1.09
N GLU A 49 -11.26 8.06 0.15
CA GLU A 49 -11.41 7.50 -1.19
C GLU A 49 -11.66 6.00 -1.14
N THR A 50 -10.68 5.25 -0.63
CA THR A 50 -10.78 3.81 -0.54
C THR A 50 -11.64 3.40 0.67
N LYS A 51 -12.04 4.40 1.46
CA LYS A 51 -12.86 4.14 2.64
C LYS A 51 -12.08 3.35 3.68
N LEU A 52 -10.84 3.75 3.93
CA LEU A 52 -10.00 3.08 4.91
C LEU A 52 -9.53 4.04 6.00
N SER A 53 -8.85 3.51 7.01
CA SER A 53 -8.36 4.33 8.10
C SER A 53 -6.84 4.50 8.02
N ARG A 54 -6.30 5.33 8.90
CA ARG A 54 -4.85 5.58 8.92
C ARG A 54 -4.08 4.27 9.02
N ARG A 55 -4.44 3.45 10.01
CA ARG A 55 -3.77 2.18 10.22
C ARG A 55 -3.81 1.33 8.96
N GLU A 56 -4.98 1.25 8.33
CA GLU A 56 -5.14 0.47 7.11
C GLU A 56 -4.07 0.82 6.09
N ILE A 57 -4.06 2.09 5.68
CA ILE A 57 -3.07 2.56 4.71
C ILE A 57 -1.65 2.40 5.24
N ASP A 58 -1.40 2.98 6.41
CA ASP A 58 -0.07 2.90 7.02
C ASP A 58 0.58 1.55 6.74
N SER A 59 -0.09 0.48 7.16
CA SER A 59 0.43 -0.86 6.95
C SER A 59 0.59 -1.17 5.47
N TRP A 60 -0.43 -0.83 4.69
CA TRP A 60 -0.40 -1.07 3.25
C TRP A 60 0.87 -0.50 2.63
N PHE A 61 1.11 0.79 2.86
CA PHE A 61 2.29 1.45 2.32
C PHE A 61 3.57 0.88 2.93
N SER A 62 3.61 0.86 4.26
CA SER A 62 4.78 0.35 4.97
C SER A 62 5.25 -0.98 4.37
N GLU A 63 4.29 -1.84 4.05
CA GLU A 63 4.60 -3.14 3.47
C GLU A 63 4.91 -3.01 1.99
N ARG A 64 4.06 -2.27 1.27
CA ARG A 64 4.25 -2.07 -0.16
C ARG A 64 5.72 -1.80 -0.48
N ARG A 65 6.36 -0.97 0.32
CA ARG A 65 7.76 -0.64 0.11
C ARG A 65 8.63 -1.90 0.12
N LYS A 66 8.42 -2.74 1.14
CA LYS A 66 9.19 -3.97 1.27
C LYS A 66 9.19 -4.75 -0.05
N LEU A 67 8.01 -4.88 -0.65
CA LEU A 67 7.87 -5.61 -1.91
C LEU A 67 8.88 -5.10 -2.94
N ARG A 68 8.78 -3.82 -3.28
CA ARG A 68 9.68 -3.21 -4.25
C ARG A 68 11.09 -3.79 -4.12
N ASP A 69 11.62 -3.77 -2.91
CA ASP A 69 12.96 -4.30 -2.65
C ASP A 69 12.99 -5.82 -2.80
N SER A 70 11.97 -6.47 -2.24
CA SER A 70 11.88 -7.93 -2.30
C SER A 70 12.04 -8.43 -3.73
N MET A 71 11.27 -7.85 -4.64
CA MET A 71 11.32 -8.23 -6.05
C MET A 71 12.63 -7.76 -6.68
N GLU A 72 13.30 -8.67 -7.39
CA GLU A 72 14.56 -8.34 -8.05
C GLU A 72 14.33 -7.95 -9.50
N GLN A 73 15.33 -7.33 -10.10
CA GLN A 73 15.25 -6.90 -11.49
C GLN A 73 15.63 -8.04 -12.45
N ALA A 74 14.63 -8.66 -13.06
CA ALA A 74 14.86 -9.76 -13.98
C ALA A 74 14.51 -9.36 -15.41
N VAL A 75 14.85 -10.22 -16.36
CA VAL A 75 14.57 -9.95 -17.77
C VAL A 75 13.07 -9.83 -18.02
N LEU A 76 12.68 -8.80 -18.76
CA LEU A 76 11.27 -8.57 -19.08
C LEU A 76 11.11 -8.04 -20.50
N ASP A 77 10.07 -8.50 -21.18
CA ASP A 77 9.81 -8.07 -22.54
C ASP A 77 8.45 -7.36 -22.64
N SER A 78 8.44 -6.20 -23.29
CA SER A 78 7.22 -5.42 -23.43
C SER A 78 6.69 -5.52 -24.87
N MET A 79 5.37 -5.58 -24.99
CA MET A 79 4.74 -5.67 -26.30
C MET A 79 4.40 -4.28 -26.84
N GLY A 80 4.23 -4.19 -28.16
CA GLY A 80 3.92 -2.91 -28.78
C GLY A 80 3.82 -3.01 -30.30
N SER A 81 2.85 -3.78 -30.77
CA SER A 81 2.66 -3.96 -32.21
C SER A 81 1.71 -2.90 -32.77
N GLY A 82 2.18 -2.15 -33.77
CA GLY A 82 1.36 -1.12 -34.37
C GLY A 82 0.22 -1.69 -35.20
N LYS A 83 -0.30 -0.89 -36.13
CA LYS A 83 -1.39 -1.32 -36.98
C LYS A 83 -1.56 -0.39 -38.18
N SER A 84 -2.30 -0.84 -39.17
CA SER A 84 -2.53 -0.04 -40.38
C SER A 84 -3.99 0.42 -40.46
N GLY A 85 -4.27 1.27 -41.43
CA GLY A 85 -5.63 1.77 -41.60
C GLY A 85 -5.90 2.25 -43.01
N PRO A 86 -6.19 1.31 -43.92
CA PRO A 86 -6.47 1.63 -45.33
C PRO A 86 -7.80 2.34 -45.50
N SER A 87 -7.75 3.52 -46.10
CA SER A 87 -8.96 4.32 -46.33
C SER A 87 -9.93 3.57 -47.24
N SER A 88 -9.45 3.19 -48.42
CA SER A 88 -10.27 2.48 -49.38
C SER A 88 -10.49 1.03 -48.95
N GLY A 89 -9.42 0.37 -48.53
CA GLY A 89 -9.52 -1.01 -48.09
C GLY A 89 -9.18 -2.00 -49.19
N GLY A 1 -6.81 26.97 35.69
CA GLY A 1 -6.11 25.98 36.49
C GLY A 1 -5.91 24.68 35.74
N SER A 2 -4.77 24.03 35.99
CA SER A 2 -4.44 22.77 35.34
C SER A 2 -4.53 21.60 36.31
N SER A 3 -4.50 20.39 35.77
CA SER A 3 -4.58 19.19 36.61
C SER A 3 -4.18 17.95 35.82
N GLY A 4 -4.05 16.82 36.50
CA GLY A 4 -3.67 15.59 35.85
C GLY A 4 -2.20 15.27 36.03
N SER A 5 -1.38 15.66 35.05
CA SER A 5 0.05 15.41 35.10
C SER A 5 0.33 13.91 35.12
N SER A 6 -0.41 13.17 34.30
CA SER A 6 -0.23 11.72 34.23
C SER A 6 -0.21 11.25 32.78
N GLY A 7 0.82 10.47 32.43
CA GLY A 7 0.94 9.97 31.08
C GLY A 7 0.24 8.64 30.90
N ALA A 8 -0.98 8.54 31.39
CA ALA A 8 -1.76 7.31 31.27
C ALA A 8 -2.16 7.05 29.82
N TYR A 9 -1.78 5.88 29.31
CA TYR A 9 -2.10 5.52 27.94
C TYR A 9 -3.37 4.66 27.88
N PRO A 10 -4.31 5.08 27.03
CA PRO A 10 -5.59 4.36 26.86
C PRO A 10 -5.41 3.02 26.16
N ASP A 11 -6.39 2.14 26.34
CA ASP A 11 -6.33 0.81 25.73
C ASP A 11 -7.24 0.75 24.50
N PHE A 12 -6.89 -0.13 23.56
CA PHE A 12 -7.67 -0.28 22.33
C PHE A 12 -7.64 -1.73 21.86
N ALA A 13 -8.71 -2.14 21.18
CA ALA A 13 -8.81 -3.50 20.67
C ALA A 13 -8.42 -3.56 19.19
N PRO A 14 -7.68 -4.61 18.81
CA PRO A 14 -7.23 -4.80 17.43
C PRO A 14 -8.38 -5.16 16.50
N GLN A 15 -8.05 -5.45 15.24
CA GLN A 15 -9.05 -5.82 14.25
C GLN A 15 -8.55 -6.95 13.36
N LYS A 16 -9.47 -7.59 12.64
CA LYS A 16 -9.13 -8.68 11.75
C LYS A 16 -8.81 -8.16 10.35
N PHE A 17 -7.80 -8.77 9.72
CA PHE A 17 -7.40 -8.36 8.38
C PHE A 17 -8.34 -8.93 7.32
N LYS A 18 -8.71 -8.10 6.36
CA LYS A 18 -9.61 -8.51 5.29
C LYS A 18 -9.06 -8.10 3.93
N GLU A 19 -9.50 -8.80 2.88
CA GLU A 19 -9.06 -8.52 1.53
C GLU A 19 -9.73 -7.26 0.99
N LYS A 20 -8.96 -6.43 0.29
CA LYS A 20 -9.48 -5.19 -0.28
C LYS A 20 -9.93 -5.40 -1.72
N THR A 21 -10.64 -4.42 -2.27
CA THR A 21 -11.13 -4.50 -3.64
C THR A 21 -10.13 -3.89 -4.61
N GLN A 22 -10.37 -4.08 -5.90
CA GLN A 22 -9.50 -3.54 -6.93
C GLN A 22 -9.46 -2.02 -6.87
N GLY A 23 -10.62 -1.40 -6.71
CA GLY A 23 -10.70 0.05 -6.64
C GLY A 23 -9.75 0.62 -5.60
N GLN A 24 -10.01 0.33 -4.34
CA GLN A 24 -9.19 0.82 -3.24
C GLN A 24 -7.70 0.69 -3.59
N VAL A 25 -7.26 -0.54 -3.81
CA VAL A 25 -5.87 -0.81 -4.15
C VAL A 25 -5.42 0.05 -5.34
N LYS A 26 -6.32 0.23 -6.30
CA LYS A 26 -6.02 1.01 -7.49
C LYS A 26 -5.75 2.47 -7.12
N ILE A 27 -6.54 3.00 -6.19
CA ILE A 27 -6.37 4.38 -5.75
C ILE A 27 -5.08 4.56 -4.96
N LEU A 28 -4.70 3.53 -4.21
CA LEU A 28 -3.49 3.58 -3.42
C LEU A 28 -2.25 3.41 -4.30
N GLU A 29 -2.32 2.48 -5.24
CA GLU A 29 -1.21 2.24 -6.15
C GLU A 29 -0.83 3.51 -6.91
N ASP A 30 -1.84 4.20 -7.43
CA ASP A 30 -1.62 5.43 -8.18
C ASP A 30 -0.87 6.45 -7.33
N SER A 31 -1.23 6.53 -6.04
CA SER A 31 -0.59 7.46 -5.13
C SER A 31 0.84 7.03 -4.80
N PHE A 32 0.95 5.84 -4.21
CA PHE A 32 2.27 5.32 -3.85
C PHE A 32 3.24 5.43 -5.01
N LEU A 33 2.91 4.79 -6.12
CA LEU A 33 3.77 4.81 -7.31
C LEU A 33 4.41 6.18 -7.48
N LYS A 34 3.63 7.23 -7.24
CA LYS A 34 4.13 8.60 -7.37
C LYS A 34 5.11 8.92 -6.24
N SER A 35 4.67 8.74 -5.00
CA SER A 35 5.50 9.02 -3.85
C SER A 35 5.27 7.99 -2.74
N SER A 36 6.22 7.08 -2.57
CA SER A 36 6.10 6.05 -1.54
C SER A 36 5.50 6.61 -0.26
N PHE A 37 6.01 7.76 0.17
CA PHE A 37 5.51 8.40 1.39
C PHE A 37 4.53 9.52 1.06
N PRO A 38 3.23 9.24 1.21
CA PRO A 38 2.17 10.20 0.93
C PRO A 38 2.14 11.34 1.94
N THR A 39 1.61 12.49 1.52
CA THR A 39 1.53 13.66 2.39
C THR A 39 0.13 13.82 2.96
N GLN A 40 0.02 14.52 4.09
CA GLN A 40 -1.26 14.75 4.73
C GLN A 40 -2.37 14.90 3.71
N ALA A 41 -2.19 15.83 2.77
CA ALA A 41 -3.18 16.07 1.74
C ALA A 41 -3.49 14.80 0.96
N GLU A 42 -2.43 14.07 0.58
CA GLU A 42 -2.59 12.84 -0.16
C GLU A 42 -3.39 11.81 0.63
N LEU A 43 -2.81 11.33 1.72
CA LEU A 43 -3.46 10.35 2.58
C LEU A 43 -4.93 10.72 2.79
N ASP A 44 -5.17 11.90 3.33
CA ASP A 44 -6.53 12.36 3.59
C ASP A 44 -7.45 12.02 2.42
N ARG A 45 -6.90 12.03 1.21
CA ARG A 45 -7.67 11.73 0.01
C ARG A 45 -7.75 10.22 -0.20
N LEU A 46 -6.67 9.52 0.13
CA LEU A 46 -6.62 8.07 -0.02
C LEU A 46 -7.59 7.39 0.94
N ARG A 47 -7.59 7.83 2.19
CA ARG A 47 -8.46 7.25 3.20
C ARG A 47 -9.94 7.42 2.80
N VAL A 48 -10.36 8.66 2.62
CA VAL A 48 -11.73 8.95 2.24
C VAL A 48 -12.12 8.20 0.97
N GLU A 49 -11.29 8.30 -0.06
CA GLU A 49 -11.54 7.62 -1.33
C GLU A 49 -11.69 6.12 -1.12
N THR A 50 -10.61 5.48 -0.67
CA THR A 50 -10.61 4.04 -0.44
C THR A 50 -11.45 3.68 0.78
N LYS A 51 -11.93 4.71 1.48
CA LYS A 51 -12.75 4.50 2.67
C LYS A 51 -11.98 3.72 3.73
N LEU A 52 -10.73 4.10 3.95
CA LEU A 52 -9.88 3.43 4.94
C LEU A 52 -9.34 4.43 5.95
N SER A 53 -8.67 3.92 6.98
CA SER A 53 -8.10 4.77 8.02
C SER A 53 -6.57 4.77 7.92
N ARG A 54 -5.96 5.77 8.55
CA ARG A 54 -4.51 5.90 8.53
C ARG A 54 -3.84 4.54 8.73
N ARG A 55 -4.23 3.85 9.80
CA ARG A 55 -3.67 2.54 10.10
C ARG A 55 -3.82 1.60 8.92
N GLU A 56 -5.05 1.44 8.43
CA GLU A 56 -5.33 0.56 7.31
C GLU A 56 -4.27 0.72 6.22
N ILE A 57 -4.12 1.93 5.70
CA ILE A 57 -3.14 2.21 4.66
C ILE A 57 -1.72 1.97 5.17
N ASP A 58 -1.45 2.41 6.39
CA ASP A 58 -0.13 2.24 6.99
C ASP A 58 0.48 0.91 6.59
N SER A 59 -0.27 -0.17 6.82
CA SER A 59 0.20 -1.50 6.48
C SER A 59 0.42 -1.65 4.98
N TRP A 60 -0.60 -1.31 4.21
CA TRP A 60 -0.52 -1.40 2.75
C TRP A 60 0.78 -0.78 2.24
N PHE A 61 0.99 0.49 2.55
CA PHE A 61 2.19 1.19 2.12
C PHE A 61 3.43 0.56 2.73
N SER A 62 3.41 0.35 4.04
CA SER A 62 4.54 -0.25 4.75
C SER A 62 5.08 -1.45 3.98
N GLU A 63 4.20 -2.40 3.67
CA GLU A 63 4.59 -3.60 2.95
C GLU A 63 4.95 -3.26 1.50
N ARG A 64 4.05 -2.56 0.82
CA ARG A 64 4.27 -2.18 -0.57
C ARG A 64 5.72 -1.76 -0.80
N ARG A 65 6.26 -0.97 0.13
CA ARG A 65 7.63 -0.50 0.02
C ARG A 65 8.58 -1.66 -0.23
N LYS A 66 8.41 -2.74 0.52
CA LYS A 66 9.25 -3.92 0.38
C LYS A 66 9.45 -4.27 -1.10
N LEU A 67 8.35 -4.37 -1.82
CA LEU A 67 8.40 -4.70 -3.24
C LEU A 67 9.34 -3.75 -3.99
N ARG A 68 9.12 -2.46 -3.82
CA ARG A 68 9.94 -1.45 -4.46
C ARG A 68 11.43 -1.72 -4.23
N ASP A 69 11.77 -2.04 -2.98
CA ASP A 69 13.16 -2.32 -2.62
C ASP A 69 13.73 -3.42 -3.50
N SER A 70 12.97 -4.50 -3.65
CA SER A 70 13.41 -5.63 -4.46
C SER A 70 14.22 -5.15 -5.66
N MET A 71 13.74 -4.10 -6.32
CA MET A 71 14.43 -3.55 -7.48
C MET A 71 15.94 -3.67 -7.33
N GLU A 72 16.45 -3.28 -6.16
CA GLU A 72 17.88 -3.34 -5.89
C GLU A 72 18.42 -4.75 -6.12
N GLN A 73 19.74 -4.90 -6.04
CA GLN A 73 20.37 -6.19 -6.24
C GLN A 73 20.06 -7.13 -5.08
N ALA A 74 19.30 -8.18 -5.36
CA ALA A 74 18.94 -9.15 -4.33
C ALA A 74 18.81 -10.55 -4.92
N VAL A 75 19.30 -11.54 -4.19
CA VAL A 75 19.24 -12.93 -4.65
C VAL A 75 17.80 -13.39 -4.84
N LEU A 76 17.42 -13.61 -6.10
CA LEU A 76 16.06 -14.06 -6.41
C LEU A 76 16.02 -14.71 -7.79
N ASP A 77 14.99 -15.52 -8.02
CA ASP A 77 14.83 -16.20 -9.29
C ASP A 77 14.50 -15.22 -10.41
N SER A 78 14.85 -15.58 -11.63
CA SER A 78 14.59 -14.72 -12.78
C SER A 78 13.12 -14.74 -13.16
N MET A 79 12.54 -13.55 -13.32
CA MET A 79 11.13 -13.43 -13.68
C MET A 79 10.88 -12.16 -14.48
N GLY A 80 10.03 -12.25 -15.50
CA GLY A 80 9.72 -11.10 -16.32
C GLY A 80 8.39 -11.24 -17.02
N SER A 81 7.42 -10.41 -16.63
CA SER A 81 6.10 -10.43 -17.23
C SER A 81 5.42 -9.07 -17.14
N GLY A 82 5.22 -8.43 -18.29
CA GLY A 82 4.60 -7.13 -18.33
C GLY A 82 5.39 -6.13 -19.16
N LYS A 83 4.68 -5.39 -20.00
CA LYS A 83 5.32 -4.39 -20.86
C LYS A 83 4.28 -3.45 -21.46
N SER A 84 4.72 -2.25 -21.84
CA SER A 84 3.83 -1.27 -22.44
C SER A 84 4.55 -0.45 -23.50
N GLY A 85 3.79 0.34 -24.25
CA GLY A 85 4.37 1.16 -25.30
C GLY A 85 3.74 2.53 -25.37
N PRO A 86 4.54 3.53 -25.78
CA PRO A 86 4.08 4.92 -25.91
C PRO A 86 3.10 5.10 -27.07
N SER A 87 2.66 6.33 -27.28
CA SER A 87 1.72 6.64 -28.35
C SER A 87 2.40 7.45 -29.45
N SER A 88 2.26 6.98 -30.69
CA SER A 88 2.86 7.67 -31.83
C SER A 88 2.49 9.14 -31.84
N GLY A 89 3.50 10.01 -31.81
CA GLY A 89 3.25 11.44 -31.82
C GLY A 89 4.39 12.22 -32.43
N GLY A 1 25.60 5.35 -5.61
CA GLY A 1 24.34 5.04 -6.26
C GLY A 1 23.23 4.80 -5.25
N SER A 2 22.00 5.11 -5.66
CA SER A 2 20.84 4.94 -4.78
C SER A 2 20.23 3.55 -4.98
N SER A 3 19.67 3.00 -3.90
CA SER A 3 19.06 1.69 -3.94
C SER A 3 17.91 1.66 -4.94
N GLY A 4 16.93 2.53 -4.73
CA GLY A 4 15.79 2.59 -5.62
C GLY A 4 16.19 2.64 -7.08
N SER A 5 15.92 1.56 -7.80
CA SER A 5 16.26 1.49 -9.22
C SER A 5 15.28 0.57 -9.97
N SER A 6 14.74 1.09 -11.07
CA SER A 6 13.78 0.33 -11.87
C SER A 6 14.50 -0.56 -12.87
N GLY A 7 13.73 -1.37 -13.59
CA GLY A 7 14.32 -2.26 -14.58
C GLY A 7 14.32 -3.70 -14.12
N ALA A 8 13.28 -4.45 -14.48
CA ALA A 8 13.17 -5.85 -14.11
C ALA A 8 12.49 -6.67 -15.21
N TYR A 9 12.76 -7.96 -15.22
CA TYR A 9 12.18 -8.85 -16.22
C TYR A 9 10.68 -9.01 -16.00
N PRO A 10 9.95 -9.24 -17.10
CA PRO A 10 8.49 -9.42 -17.05
C PRO A 10 8.08 -10.72 -16.38
N ASP A 11 7.45 -10.61 -15.22
CA ASP A 11 7.01 -11.78 -14.47
C ASP A 11 5.57 -11.60 -13.99
N PHE A 12 4.79 -12.66 -14.07
CA PHE A 12 3.39 -12.62 -13.64
C PHE A 12 3.22 -13.34 -12.30
N ALA A 13 2.21 -12.91 -11.54
CA ALA A 13 1.93 -13.51 -10.24
C ALA A 13 0.66 -14.36 -10.29
N PRO A 14 0.54 -15.30 -9.34
CA PRO A 14 -0.61 -16.20 -9.25
C PRO A 14 -1.88 -15.46 -8.81
N GLN A 15 -2.97 -16.21 -8.67
CA GLN A 15 -4.23 -15.63 -8.26
C GLN A 15 -4.57 -16.01 -6.82
N LYS A 16 -4.87 -15.00 -6.01
CA LYS A 16 -5.21 -15.22 -4.61
C LYS A 16 -6.14 -14.14 -4.10
N PHE A 17 -7.05 -14.52 -3.19
CA PHE A 17 -8.01 -13.58 -2.62
C PHE A 17 -7.29 -12.41 -1.97
N LYS A 18 -8.01 -11.30 -1.80
CA LYS A 18 -7.45 -10.11 -1.18
C LYS A 18 -8.34 -9.60 -0.04
N GLU A 19 -7.84 -8.62 0.69
CA GLU A 19 -8.59 -8.06 1.81
C GLU A 19 -9.16 -6.69 1.45
N LYS A 20 -9.02 -6.30 0.19
CA LYS A 20 -9.51 -5.02 -0.29
C LYS A 20 -10.00 -5.12 -1.73
N THR A 21 -10.86 -4.20 -2.13
CA THR A 21 -11.40 -4.18 -3.48
C THR A 21 -10.41 -3.58 -4.47
N GLN A 22 -10.38 -4.13 -5.68
CA GLN A 22 -9.47 -3.64 -6.72
C GLN A 22 -9.39 -2.13 -6.70
N GLY A 23 -10.55 -1.47 -6.66
CA GLY A 23 -10.59 -0.02 -6.64
C GLY A 23 -9.74 0.57 -5.52
N GLN A 24 -10.11 0.28 -4.28
CA GLN A 24 -9.38 0.78 -3.13
C GLN A 24 -7.88 0.67 -3.35
N VAL A 25 -7.43 -0.50 -3.76
CA VAL A 25 -6.01 -0.74 -4.01
C VAL A 25 -5.51 0.12 -5.16
N LYS A 26 -6.32 0.25 -6.20
CA LYS A 26 -5.97 1.06 -7.37
C LYS A 26 -5.71 2.50 -6.98
N ILE A 27 -6.52 3.01 -6.05
CA ILE A 27 -6.38 4.39 -5.59
C ILE A 27 -5.08 4.59 -4.82
N LEU A 28 -4.68 3.57 -4.06
CA LEU A 28 -3.45 3.62 -3.28
C LEU A 28 -2.23 3.47 -4.18
N GLU A 29 -2.24 2.44 -5.03
CA GLU A 29 -1.14 2.18 -5.93
C GLU A 29 -0.73 3.45 -6.68
N ASP A 30 -1.72 4.11 -7.27
CA ASP A 30 -1.48 5.35 -8.01
C ASP A 30 -0.71 6.36 -7.15
N SER A 31 -1.10 6.46 -5.88
CA SER A 31 -0.46 7.38 -4.95
C SER A 31 0.95 6.93 -4.63
N PHE A 32 1.09 5.68 -4.19
CA PHE A 32 2.39 5.13 -3.85
C PHE A 32 3.34 5.16 -5.05
N LEU A 33 2.98 4.44 -6.10
CA LEU A 33 3.79 4.39 -7.31
C LEU A 33 4.45 5.74 -7.58
N LYS A 34 3.72 6.81 -7.34
CA LYS A 34 4.24 8.16 -7.55
C LYS A 34 5.15 8.58 -6.39
N SER A 35 4.60 8.56 -5.17
CA SER A 35 5.36 8.94 -3.99
C SER A 35 5.15 7.93 -2.87
N SER A 36 6.15 7.10 -2.64
CA SER A 36 6.07 6.08 -1.60
C SER A 36 5.47 6.66 -0.31
N PHE A 37 6.00 7.81 0.11
CA PHE A 37 5.51 8.46 1.32
C PHE A 37 4.54 9.58 0.98
N PRO A 38 3.24 9.31 1.14
CA PRO A 38 2.18 10.29 0.86
C PRO A 38 2.18 11.44 1.86
N THR A 39 1.67 12.59 1.42
CA THR A 39 1.60 13.77 2.28
C THR A 39 0.24 13.87 2.96
N GLN A 40 0.15 14.74 3.96
CA GLN A 40 -1.09 14.94 4.70
C GLN A 40 -2.28 15.02 3.75
N ALA A 41 -2.28 16.03 2.89
CA ALA A 41 -3.36 16.22 1.92
C ALA A 41 -3.65 14.94 1.16
N GLU A 42 -2.60 14.33 0.61
CA GLU A 42 -2.75 13.09 -0.15
C GLU A 42 -3.50 12.05 0.67
N LEU A 43 -2.88 11.57 1.73
CA LEU A 43 -3.49 10.57 2.60
C LEU A 43 -4.96 10.88 2.83
N ASP A 44 -5.23 12.06 3.37
CA ASP A 44 -6.59 12.48 3.66
C ASP A 44 -7.54 12.03 2.54
N ARG A 45 -7.09 12.18 1.30
CA ARG A 45 -7.89 11.79 0.14
C ARG A 45 -7.89 10.27 -0.04
N LEU A 46 -6.73 9.66 0.17
CA LEU A 46 -6.60 8.21 0.03
C LEU A 46 -7.54 7.48 0.98
N ARG A 47 -7.56 7.91 2.24
CA ARG A 47 -8.42 7.30 3.24
C ARG A 47 -9.89 7.36 2.82
N VAL A 48 -10.42 8.57 2.75
CA VAL A 48 -11.82 8.77 2.35
C VAL A 48 -12.12 8.04 1.05
N GLU A 49 -11.30 8.28 0.03
CA GLU A 49 -11.48 7.66 -1.27
C GLU A 49 -11.61 6.15 -1.13
N THR A 50 -10.55 5.51 -0.64
CA THR A 50 -10.53 4.07 -0.45
C THR A 50 -11.42 3.65 0.71
N LYS A 51 -11.94 4.64 1.43
CA LYS A 51 -12.81 4.38 2.58
C LYS A 51 -12.07 3.59 3.65
N LEU A 52 -10.84 3.99 3.94
CA LEU A 52 -10.02 3.32 4.94
C LEU A 52 -9.42 4.33 5.92
N SER A 53 -8.83 3.82 6.99
CA SER A 53 -8.22 4.68 8.00
C SER A 53 -6.70 4.73 7.83
N ARG A 54 -6.06 5.64 8.54
CA ARG A 54 -4.61 5.80 8.47
C ARG A 54 -3.91 4.45 8.62
N ARG A 55 -4.27 3.71 9.67
CA ARG A 55 -3.68 2.41 9.93
C ARG A 55 -3.86 1.48 8.73
N GLU A 56 -5.10 1.32 8.29
CA GLU A 56 -5.40 0.46 7.16
C GLU A 56 -4.36 0.63 6.05
N ILE A 57 -4.29 1.83 5.50
CA ILE A 57 -3.34 2.13 4.43
C ILE A 57 -1.91 1.93 4.91
N ASP A 58 -1.58 2.50 6.06
CA ASP A 58 -0.25 2.39 6.64
C ASP A 58 0.35 1.01 6.34
N SER A 59 -0.38 -0.04 6.74
CA SER A 59 0.08 -1.40 6.52
C SER A 59 0.36 -1.65 5.05
N TRP A 60 -0.56 -1.25 4.20
CA TRP A 60 -0.42 -1.44 2.76
C TRP A 60 0.88 -0.83 2.26
N PHE A 61 1.07 0.46 2.49
CA PHE A 61 2.27 1.15 2.06
C PHE A 61 3.51 0.51 2.68
N SER A 62 3.47 0.31 3.99
CA SER A 62 4.60 -0.29 4.71
C SER A 62 5.11 -1.53 3.97
N GLU A 63 4.18 -2.44 3.66
CA GLU A 63 4.53 -3.66 2.95
C GLU A 63 4.94 -3.38 1.52
N ARG A 64 4.12 -2.60 0.82
CA ARG A 64 4.39 -2.25 -0.57
C ARG A 64 5.85 -1.83 -0.76
N ARG A 65 6.35 -1.05 0.20
CA ARG A 65 7.74 -0.59 0.14
C ARG A 65 8.70 -1.75 0.02
N LYS A 66 8.54 -2.75 0.89
CA LYS A 66 9.40 -3.92 0.89
C LYS A 66 9.56 -4.47 -0.52
N LEU A 67 8.45 -4.62 -1.23
CA LEU A 67 8.47 -5.13 -2.60
C LEU A 67 9.51 -4.40 -3.44
N ARG A 68 9.35 -3.09 -3.56
CA ARG A 68 10.27 -2.27 -4.33
C ARG A 68 11.72 -2.61 -3.99
N ASP A 69 12.00 -2.71 -2.69
CA ASP A 69 13.35 -3.03 -2.22
C ASP A 69 13.77 -4.43 -2.69
N SER A 70 12.85 -5.39 -2.58
CA SER A 70 13.12 -6.76 -2.98
C SER A 70 13.49 -6.83 -4.46
N MET A 71 14.22 -7.88 -4.82
CA MET A 71 14.64 -8.06 -6.21
C MET A 71 14.67 -9.55 -6.57
N GLU A 72 14.55 -9.84 -7.86
CA GLU A 72 14.55 -11.21 -8.34
C GLU A 72 15.97 -11.77 -8.34
N GLN A 73 16.10 -13.05 -7.98
CA GLN A 73 17.41 -13.70 -7.93
C GLN A 73 18.19 -13.42 -9.21
N ALA A 74 17.52 -13.54 -10.36
CA ALA A 74 18.17 -13.29 -11.63
C ALA A 74 18.62 -11.84 -11.76
N VAL A 75 19.94 -11.65 -11.80
CA VAL A 75 20.51 -10.31 -11.91
C VAL A 75 20.34 -9.76 -13.33
N LEU A 76 20.10 -8.45 -13.42
CA LEU A 76 19.92 -7.80 -14.71
C LEU A 76 21.09 -6.88 -15.03
N ASP A 77 21.51 -6.87 -16.29
CA ASP A 77 22.62 -6.03 -16.72
C ASP A 77 22.12 -4.87 -17.58
N SER A 78 22.52 -3.65 -17.21
CA SER A 78 22.11 -2.46 -17.94
C SER A 78 23.33 -1.68 -18.42
N MET A 79 23.28 -1.25 -19.68
CA MET A 79 24.38 -0.49 -20.26
C MET A 79 24.31 0.98 -19.83
N GLY A 80 25.47 1.65 -19.84
CA GLY A 80 25.51 3.04 -19.45
C GLY A 80 26.56 3.32 -18.39
N SER A 81 26.12 3.59 -17.17
CA SER A 81 27.03 3.87 -16.07
C SER A 81 27.88 5.12 -16.37
N GLY A 82 27.23 6.14 -16.89
CA GLY A 82 27.93 7.37 -17.21
C GLY A 82 27.17 8.61 -16.76
N LYS A 83 27.12 8.81 -15.45
CA LYS A 83 26.43 9.96 -14.88
C LYS A 83 27.42 10.95 -14.28
N SER A 84 26.91 12.11 -13.87
CA SER A 84 27.76 13.14 -13.27
C SER A 84 27.09 13.74 -12.04
N GLY A 85 27.76 13.63 -10.90
CA GLY A 85 27.22 14.17 -9.66
C GLY A 85 27.99 15.38 -9.17
N PRO A 86 28.00 15.59 -7.84
CA PRO A 86 28.70 16.71 -7.21
C PRO A 86 30.21 16.57 -7.31
N SER A 87 30.78 17.05 -8.41
CA SER A 87 32.22 16.98 -8.62
C SER A 87 32.96 17.83 -7.58
N SER A 88 33.74 17.17 -6.73
CA SER A 88 34.49 17.86 -5.69
C SER A 88 35.66 18.63 -6.29
N GLY A 89 36.44 17.93 -7.12
CA GLY A 89 37.59 18.56 -7.76
C GLY A 89 38.87 18.33 -6.98
N GLY A 1 -35.15 33.57 -4.22
CA GLY A 1 -35.63 32.30 -3.71
C GLY A 1 -34.71 31.70 -2.66
N SER A 2 -34.63 30.38 -2.63
CA SER A 2 -33.77 29.69 -1.67
C SER A 2 -33.12 28.47 -2.31
N SER A 3 -32.22 27.82 -1.55
CA SER A 3 -31.52 26.64 -2.05
C SER A 3 -31.54 25.53 -1.01
N GLY A 4 -30.99 24.38 -1.38
CA GLY A 4 -30.95 23.25 -0.48
C GLY A 4 -29.57 22.67 -0.32
N SER A 5 -29.42 21.70 0.58
CA SER A 5 -28.13 21.07 0.84
C SER A 5 -28.26 19.55 0.79
N SER A 6 -27.73 18.95 -0.26
CA SER A 6 -27.77 17.50 -0.42
C SER A 6 -27.15 16.80 0.78
N GLY A 7 -27.54 15.54 0.99
CA GLY A 7 -27.01 14.78 2.11
C GLY A 7 -26.73 13.33 1.75
N ALA A 8 -26.07 12.61 2.65
CA ALA A 8 -25.75 11.22 2.43
C ALA A 8 -26.85 10.30 2.96
N TYR A 9 -26.88 9.07 2.46
CA TYR A 9 -27.88 8.10 2.89
C TYR A 9 -27.51 7.48 4.24
N PRO A 10 -28.53 7.08 5.00
CA PRO A 10 -28.33 6.47 6.32
C PRO A 10 -27.73 5.08 6.24
N ASP A 11 -26.46 4.97 6.63
CA ASP A 11 -25.76 3.69 6.61
C ASP A 11 -24.92 3.51 7.86
N PHE A 12 -24.86 2.27 8.34
CA PHE A 12 -24.08 1.96 9.54
C PHE A 12 -22.60 1.82 9.21
N ALA A 13 -21.77 1.84 10.24
CA ALA A 13 -20.32 1.71 10.07
C ALA A 13 -19.95 0.30 9.66
N PRO A 14 -18.97 0.18 8.74
CA PRO A 14 -18.51 -1.12 8.25
C PRO A 14 -17.72 -1.89 9.31
N GLN A 15 -17.29 -3.11 8.96
CA GLN A 15 -16.55 -3.95 9.88
C GLN A 15 -15.11 -3.44 10.03
N LYS A 16 -14.56 -3.62 11.23
CA LYS A 16 -13.19 -3.19 11.50
C LYS A 16 -12.29 -3.46 10.31
N PHE A 17 -12.33 -4.68 9.81
CA PHE A 17 -11.51 -5.07 8.67
C PHE A 17 -12.38 -5.43 7.46
N LYS A 18 -11.92 -5.05 6.28
CA LYS A 18 -12.66 -5.32 5.05
C LYS A 18 -11.70 -5.61 3.90
N GLU A 19 -12.11 -6.48 2.99
CA GLU A 19 -11.30 -6.84 1.84
C GLU A 19 -11.22 -5.69 0.84
N LYS A 20 -10.01 -5.37 0.40
CA LYS A 20 -9.80 -4.29 -0.55
C LYS A 20 -10.10 -4.74 -1.97
N THR A 21 -10.95 -4.00 -2.67
CA THR A 21 -11.33 -4.33 -4.04
C THR A 21 -10.38 -3.69 -5.04
N GLN A 22 -10.45 -4.14 -6.28
CA GLN A 22 -9.59 -3.61 -7.34
C GLN A 22 -9.49 -2.08 -7.23
N GLY A 23 -10.63 -1.42 -7.10
CA GLY A 23 -10.65 0.02 -6.99
C GLY A 23 -9.72 0.54 -5.91
N GLN A 24 -10.05 0.21 -4.66
CA GLN A 24 -9.23 0.65 -3.53
C GLN A 24 -7.75 0.51 -3.83
N VAL A 25 -7.34 -0.70 -4.23
CA VAL A 25 -5.95 -0.96 -4.56
C VAL A 25 -5.44 -0.01 -5.63
N LYS A 26 -6.26 0.20 -6.65
CA LYS A 26 -5.90 1.08 -7.76
C LYS A 26 -5.61 2.49 -7.25
N ILE A 27 -6.44 2.97 -6.34
CA ILE A 27 -6.28 4.31 -5.77
C ILE A 27 -4.95 4.41 -5.02
N LEU A 28 -4.58 3.34 -4.32
CA LEU A 28 -3.35 3.31 -3.56
C LEU A 28 -2.14 3.18 -4.48
N GLU A 29 -2.11 2.10 -5.25
CA GLU A 29 -1.02 1.85 -6.18
C GLU A 29 -0.58 3.14 -6.87
N ASP A 30 -1.55 3.86 -7.44
CA ASP A 30 -1.27 5.11 -8.13
C ASP A 30 -0.67 6.13 -7.17
N SER A 31 -1.17 6.15 -5.93
CA SER A 31 -0.68 7.09 -4.93
C SER A 31 0.77 6.77 -4.54
N PHE A 32 1.08 5.47 -4.47
CA PHE A 32 2.42 5.04 -4.10
C PHE A 32 3.38 5.20 -5.29
N LEU A 33 3.08 4.49 -6.38
CA LEU A 33 3.91 4.55 -7.57
C LEU A 33 4.30 5.98 -7.89
N LYS A 34 3.42 6.92 -7.58
CA LYS A 34 3.67 8.33 -7.84
C LYS A 34 4.47 8.96 -6.69
N SER A 35 4.24 8.46 -5.48
CA SER A 35 4.94 8.96 -4.30
C SER A 35 4.95 7.92 -3.18
N SER A 36 6.08 7.25 -3.02
CA SER A 36 6.22 6.22 -1.99
C SER A 36 5.78 6.75 -0.64
N PHE A 37 6.17 7.98 -0.33
CA PHE A 37 5.82 8.61 0.95
C PHE A 37 4.78 9.70 0.74
N PRO A 38 3.51 9.38 1.06
CA PRO A 38 2.39 10.31 0.91
C PRO A 38 2.46 11.44 1.93
N THR A 39 1.45 12.31 1.90
CA THR A 39 1.40 13.45 2.81
C THR A 39 0.00 13.62 3.40
N GLN A 40 -0.09 14.27 4.55
CA GLN A 40 -1.38 14.50 5.20
C GLN A 40 -2.48 14.71 4.17
N ALA A 41 -2.28 15.68 3.28
CA ALA A 41 -3.26 15.98 2.25
C ALA A 41 -3.61 14.73 1.44
N GLU A 42 -2.60 14.12 0.84
CA GLU A 42 -2.81 12.92 0.04
C GLU A 42 -3.56 11.86 0.83
N LEU A 43 -2.90 11.32 1.86
CA LEU A 43 -3.51 10.30 2.70
C LEU A 43 -4.99 10.59 2.93
N ASP A 44 -5.28 11.76 3.50
CA ASP A 44 -6.65 12.17 3.77
C ASP A 44 -7.57 11.76 2.62
N ARG A 45 -7.11 11.97 1.40
CA ARG A 45 -7.90 11.63 0.21
C ARG A 45 -7.87 10.13 -0.04
N LEU A 46 -6.77 9.48 0.32
CA LEU A 46 -6.63 8.04 0.13
C LEU A 46 -7.60 7.28 1.05
N ARG A 47 -7.61 7.65 2.32
CA ARG A 47 -8.49 7.01 3.30
C ARG A 47 -9.94 7.08 2.85
N VAL A 48 -10.45 8.31 2.71
CA VAL A 48 -11.84 8.51 2.30
C VAL A 48 -12.12 7.81 0.98
N GLU A 49 -11.22 7.98 0.02
CA GLU A 49 -11.37 7.35 -1.29
C GLU A 49 -11.48 5.84 -1.17
N THR A 50 -10.41 5.21 -0.69
CA THR A 50 -10.38 3.76 -0.52
C THR A 50 -11.25 3.33 0.65
N LYS A 51 -11.77 4.31 1.40
CA LYS A 51 -12.61 4.02 2.54
C LYS A 51 -11.84 3.25 3.62
N LEU A 52 -10.63 3.71 3.92
CA LEU A 52 -9.80 3.06 4.92
C LEU A 52 -9.34 4.06 5.98
N SER A 53 -8.65 3.56 6.99
CA SER A 53 -8.16 4.42 8.08
C SER A 53 -6.65 4.68 7.92
N ARG A 54 -6.11 5.48 8.82
CA ARG A 54 -4.69 5.81 8.79
C ARG A 54 -3.83 4.55 8.89
N ARG A 55 -4.11 3.74 9.91
CA ARG A 55 -3.36 2.51 10.11
C ARG A 55 -3.51 1.58 8.92
N GLU A 56 -4.75 1.29 8.55
CA GLU A 56 -5.03 0.41 7.42
C GLU A 56 -4.07 0.67 6.27
N ILE A 57 -3.97 1.94 5.86
CA ILE A 57 -3.08 2.32 4.78
C ILE A 57 -1.61 2.22 5.20
N ASP A 58 -1.32 2.73 6.39
CA ASP A 58 0.04 2.70 6.91
C ASP A 58 0.69 1.33 6.67
N SER A 59 -0.09 0.27 6.89
CA SER A 59 0.40 -1.09 6.70
C SER A 59 0.65 -1.37 5.23
N TRP A 60 -0.27 -0.96 4.38
CA TRP A 60 -0.15 -1.16 2.94
C TRP A 60 1.15 -0.59 2.42
N PHE A 61 1.37 0.70 2.68
CA PHE A 61 2.59 1.36 2.23
C PHE A 61 3.81 0.83 2.95
N SER A 62 3.73 0.77 4.28
CA SER A 62 4.84 0.29 5.09
C SER A 62 5.42 -0.99 4.50
N GLU A 63 4.55 -1.87 4.03
CA GLU A 63 4.98 -3.14 3.44
C GLU A 63 5.35 -2.94 1.97
N ARG A 64 4.55 -2.16 1.25
CA ARG A 64 4.79 -1.90 -0.16
C ARG A 64 6.22 -1.40 -0.38
N ARG A 65 6.68 -0.52 0.50
CA ARG A 65 8.02 0.04 0.40
C ARG A 65 9.07 -1.06 0.44
N LYS A 66 8.93 -1.98 1.41
CA LYS A 66 9.86 -3.09 1.56
C LYS A 66 10.16 -3.73 0.22
N LEU A 67 9.13 -3.87 -0.61
CA LEU A 67 9.28 -4.47 -1.94
C LEU A 67 10.28 -3.69 -2.78
N ARG A 68 10.26 -2.37 -2.64
CA ARG A 68 11.16 -1.50 -3.39
C ARG A 68 12.57 -1.55 -2.81
N ASP A 69 12.65 -1.46 -1.48
CA ASP A 69 13.94 -1.49 -0.80
C ASP A 69 14.72 -2.74 -1.16
N SER A 70 14.02 -3.88 -1.24
CA SER A 70 14.65 -5.15 -1.57
C SER A 70 15.41 -5.04 -2.89
N MET A 71 16.06 -6.14 -3.28
CA MET A 71 16.83 -6.17 -4.52
C MET A 71 15.90 -6.31 -5.73
N GLU A 72 14.60 -6.21 -5.49
CA GLU A 72 13.60 -6.33 -6.56
C GLU A 72 13.94 -5.39 -7.71
N GLN A 73 13.29 -5.61 -8.85
CA GLN A 73 13.51 -4.79 -10.03
C GLN A 73 13.53 -3.30 -9.66
N ALA A 74 12.74 -2.94 -8.66
CA ALA A 74 12.66 -1.55 -8.23
C ALA A 74 13.93 -1.15 -7.48
N VAL A 75 14.42 0.06 -7.76
CA VAL A 75 15.62 0.57 -7.12
C VAL A 75 15.31 1.74 -6.19
N LEU A 76 15.97 1.76 -5.04
CA LEU A 76 15.76 2.82 -4.06
C LEU A 76 16.78 3.95 -4.25
N ASP A 77 16.27 5.14 -4.53
CA ASP A 77 17.14 6.30 -4.73
C ASP A 77 17.74 6.77 -3.40
N SER A 78 19.04 6.53 -3.23
CA SER A 78 19.74 6.91 -2.02
C SER A 78 19.97 8.42 -1.98
N MET A 79 19.68 9.03 -0.83
CA MET A 79 19.87 10.47 -0.68
C MET A 79 20.70 10.77 0.57
N GLY A 80 21.97 11.08 0.38
CA GLY A 80 22.85 11.38 1.48
C GLY A 80 23.18 10.17 2.32
N SER A 81 24.42 9.70 2.22
CA SER A 81 24.86 8.52 2.96
C SER A 81 26.37 8.56 3.20
N GLY A 82 26.81 7.91 4.26
CA GLY A 82 28.22 7.87 4.59
C GLY A 82 28.85 6.52 4.34
N LYS A 83 30.01 6.51 3.69
CA LYS A 83 30.71 5.27 3.39
C LYS A 83 31.22 4.61 4.66
N SER A 84 30.73 3.39 4.92
CA SER A 84 31.13 2.64 6.11
C SER A 84 32.22 1.64 5.78
N GLY A 85 33.13 1.43 6.72
CA GLY A 85 34.23 0.50 6.51
C GLY A 85 34.70 -0.14 7.80
N PRO A 86 34.01 -1.22 8.22
CA PRO A 86 34.36 -1.94 9.46
C PRO A 86 35.68 -2.70 9.34
N SER A 87 36.44 -2.72 10.42
CA SER A 87 37.72 -3.41 10.44
C SER A 87 37.89 -4.21 11.73
N SER A 88 38.39 -5.44 11.58
CA SER A 88 38.60 -6.31 12.73
C SER A 88 40.04 -6.24 13.22
N GLY A 89 40.21 -5.79 14.47
CA GLY A 89 41.54 -5.67 15.03
C GLY A 89 42.05 -6.98 15.60
N GLY A 1 -13.89 -45.59 -24.01
CA GLY A 1 -13.58 -44.93 -22.75
C GLY A 1 -14.59 -43.86 -22.39
N SER A 2 -14.12 -42.62 -22.30
CA SER A 2 -15.00 -41.51 -21.95
C SER A 2 -15.68 -41.75 -20.61
N SER A 3 -14.91 -42.23 -19.64
CA SER A 3 -15.43 -42.51 -18.30
C SER A 3 -14.77 -41.63 -17.26
N GLY A 4 -15.55 -41.16 -16.29
CA GLY A 4 -15.02 -40.31 -15.25
C GLY A 4 -16.02 -39.28 -14.76
N SER A 5 -15.70 -38.61 -13.66
CA SER A 5 -16.59 -37.60 -13.09
C SER A 5 -15.88 -36.25 -13.00
N SER A 6 -16.58 -35.20 -13.45
CA SER A 6 -16.01 -33.86 -13.42
C SER A 6 -16.94 -32.90 -12.68
N GLY A 7 -16.44 -32.32 -11.59
CA GLY A 7 -17.24 -31.39 -10.82
C GLY A 7 -16.39 -30.44 -10.00
N ALA A 8 -17.04 -29.50 -9.32
CA ALA A 8 -16.33 -28.51 -8.50
C ALA A 8 -16.65 -28.70 -7.02
N TYR A 9 -15.91 -28.00 -6.17
CA TYR A 9 -16.11 -28.08 -4.74
C TYR A 9 -16.23 -26.70 -4.12
N PRO A 10 -17.10 -26.57 -3.09
CA PRO A 10 -17.33 -25.30 -2.40
C PRO A 10 -16.13 -24.88 -1.55
N ASP A 11 -15.45 -23.83 -1.99
CA ASP A 11 -14.28 -23.33 -1.28
C ASP A 11 -14.69 -22.28 -0.25
N PHE A 12 -14.12 -22.38 0.95
CA PHE A 12 -14.42 -21.45 2.02
C PHE A 12 -13.19 -20.64 2.40
N ALA A 13 -13.42 -19.41 2.86
CA ALA A 13 -12.33 -18.53 3.26
C ALA A 13 -11.87 -18.83 4.69
N PRO A 14 -10.59 -19.19 4.83
CA PRO A 14 -10.00 -19.50 6.14
C PRO A 14 -9.86 -18.28 7.03
N GLN A 15 -10.02 -17.10 6.43
CA GLN A 15 -9.92 -15.85 7.17
C GLN A 15 -11.23 -15.07 7.13
N LYS A 16 -11.61 -14.50 8.27
CA LYS A 16 -12.84 -13.73 8.34
C LYS A 16 -12.75 -12.46 7.51
N PHE A 17 -11.60 -11.80 7.56
CA PHE A 17 -11.38 -10.58 6.81
C PHE A 17 -11.32 -10.86 5.32
N LYS A 18 -11.65 -9.85 4.51
CA LYS A 18 -11.62 -10.00 3.06
C LYS A 18 -10.46 -9.22 2.45
N GLU A 19 -10.27 -9.36 1.14
CA GLU A 19 -9.19 -8.66 0.45
C GLU A 19 -9.62 -7.26 0.03
N LYS A 20 -8.65 -6.43 -0.32
CA LYS A 20 -8.92 -5.06 -0.73
C LYS A 20 -9.56 -5.03 -2.11
N THR A 21 -10.62 -4.24 -2.25
CA THR A 21 -11.33 -4.12 -3.53
C THR A 21 -10.44 -3.46 -4.58
N GLN A 22 -10.54 -3.94 -5.82
CA GLN A 22 -9.75 -3.41 -6.91
C GLN A 22 -9.63 -1.90 -6.81
N GLY A 23 -10.77 -1.21 -6.80
CA GLY A 23 -10.76 0.24 -6.71
C GLY A 23 -9.84 0.74 -5.62
N GLN A 24 -10.15 0.39 -4.37
CA GLN A 24 -9.35 0.80 -3.24
C GLN A 24 -7.86 0.67 -3.53
N VAL A 25 -7.45 -0.53 -3.94
CA VAL A 25 -6.06 -0.81 -4.26
C VAL A 25 -5.55 0.15 -5.35
N LYS A 26 -6.35 0.33 -6.40
CA LYS A 26 -5.99 1.21 -7.50
C LYS A 26 -5.75 2.63 -7.00
N ILE A 27 -6.56 3.06 -6.03
CA ILE A 27 -6.43 4.40 -5.47
C ILE A 27 -5.13 4.55 -4.69
N LEU A 28 -4.70 3.46 -4.06
CA LEU A 28 -3.47 3.47 -3.28
C LEU A 28 -2.25 3.37 -4.19
N GLU A 29 -2.21 2.33 -5.02
CA GLU A 29 -1.11 2.11 -5.93
C GLU A 29 -0.77 3.40 -6.69
N ASP A 30 -1.81 4.11 -7.13
CA ASP A 30 -1.62 5.36 -7.87
C ASP A 30 -0.79 6.35 -7.05
N SER A 31 -1.08 6.42 -5.76
CA SER A 31 -0.36 7.34 -4.87
C SER A 31 1.06 6.84 -4.62
N PHE A 32 1.19 5.62 -4.12
CA PHE A 32 2.49 5.03 -3.85
C PHE A 32 3.39 5.09 -5.07
N LEU A 33 2.99 4.38 -6.13
CA LEU A 33 3.77 4.36 -7.37
C LEU A 33 4.39 5.72 -7.64
N LYS A 34 3.64 6.78 -7.36
CA LYS A 34 4.12 8.14 -7.58
C LYS A 34 5.10 8.56 -6.48
N SER A 35 4.67 8.42 -5.23
CA SER A 35 5.50 8.78 -4.09
C SER A 35 5.29 7.82 -2.93
N SER A 36 6.25 6.92 -2.72
CA SER A 36 6.17 5.94 -1.66
C SER A 36 5.60 6.57 -0.38
N PHE A 37 6.07 7.77 -0.06
CA PHE A 37 5.61 8.48 1.12
C PHE A 37 4.69 9.63 0.75
N PRO A 38 3.38 9.41 0.91
CA PRO A 38 2.36 10.43 0.60
C PRO A 38 2.39 11.60 1.56
N THR A 39 1.56 12.61 1.29
CA THR A 39 1.49 13.79 2.15
C THR A 39 0.13 13.89 2.84
N GLN A 40 0.08 14.70 3.88
CA GLN A 40 -1.16 14.89 4.63
C GLN A 40 -2.36 15.01 3.69
N ALA A 41 -2.35 16.04 2.86
CA ALA A 41 -3.43 16.27 1.91
C ALA A 41 -3.75 14.99 1.13
N GLU A 42 -2.74 14.42 0.50
CA GLU A 42 -2.92 13.19 -0.27
C GLU A 42 -3.63 12.13 0.55
N LEU A 43 -2.96 11.64 1.59
CA LEU A 43 -3.53 10.61 2.46
C LEU A 43 -4.99 10.91 2.75
N ASP A 44 -5.25 12.07 3.34
CA ASP A 44 -6.62 12.46 3.68
C ASP A 44 -7.60 12.03 2.59
N ARG A 45 -7.18 12.19 1.33
CA ARG A 45 -8.02 11.82 0.20
C ARG A 45 -8.01 10.31 -0.01
N LEU A 46 -6.85 9.69 0.19
CA LEU A 46 -6.70 8.25 0.03
C LEU A 46 -7.61 7.50 1.00
N ARG A 47 -7.57 7.90 2.26
CA ARG A 47 -8.38 7.26 3.29
C ARG A 47 -9.86 7.29 2.91
N VAL A 48 -10.44 8.49 2.87
CA VAL A 48 -11.84 8.65 2.52
C VAL A 48 -12.17 7.92 1.23
N GLU A 49 -11.41 8.21 0.18
CA GLU A 49 -11.63 7.57 -1.12
C GLU A 49 -11.70 6.05 -0.98
N THR A 50 -10.61 5.46 -0.52
CA THR A 50 -10.55 4.01 -0.34
C THR A 50 -11.41 3.56 0.83
N LYS A 51 -11.94 4.53 1.56
CA LYS A 51 -12.79 4.25 2.72
C LYS A 51 -12.02 3.48 3.78
N LEU A 52 -10.79 3.91 4.04
CA LEU A 52 -9.93 3.26 5.05
C LEU A 52 -9.36 4.29 6.02
N SER A 53 -8.74 3.79 7.08
CA SER A 53 -8.14 4.67 8.09
C SER A 53 -6.64 4.79 7.87
N ARG A 54 -6.01 5.69 8.62
CA ARG A 54 -4.58 5.91 8.52
C ARG A 54 -3.81 4.60 8.70
N ARG A 55 -4.17 3.85 9.74
CA ARG A 55 -3.52 2.57 10.02
C ARG A 55 -3.74 1.58 8.89
N GLU A 56 -5.01 1.44 8.48
CA GLU A 56 -5.36 0.53 7.40
C GLU A 56 -4.40 0.68 6.22
N ILE A 57 -4.18 1.92 5.80
CA ILE A 57 -3.29 2.20 4.68
C ILE A 57 -1.83 2.03 5.09
N ASP A 58 -1.46 2.68 6.19
CA ASP A 58 -0.09 2.61 6.70
C ASP A 58 0.49 1.21 6.48
N SER A 59 -0.28 0.18 6.84
CA SER A 59 0.17 -1.19 6.69
C SER A 59 0.49 -1.51 5.22
N TRP A 60 -0.45 -1.20 4.35
CA TRP A 60 -0.27 -1.45 2.92
C TRP A 60 1.04 -0.84 2.43
N PHE A 61 1.24 0.44 2.68
CA PHE A 61 2.45 1.14 2.27
C PHE A 61 3.68 0.51 2.91
N SER A 62 3.62 0.32 4.23
CA SER A 62 4.73 -0.27 4.96
C SER A 62 5.24 -1.54 4.28
N GLU A 63 4.30 -2.41 3.89
CA GLU A 63 4.65 -3.65 3.22
C GLU A 63 5.07 -3.40 1.78
N ARG A 64 4.32 -2.53 1.09
CA ARG A 64 4.61 -2.20 -0.29
C ARG A 64 6.11 -2.02 -0.51
N ARG A 65 6.68 -1.00 0.12
CA ARG A 65 8.10 -0.72 -0.01
C ARG A 65 8.92 -2.01 0.08
N LYS A 66 8.53 -2.89 0.99
CA LYS A 66 9.22 -4.15 1.18
C LYS A 66 8.99 -5.08 -0.02
N LEU A 67 7.75 -5.53 -0.17
CA LEU A 67 7.39 -6.42 -1.27
C LEU A 67 7.96 -5.91 -2.59
N ARG A 68 8.11 -4.59 -2.69
CA ARG A 68 8.64 -3.98 -3.90
C ARG A 68 10.16 -4.14 -3.98
N ASP A 69 10.82 -3.97 -2.84
CA ASP A 69 12.27 -4.10 -2.78
C ASP A 69 12.71 -5.49 -3.21
N SER A 70 12.05 -6.51 -2.67
CA SER A 70 12.38 -7.89 -3.00
C SER A 70 11.99 -8.21 -4.45
N MET A 71 12.66 -9.20 -5.02
CA MET A 71 12.39 -9.62 -6.39
C MET A 71 11.68 -10.96 -6.43
N GLU A 72 10.38 -10.93 -6.70
CA GLU A 72 9.58 -12.15 -6.77
C GLU A 72 8.90 -12.29 -8.12
N GLN A 73 8.45 -13.50 -8.44
CA GLN A 73 7.78 -13.76 -9.70
C GLN A 73 6.70 -14.83 -9.54
N ALA A 74 5.46 -14.47 -9.87
CA ALA A 74 4.35 -15.40 -9.76
C ALA A 74 3.24 -15.04 -10.75
N VAL A 75 2.22 -15.90 -10.81
CA VAL A 75 1.09 -15.67 -11.71
C VAL A 75 -0.23 -15.95 -11.01
N LEU A 76 -1.12 -14.95 -11.01
CA LEU A 76 -2.43 -15.10 -10.38
C LEU A 76 -3.51 -15.31 -11.43
N ASP A 77 -4.73 -15.60 -10.96
CA ASP A 77 -5.86 -15.83 -11.86
C ASP A 77 -6.71 -14.57 -11.97
N SER A 78 -7.33 -14.40 -13.14
CA SER A 78 -8.18 -13.23 -13.39
C SER A 78 -9.61 -13.50 -12.94
N MET A 79 -10.05 -12.77 -11.93
CA MET A 79 -11.40 -12.92 -11.41
C MET A 79 -11.98 -11.58 -10.98
N GLY A 80 -12.98 -11.11 -11.72
CA GLY A 80 -13.61 -9.84 -11.42
C GLY A 80 -13.78 -8.96 -12.64
N SER A 81 -15.02 -8.56 -12.91
CA SER A 81 -15.31 -7.72 -14.07
C SER A 81 -14.88 -6.28 -13.80
N GLY A 82 -15.41 -5.69 -12.74
CA GLY A 82 -15.07 -4.32 -12.40
C GLY A 82 -16.23 -3.36 -12.63
N LYS A 83 -15.91 -2.11 -12.92
CA LYS A 83 -16.93 -1.10 -13.17
C LYS A 83 -17.03 -0.78 -14.66
N SER A 84 -18.08 -1.26 -15.30
CA SER A 84 -18.29 -1.03 -16.71
C SER A 84 -19.39 0.01 -16.94
N GLY A 85 -18.98 1.21 -17.36
CA GLY A 85 -19.93 2.27 -17.60
C GLY A 85 -21.04 1.86 -18.54
N PRO A 86 -22.20 2.54 -18.45
CA PRO A 86 -23.36 2.25 -19.29
C PRO A 86 -23.13 2.65 -20.74
N SER A 87 -23.63 1.83 -21.66
CA SER A 87 -23.48 2.10 -23.08
C SER A 87 -24.26 3.35 -23.48
N SER A 88 -25.58 3.30 -23.32
CA SER A 88 -26.43 4.43 -23.67
C SER A 88 -26.58 5.38 -22.49
N GLY A 89 -26.52 6.68 -22.77
CA GLY A 89 -26.65 7.68 -21.72
C GLY A 89 -27.96 8.42 -21.79
N GLY A 1 22.49 -14.66 22.78
CA GLY A 1 21.12 -14.27 22.54
C GLY A 1 20.33 -14.06 23.82
N SER A 2 20.96 -13.42 24.80
CA SER A 2 20.32 -13.17 26.08
C SER A 2 19.04 -12.35 25.90
N SER A 3 19.15 -11.23 25.20
CA SER A 3 18.01 -10.36 24.97
C SER A 3 16.88 -11.13 24.28
N GLY A 4 17.17 -11.66 23.10
CA GLY A 4 16.18 -12.42 22.35
C GLY A 4 16.28 -12.20 20.86
N SER A 5 16.47 -13.28 20.12
CA SER A 5 16.60 -13.21 18.67
C SER A 5 15.55 -12.26 18.08
N SER A 6 14.28 -12.60 18.27
CA SER A 6 13.19 -11.79 17.76
C SER A 6 11.93 -11.98 18.61
N GLY A 7 11.32 -10.86 19.00
CA GLY A 7 10.12 -10.92 19.81
C GLY A 7 8.86 -11.01 18.97
N ALA A 8 7.92 -11.83 19.40
CA ALA A 8 6.66 -12.01 18.68
C ALA A 8 5.50 -11.41 19.46
N TYR A 9 4.71 -10.58 18.79
CA TYR A 9 3.56 -9.93 19.43
C TYR A 9 2.36 -9.92 18.49
N PRO A 10 1.17 -10.17 19.05
CA PRO A 10 -0.08 -10.19 18.29
C PRO A 10 -0.50 -8.80 17.81
N ASP A 11 -1.17 -8.75 16.67
CA ASP A 11 -1.62 -7.48 16.11
C ASP A 11 -2.79 -7.69 15.16
N PHE A 12 -3.76 -6.78 15.20
CA PHE A 12 -4.93 -6.86 14.34
C PHE A 12 -4.59 -6.48 12.90
N ALA A 13 -5.34 -7.03 11.96
CA ALA A 13 -5.12 -6.75 10.55
C ALA A 13 -3.76 -7.26 10.09
N PRO A 14 -3.41 -8.49 10.50
CA PRO A 14 -2.14 -9.12 10.14
C PRO A 14 -2.07 -9.48 8.66
N GLN A 15 -0.91 -9.98 8.25
CA GLN A 15 -0.70 -10.37 6.85
C GLN A 15 -1.94 -11.07 6.30
N LYS A 16 -2.52 -11.96 7.09
CA LYS A 16 -3.71 -12.69 6.68
C LYS A 16 -4.98 -11.96 7.12
N PHE A 17 -6.12 -12.45 6.65
CA PHE A 17 -7.41 -11.84 7.00
C PHE A 17 -7.45 -10.38 6.56
N LYS A 18 -6.96 -10.12 5.36
CA LYS A 18 -6.95 -8.76 4.82
C LYS A 18 -7.16 -8.77 3.30
N GLU A 19 -8.08 -7.95 2.83
CA GLU A 19 -8.38 -7.85 1.40
C GLU A 19 -8.81 -6.45 1.02
N LYS A 20 -8.69 -6.13 -0.26
CA LYS A 20 -9.08 -4.81 -0.76
C LYS A 20 -9.62 -4.90 -2.19
N THR A 21 -10.52 -4.00 -2.53
CA THR A 21 -11.12 -3.98 -3.86
C THR A 21 -10.25 -3.17 -4.83
N GLN A 22 -10.30 -3.53 -6.11
CA GLN A 22 -9.54 -2.84 -7.13
C GLN A 22 -9.70 -1.33 -7.01
N GLY A 23 -10.93 -0.90 -6.77
CA GLY A 23 -11.21 0.52 -6.63
C GLY A 23 -10.37 1.17 -5.55
N GLN A 24 -10.09 0.42 -4.49
CA GLN A 24 -9.29 0.93 -3.38
C GLN A 24 -7.80 0.80 -3.67
N VAL A 25 -7.41 -0.36 -4.19
CA VAL A 25 -6.01 -0.62 -4.52
C VAL A 25 -5.49 0.37 -5.56
N LYS A 26 -6.31 0.65 -6.56
CA LYS A 26 -5.93 1.58 -7.61
C LYS A 26 -5.61 2.95 -7.04
N ILE A 27 -6.47 3.43 -6.14
CA ILE A 27 -6.28 4.73 -5.52
C ILE A 27 -4.95 4.79 -4.77
N LEU A 28 -4.59 3.67 -4.13
CA LEU A 28 -3.35 3.60 -3.38
C LEU A 28 -2.15 3.45 -4.32
N GLU A 29 -2.12 2.36 -5.06
CA GLU A 29 -1.02 2.10 -6.01
C GLU A 29 -0.59 3.40 -6.69
N ASP A 30 -1.56 4.22 -7.07
CA ASP A 30 -1.28 5.48 -7.74
C ASP A 30 -0.45 6.39 -6.84
N SER A 31 -0.90 6.56 -5.60
CA SER A 31 -0.19 7.41 -4.65
C SER A 31 1.19 6.87 -4.35
N PHE A 32 1.29 5.55 -4.23
CA PHE A 32 2.56 4.90 -3.94
C PHE A 32 3.51 4.99 -5.14
N LEU A 33 3.12 4.36 -6.24
CA LEU A 33 3.93 4.37 -7.45
C LEU A 33 4.46 5.77 -7.73
N LYS A 34 3.64 6.78 -7.44
CA LYS A 34 4.04 8.16 -7.66
C LYS A 34 4.89 8.68 -6.51
N SER A 35 4.55 8.24 -5.30
CA SER A 35 5.28 8.67 -4.10
C SER A 35 5.16 7.64 -2.99
N SER A 36 6.24 6.91 -2.74
CA SER A 36 6.24 5.88 -1.70
C SER A 36 5.59 6.40 -0.42
N PHE A 37 5.91 7.64 -0.06
CA PHE A 37 5.36 8.26 1.14
C PHE A 37 4.50 9.47 0.79
N PRO A 38 3.17 9.27 0.83
CA PRO A 38 2.21 10.33 0.51
C PRO A 38 2.17 11.42 1.58
N THR A 39 1.52 12.54 1.26
CA THR A 39 1.42 13.65 2.20
C THR A 39 0.01 13.75 2.78
N GLN A 40 -0.10 14.39 3.93
CA GLN A 40 -1.39 14.56 4.60
C GLN A 40 -2.51 14.73 3.57
N ALA A 41 -2.37 15.75 2.73
CA ALA A 41 -3.38 16.03 1.70
C ALA A 41 -3.71 14.76 0.93
N GLU A 42 -2.70 14.16 0.31
CA GLU A 42 -2.90 12.93 -0.47
C GLU A 42 -3.65 11.88 0.35
N LEU A 43 -3.00 11.37 1.38
CA LEU A 43 -3.59 10.35 2.25
C LEU A 43 -5.04 10.72 2.59
N ASP A 44 -5.22 11.88 3.20
CA ASP A 44 -6.55 12.33 3.58
C ASP A 44 -7.58 11.95 2.52
N ARG A 45 -7.19 12.07 1.25
CA ARG A 45 -8.08 11.73 0.16
C ARG A 45 -8.13 10.22 -0.07
N LEU A 46 -6.99 9.56 0.11
CA LEU A 46 -6.90 8.12 -0.07
C LEU A 46 -7.81 7.39 0.91
N ARG A 47 -7.69 7.75 2.20
CA ARG A 47 -8.50 7.13 3.23
C ARG A 47 -9.98 7.19 2.88
N VAL A 48 -10.53 8.40 2.82
CA VAL A 48 -11.94 8.60 2.49
C VAL A 48 -12.31 7.85 1.21
N GLU A 49 -11.52 8.07 0.16
CA GLU A 49 -11.76 7.43 -1.13
C GLU A 49 -11.89 5.91 -0.95
N THR A 50 -10.80 5.29 -0.53
CA THR A 50 -10.79 3.83 -0.33
C THR A 50 -11.60 3.44 0.91
N LYS A 51 -12.06 4.44 1.65
CA LYS A 51 -12.83 4.21 2.86
C LYS A 51 -12.02 3.43 3.89
N LEU A 52 -10.77 3.85 4.07
CA LEU A 52 -9.89 3.20 5.03
C LEU A 52 -9.35 4.21 6.04
N SER A 53 -8.66 3.70 7.06
CA SER A 53 -8.09 4.56 8.10
C SER A 53 -6.58 4.70 7.93
N ARG A 54 -5.99 5.59 8.71
CA ARG A 54 -4.54 5.82 8.65
C ARG A 54 -3.77 4.51 8.86
N ARG A 55 -4.13 3.79 9.91
CA ARG A 55 -3.48 2.52 10.22
C ARG A 55 -3.67 1.51 9.09
N GLU A 56 -4.92 1.34 8.67
CA GLU A 56 -5.23 0.41 7.59
C GLU A 56 -4.29 0.60 6.41
N ILE A 57 -4.22 1.83 5.91
CA ILE A 57 -3.35 2.14 4.78
C ILE A 57 -1.89 1.98 5.15
N ASP A 58 -1.49 2.57 6.27
CA ASP A 58 -0.11 2.48 6.74
C ASP A 58 0.47 1.11 6.45
N SER A 59 -0.19 0.07 6.95
CA SER A 59 0.27 -1.31 6.75
C SER A 59 0.47 -1.59 5.26
N TRP A 60 -0.52 -1.26 4.45
CA TRP A 60 -0.45 -1.49 3.02
C TRP A 60 0.83 -0.90 2.44
N PHE A 61 0.98 0.41 2.55
CA PHE A 61 2.16 1.10 2.04
C PHE A 61 3.43 0.51 2.65
N SER A 62 3.50 0.53 3.98
CA SER A 62 4.67 0.00 4.69
C SER A 62 5.13 -1.32 4.07
N GLU A 63 4.25 -2.31 4.10
CA GLU A 63 4.57 -3.63 3.55
C GLU A 63 4.94 -3.53 2.08
N ARG A 64 4.13 -2.79 1.32
CA ARG A 64 4.37 -2.61 -0.11
C ARG A 64 5.84 -2.34 -0.38
N ARG A 65 6.40 -1.35 0.32
CA ARG A 65 7.80 -0.98 0.14
C ARG A 65 8.68 -2.23 0.12
N LYS A 66 8.42 -3.16 1.03
CA LYS A 66 9.19 -4.40 1.11
C LYS A 66 9.07 -5.19 -0.19
N LEU A 67 7.85 -5.31 -0.70
CA LEU A 67 7.60 -6.04 -1.93
C LEU A 67 8.41 -5.47 -3.09
N ARG A 68 8.22 -4.18 -3.36
CA ARG A 68 8.94 -3.52 -4.44
C ARG A 68 10.45 -3.63 -4.24
N ASP A 69 10.90 -3.33 -3.03
CA ASP A 69 12.32 -3.39 -2.70
C ASP A 69 12.87 -4.79 -2.96
N SER A 70 12.14 -5.81 -2.52
CA SER A 70 12.56 -7.19 -2.70
C SER A 70 12.37 -7.63 -4.14
N MET A 71 13.08 -8.68 -4.54
CA MET A 71 13.00 -9.20 -5.90
C MET A 71 13.37 -8.12 -6.91
N GLU A 72 14.42 -7.36 -6.61
CA GLU A 72 14.88 -6.30 -7.49
C GLU A 72 15.10 -6.83 -8.91
N GLN A 73 15.87 -7.91 -9.02
CA GLN A 73 16.17 -8.51 -10.31
C GLN A 73 14.97 -9.31 -10.82
N ALA A 74 14.78 -9.30 -12.13
CA ALA A 74 13.68 -10.03 -12.75
C ALA A 74 14.19 -11.16 -13.64
N VAL A 75 13.45 -12.26 -13.68
CA VAL A 75 13.82 -13.41 -14.49
C VAL A 75 13.04 -13.45 -15.80
N LEU A 76 13.69 -13.90 -16.86
CA LEU A 76 13.05 -13.99 -18.17
C LEU A 76 12.09 -15.16 -18.23
N ASP A 77 10.84 -14.88 -18.59
CA ASP A 77 9.82 -15.92 -18.69
C ASP A 77 9.20 -15.94 -20.09
N SER A 78 8.99 -17.15 -20.61
CA SER A 78 8.41 -17.30 -21.94
C SER A 78 6.89 -17.16 -21.89
N MET A 79 6.29 -16.95 -23.06
CA MET A 79 4.85 -16.79 -23.16
C MET A 79 4.25 -17.85 -24.08
N GLY A 80 3.48 -18.77 -23.52
CA GLY A 80 2.86 -19.81 -24.31
C GLY A 80 1.49 -19.41 -24.83
N SER A 81 1.20 -19.79 -26.07
CA SER A 81 -0.08 -19.46 -26.69
C SER A 81 -1.19 -20.38 -26.18
N GLY A 82 -2.39 -19.83 -26.06
CA GLY A 82 -3.52 -20.62 -25.58
C GLY A 82 -4.23 -21.34 -26.71
N LYS A 83 -5.21 -20.65 -27.32
CA LYS A 83 -5.98 -21.23 -28.41
C LYS A 83 -6.81 -22.41 -27.92
N SER A 84 -7.42 -22.25 -26.75
CA SER A 84 -8.25 -23.31 -26.17
C SER A 84 -9.54 -23.47 -26.96
N GLY A 85 -10.18 -22.35 -27.28
CA GLY A 85 -11.42 -22.39 -28.02
C GLY A 85 -12.60 -21.87 -27.22
N PRO A 86 -13.07 -20.65 -27.57
CA PRO A 86 -14.20 -20.02 -26.88
C PRO A 86 -15.52 -20.72 -27.18
N SER A 87 -16.27 -21.02 -26.12
CA SER A 87 -17.56 -21.69 -26.26
C SER A 87 -18.61 -20.75 -26.85
N SER A 88 -19.32 -21.23 -27.86
CA SER A 88 -20.35 -20.43 -28.51
C SER A 88 -21.65 -20.46 -27.72
N GLY A 89 -22.09 -21.66 -27.34
CA GLY A 89 -23.31 -21.81 -26.58
C GLY A 89 -23.17 -21.29 -25.16
N GLY A 1 8.88 21.79 -2.85
CA GLY A 1 8.26 20.70 -2.11
C GLY A 1 8.37 20.88 -0.61
N SER A 2 7.24 20.78 0.08
CA SER A 2 7.21 20.94 1.53
C SER A 2 6.60 19.71 2.19
N SER A 3 7.26 19.23 3.24
CA SER A 3 6.80 18.06 3.97
C SER A 3 6.02 18.46 5.22
N GLY A 4 5.48 17.47 5.91
CA GLY A 4 4.71 17.73 7.12
C GLY A 4 4.08 16.49 7.70
N SER A 5 4.84 15.39 7.72
CA SER A 5 4.35 14.13 8.25
C SER A 5 4.84 13.91 9.67
N SER A 6 3.91 13.91 10.62
CA SER A 6 4.25 13.71 12.03
C SER A 6 5.15 12.50 12.20
N GLY A 7 4.68 11.35 11.74
CA GLY A 7 5.46 10.12 11.85
C GLY A 7 4.66 8.98 12.41
N ALA A 8 4.94 7.77 11.94
CA ALA A 8 4.23 6.58 12.40
C ALA A 8 4.46 6.35 13.89
N TYR A 9 3.70 5.43 14.47
CA TYR A 9 3.81 5.12 15.90
C TYR A 9 3.40 3.68 16.18
N PRO A 10 3.99 3.09 17.22
CA PRO A 10 3.70 1.71 17.62
C PRO A 10 2.30 1.56 18.20
N ASP A 11 1.76 0.34 18.13
CA ASP A 11 0.43 0.07 18.66
C ASP A 11 0.43 -1.17 19.53
N PHE A 12 -0.42 -1.18 20.55
CA PHE A 12 -0.51 -2.31 21.47
C PHE A 12 -1.23 -3.48 20.81
N ALA A 13 -2.38 -3.21 20.21
CA ALA A 13 -3.17 -4.24 19.55
C ALA A 13 -2.47 -4.74 18.28
N PRO A 14 -2.71 -5.99 17.92
CA PRO A 14 -2.12 -6.61 16.73
C PRO A 14 -2.69 -6.03 15.44
N GLN A 15 -1.97 -6.24 14.33
CA GLN A 15 -2.41 -5.74 13.03
C GLN A 15 -3.45 -6.67 12.42
N LYS A 16 -4.57 -6.08 11.99
CA LYS A 16 -5.66 -6.85 11.38
C LYS A 16 -5.64 -6.70 9.86
N PHE A 17 -5.82 -7.81 9.16
CA PHE A 17 -5.83 -7.79 7.69
C PHE A 17 -7.25 -7.63 7.16
N LYS A 18 -7.43 -6.70 6.24
CA LYS A 18 -8.74 -6.44 5.65
C LYS A 18 -8.72 -6.73 4.15
N GLU A 19 -9.89 -6.98 3.59
CA GLU A 19 -10.02 -7.27 2.16
C GLU A 19 -10.14 -5.98 1.36
N LYS A 20 -9.09 -5.66 0.60
CA LYS A 20 -9.07 -4.45 -0.22
C LYS A 20 -9.50 -4.76 -1.65
N THR A 21 -10.54 -4.07 -2.11
CA THR A 21 -11.06 -4.26 -3.46
C THR A 21 -10.17 -3.59 -4.49
N GLN A 22 -10.31 -3.99 -5.75
CA GLN A 22 -9.52 -3.41 -6.83
C GLN A 22 -9.58 -1.89 -6.79
N GLY A 23 -10.77 -1.34 -6.98
CA GLY A 23 -10.94 0.11 -6.97
C GLY A 23 -10.06 0.78 -5.92
N GLN A 24 -10.12 0.27 -4.69
CA GLN A 24 -9.33 0.82 -3.60
C GLN A 24 -7.84 0.76 -3.91
N VAL A 25 -7.35 -0.46 -4.14
CA VAL A 25 -5.93 -0.66 -4.45
C VAL A 25 -5.48 0.27 -5.57
N LYS A 26 -6.30 0.40 -6.61
CA LYS A 26 -5.99 1.26 -7.74
C LYS A 26 -5.69 2.67 -7.28
N ILE A 27 -6.51 3.17 -6.35
CA ILE A 27 -6.33 4.52 -5.82
C ILE A 27 -4.99 4.66 -5.10
N LEU A 28 -4.63 3.63 -4.34
CA LEU A 28 -3.36 3.64 -3.61
C LEU A 28 -2.18 3.48 -4.56
N GLU A 29 -2.14 2.36 -5.27
CA GLU A 29 -1.05 2.09 -6.21
C GLU A 29 -0.63 3.37 -6.92
N ASP A 30 -1.60 4.12 -7.43
CA ASP A 30 -1.31 5.36 -8.14
C ASP A 30 -0.60 6.35 -7.22
N SER A 31 -1.04 6.41 -5.97
CA SER A 31 -0.45 7.32 -5.00
C SER A 31 0.95 6.87 -4.62
N PHE A 32 1.14 5.57 -4.46
CA PHE A 32 2.44 5.00 -4.10
C PHE A 32 3.40 5.07 -5.28
N LEU A 33 3.07 4.37 -6.35
CA LEU A 33 3.91 4.36 -7.55
C LEU A 33 4.42 5.75 -7.87
N LYS A 34 3.60 6.75 -7.60
CA LYS A 34 3.97 8.14 -7.86
C LYS A 34 4.77 8.72 -6.71
N SER A 35 4.42 8.32 -5.49
CA SER A 35 5.11 8.80 -4.30
C SER A 35 4.91 7.84 -3.13
N SER A 36 5.92 7.03 -2.86
CA SER A 36 5.86 6.06 -1.77
C SER A 36 5.40 6.73 -0.47
N PHE A 37 5.96 7.90 -0.19
CA PHE A 37 5.61 8.64 1.02
C PHE A 37 4.63 9.76 0.70
N PRO A 38 3.34 9.51 1.02
CA PRO A 38 2.28 10.50 0.78
C PRO A 38 2.38 11.70 1.70
N THR A 39 1.38 12.58 1.63
CA THR A 39 1.36 13.78 2.46
C THR A 39 0.01 13.95 3.14
N GLN A 40 0.01 14.64 4.28
CA GLN A 40 -1.22 14.87 5.04
C GLN A 40 -2.41 15.08 4.10
N ALA A 41 -2.18 15.83 3.03
CA ALA A 41 -3.23 16.11 2.06
C ALA A 41 -3.62 14.84 1.30
N GLU A 42 -2.63 14.23 0.66
CA GLU A 42 -2.87 13.01 -0.11
C GLU A 42 -3.57 11.95 0.75
N LEU A 43 -2.88 11.45 1.76
CA LEU A 43 -3.43 10.45 2.65
C LEU A 43 -4.90 10.73 2.94
N ASP A 44 -5.16 11.87 3.55
CA ASP A 44 -6.53 12.27 3.88
C ASP A 44 -7.50 11.86 2.77
N ARG A 45 -7.09 12.09 1.53
CA ARG A 45 -7.92 11.74 0.38
C ARG A 45 -7.87 10.24 0.10
N LEU A 46 -6.70 9.65 0.32
CA LEU A 46 -6.52 8.22 0.09
C LEU A 46 -7.46 7.40 0.97
N ARG A 47 -7.48 7.72 2.25
CA ARG A 47 -8.32 7.02 3.21
C ARG A 47 -9.77 7.04 2.76
N VAL A 48 -10.36 8.24 2.70
CA VAL A 48 -11.73 8.40 2.29
C VAL A 48 -11.98 7.78 0.91
N GLU A 49 -11.09 8.10 -0.03
CA GLU A 49 -11.21 7.57 -1.38
C GLU A 49 -11.32 6.05 -1.38
N THR A 50 -10.45 5.40 -0.61
CA THR A 50 -10.45 3.95 -0.51
C THR A 50 -11.35 3.47 0.63
N LYS A 51 -11.89 4.42 1.39
CA LYS A 51 -12.75 4.11 2.51
C LYS A 51 -12.02 3.28 3.56
N LEU A 52 -10.81 3.71 3.90
CA LEU A 52 -10.00 3.01 4.89
C LEU A 52 -9.49 3.97 5.96
N SER A 53 -8.83 3.42 6.98
CA SER A 53 -8.29 4.23 8.07
C SER A 53 -6.78 4.38 7.94
N ARG A 54 -6.22 5.25 8.77
CA ARG A 54 -4.78 5.49 8.76
C ARG A 54 -4.00 4.18 8.89
N ARG A 55 -4.50 3.29 9.75
CA ARG A 55 -3.86 2.00 9.96
C ARG A 55 -3.92 1.14 8.71
N GLU A 56 -5.12 1.02 8.13
CA GLU A 56 -5.31 0.23 6.92
C GLU A 56 -4.23 0.54 5.89
N ILE A 57 -4.08 1.83 5.57
CA ILE A 57 -3.09 2.26 4.60
C ILE A 57 -1.68 2.04 5.11
N ASP A 58 -1.38 2.61 6.28
CA ASP A 58 -0.06 2.46 6.89
C ASP A 58 0.52 1.07 6.61
N SER A 59 -0.24 0.04 6.95
CA SER A 59 0.21 -1.33 6.75
C SER A 59 0.49 -1.59 5.27
N TRP A 60 -0.47 -1.26 4.42
CA TRP A 60 -0.33 -1.46 2.99
C TRP A 60 0.95 -0.78 2.47
N PHE A 61 1.07 0.51 2.72
CA PHE A 61 2.24 1.27 2.28
C PHE A 61 3.51 0.69 2.88
N SER A 62 3.58 0.63 4.21
CA SER A 62 4.75 0.10 4.90
C SER A 62 5.25 -1.16 4.22
N GLU A 63 4.36 -2.15 4.08
CA GLU A 63 4.72 -3.40 3.44
C GLU A 63 5.10 -3.19 1.98
N ARG A 64 4.25 -2.50 1.24
CA ARG A 64 4.49 -2.23 -0.17
C ARG A 64 5.93 -1.78 -0.39
N ARG A 65 6.43 -0.95 0.52
CA ARG A 65 7.80 -0.44 0.43
C ARG A 65 8.81 -1.59 0.39
N LYS A 66 8.75 -2.45 1.39
CA LYS A 66 9.65 -3.59 1.47
C LYS A 66 9.92 -4.18 0.09
N LEU A 67 8.89 -4.78 -0.49
CA LEU A 67 9.00 -5.38 -1.82
C LEU A 67 9.74 -4.44 -2.77
N ARG A 68 9.48 -3.14 -2.64
CA ARG A 68 10.12 -2.15 -3.49
C ARG A 68 11.60 -2.03 -3.18
N ASP A 69 11.94 -2.07 -1.89
CA ASP A 69 13.32 -1.97 -1.46
C ASP A 69 14.12 -3.21 -1.86
N SER A 70 13.52 -4.38 -1.67
CA SER A 70 14.17 -5.64 -2.02
C SER A 70 15.44 -5.84 -1.18
N MET A 71 15.35 -5.53 0.11
CA MET A 71 16.49 -5.67 1.00
C MET A 71 16.73 -7.14 1.34
N GLU A 72 15.70 -7.81 1.85
CA GLU A 72 15.79 -9.21 2.21
C GLU A 72 15.83 -10.09 0.97
N GLN A 73 16.99 -10.70 0.71
CA GLN A 73 17.14 -11.57 -0.45
C GLN A 73 16.16 -12.73 -0.40
N ALA A 74 15.87 -13.30 -1.57
CA ALA A 74 14.94 -14.42 -1.67
C ALA A 74 15.56 -15.69 -1.10
N VAL A 75 14.77 -16.76 -1.06
CA VAL A 75 15.23 -18.04 -0.53
C VAL A 75 15.97 -18.84 -1.61
N LEU A 76 17.00 -19.56 -1.21
CA LEU A 76 17.78 -20.37 -2.13
C LEU A 76 17.95 -21.79 -1.61
N ASP A 77 18.21 -22.72 -2.52
CA ASP A 77 18.39 -24.12 -2.15
C ASP A 77 19.58 -24.28 -1.19
N SER A 78 19.78 -25.50 -0.71
CA SER A 78 20.86 -25.78 0.22
C SER A 78 22.22 -25.75 -0.50
N MET A 79 22.97 -24.69 -0.26
CA MET A 79 24.29 -24.53 -0.89
C MET A 79 25.29 -23.96 0.10
N GLY A 80 26.57 -24.14 -0.20
CA GLY A 80 27.62 -23.63 0.68
C GLY A 80 28.00 -22.20 0.36
N SER A 81 27.00 -21.32 0.30
CA SER A 81 27.25 -19.92 0.00
C SER A 81 26.05 -19.07 0.41
N GLY A 82 26.25 -17.75 0.45
CA GLY A 82 25.19 -16.85 0.83
C GLY A 82 25.36 -16.29 2.22
N LYS A 83 24.59 -15.26 2.55
CA LYS A 83 24.66 -14.63 3.87
C LYS A 83 23.92 -15.47 4.91
N SER A 84 24.39 -15.39 6.16
CA SER A 84 23.76 -16.15 7.25
C SER A 84 23.23 -15.19 8.32
N GLY A 85 21.99 -15.44 8.75
CA GLY A 85 21.39 -14.60 9.76
C GLY A 85 20.42 -15.37 10.64
N PRO A 86 20.01 -14.76 11.76
CA PRO A 86 19.07 -15.37 12.70
C PRO A 86 17.66 -15.48 12.13
N SER A 87 17.50 -15.05 10.88
CA SER A 87 16.20 -15.09 10.23
C SER A 87 15.62 -16.50 10.26
N SER A 88 14.56 -16.69 11.05
CA SER A 88 13.92 -18.00 11.17
C SER A 88 12.52 -17.97 10.56
N GLY A 89 12.28 -18.86 9.61
CA GLY A 89 10.98 -18.92 8.96
C GLY A 89 10.25 -20.21 9.27
N GLY A 1 -15.31 23.63 18.67
CA GLY A 1 -14.54 22.53 19.22
C GLY A 1 -13.90 22.87 20.55
N SER A 2 -14.71 22.93 21.60
CA SER A 2 -14.22 23.26 22.93
C SER A 2 -12.83 22.66 23.17
N SER A 3 -12.75 21.33 23.08
CA SER A 3 -11.50 20.63 23.28
C SER A 3 -11.54 19.23 22.67
N GLY A 4 -10.43 18.52 22.75
CA GLY A 4 -10.37 17.17 22.20
C GLY A 4 -9.18 16.39 22.72
N SER A 5 -9.43 15.51 23.69
CA SER A 5 -8.36 14.71 24.28
C SER A 5 -8.79 13.24 24.38
N SER A 6 -7.80 12.34 24.36
CA SER A 6 -8.08 10.91 24.45
C SER A 6 -7.18 10.26 25.49
N GLY A 7 -7.62 9.11 26.00
CA GLY A 7 -6.84 8.39 27.00
C GLY A 7 -6.57 6.96 26.59
N ALA A 8 -5.30 6.64 26.40
CA ALA A 8 -4.90 5.28 26.01
C ALA A 8 -4.86 4.35 27.22
N TYR A 9 -5.66 3.29 27.17
CA TYR A 9 -5.72 2.33 28.27
C TYR A 9 -5.51 0.91 27.76
N PRO A 10 -4.90 0.06 28.60
CA PRO A 10 -4.62 -1.33 28.25
C PRO A 10 -5.90 -2.17 28.18
N ASP A 11 -6.43 -2.31 26.97
CA ASP A 11 -7.65 -3.08 26.75
C ASP A 11 -7.39 -4.27 25.83
N PHE A 12 -8.11 -5.36 26.05
CA PHE A 12 -7.96 -6.56 25.23
C PHE A 12 -9.23 -6.84 24.44
N ALA A 13 -9.11 -6.81 23.12
CA ALA A 13 -10.25 -7.07 22.24
C ALA A 13 -9.79 -7.62 20.90
N PRO A 14 -10.56 -8.60 20.37
CA PRO A 14 -10.25 -9.23 19.08
C PRO A 14 -10.46 -8.29 17.91
N GLN A 15 -9.76 -8.55 16.81
CA GLN A 15 -9.88 -7.72 15.61
C GLN A 15 -9.71 -8.55 14.35
N LYS A 16 -9.96 -7.95 13.20
CA LYS A 16 -9.83 -8.62 11.92
C LYS A 16 -9.34 -7.67 10.84
N PHE A 17 -8.38 -8.14 10.04
CA PHE A 17 -7.82 -7.32 8.96
C PHE A 17 -8.86 -7.05 7.89
N LYS A 18 -8.88 -5.82 7.39
CA LYS A 18 -9.83 -5.41 6.36
C LYS A 18 -9.26 -5.65 4.97
N GLU A 19 -10.10 -6.11 4.06
CA GLU A 19 -9.68 -6.37 2.69
C GLU A 19 -9.92 -5.17 1.79
N LYS A 20 -9.32 -5.18 0.61
CA LYS A 20 -9.47 -4.08 -0.33
C LYS A 20 -9.87 -4.60 -1.72
N THR A 21 -10.74 -3.86 -2.40
CA THR A 21 -11.20 -4.26 -3.72
C THR A 21 -10.30 -3.67 -4.81
N GLN A 22 -10.35 -4.27 -5.99
CA GLN A 22 -9.53 -3.80 -7.12
C GLN A 22 -9.52 -2.28 -7.19
N GLY A 23 -10.70 -1.69 -7.06
CA GLY A 23 -10.80 -0.24 -7.11
C GLY A 23 -9.98 0.44 -6.04
N GLN A 24 -10.29 0.16 -4.78
CA GLN A 24 -9.57 0.75 -3.66
C GLN A 24 -8.06 0.64 -3.86
N VAL A 25 -7.59 -0.60 -4.03
CA VAL A 25 -6.17 -0.86 -4.24
C VAL A 25 -5.60 0.05 -5.32
N LYS A 26 -6.34 0.20 -6.41
CA LYS A 26 -5.92 1.03 -7.53
C LYS A 26 -5.62 2.45 -7.06
N ILE A 27 -6.48 2.98 -6.19
CA ILE A 27 -6.30 4.33 -5.68
C ILE A 27 -5.02 4.44 -4.84
N LEU A 28 -4.72 3.38 -4.10
CA LEU A 28 -3.52 3.35 -3.26
C LEU A 28 -2.27 3.21 -4.11
N GLU A 29 -2.31 2.29 -5.07
CA GLU A 29 -1.17 2.07 -5.95
C GLU A 29 -0.72 3.36 -6.61
N ASP A 30 -1.66 4.06 -7.24
CA ASP A 30 -1.37 5.32 -7.91
C ASP A 30 -0.66 6.28 -6.97
N SER A 31 -1.11 6.33 -5.73
CA SER A 31 -0.52 7.21 -4.73
C SER A 31 0.93 6.81 -4.44
N PHE A 32 1.14 5.53 -4.18
CA PHE A 32 2.47 5.01 -3.87
C PHE A 32 3.38 5.16 -5.09
N LEU A 33 3.08 4.42 -6.14
CA LEU A 33 3.88 4.47 -7.36
C LEU A 33 4.42 5.88 -7.61
N LYS A 34 3.63 6.88 -7.26
CA LYS A 34 4.04 8.28 -7.43
C LYS A 34 4.96 8.72 -6.29
N SER A 35 4.50 8.53 -5.06
CA SER A 35 5.28 8.91 -3.89
C SER A 35 5.20 7.84 -2.81
N SER A 36 6.27 7.08 -2.65
CA SER A 36 6.32 6.02 -1.66
C SER A 36 5.75 6.50 -0.33
N PHE A 37 6.08 7.74 0.05
CA PHE A 37 5.61 8.32 1.29
C PHE A 37 4.62 9.46 1.02
N PRO A 38 3.32 9.17 1.19
CA PRO A 38 2.26 10.16 0.98
C PRO A 38 2.26 11.24 2.04
N THR A 39 1.64 12.38 1.72
CA THR A 39 1.56 13.49 2.65
C THR A 39 0.17 13.62 3.25
N GLN A 40 0.07 14.29 4.39
CA GLN A 40 -1.21 14.48 5.06
C GLN A 40 -2.33 14.63 4.05
N ALA A 41 -2.26 15.70 3.25
CA ALA A 41 -3.28 15.97 2.25
C ALA A 41 -3.63 14.69 1.48
N GLU A 42 -2.61 14.04 0.92
CA GLU A 42 -2.81 12.81 0.15
C GLU A 42 -3.60 11.79 0.98
N LEU A 43 -2.97 11.26 2.02
CA LEU A 43 -3.61 10.28 2.89
C LEU A 43 -5.04 10.68 3.21
N ASP A 44 -5.24 11.97 3.50
CA ASP A 44 -6.55 12.48 3.83
C ASP A 44 -7.58 12.10 2.76
N ARG A 45 -7.13 12.08 1.51
CA ARG A 45 -8.01 11.72 0.40
C ARG A 45 -8.00 10.22 0.16
N LEU A 46 -6.85 9.60 0.39
CA LEU A 46 -6.71 8.16 0.20
C LEU A 46 -7.69 7.38 1.09
N ARG A 47 -7.71 7.74 2.37
CA ARG A 47 -8.60 7.08 3.32
C ARG A 47 -10.03 7.10 2.82
N VAL A 48 -10.63 8.29 2.77
CA VAL A 48 -12.00 8.44 2.30
C VAL A 48 -12.20 7.77 0.95
N GLU A 49 -11.30 8.07 0.01
CA GLU A 49 -11.38 7.49 -1.33
C GLU A 49 -11.54 5.99 -1.27
N THR A 50 -10.53 5.30 -0.74
CA THR A 50 -10.56 3.85 -0.63
C THR A 50 -11.49 3.41 0.51
N LYS A 51 -12.01 4.38 1.25
CA LYS A 51 -12.91 4.09 2.36
C LYS A 51 -12.22 3.25 3.43
N LEU A 52 -11.01 3.67 3.81
CA LEU A 52 -10.24 2.96 4.82
C LEU A 52 -9.59 3.93 5.79
N SER A 53 -9.06 3.40 6.89
CA SER A 53 -8.41 4.23 7.90
C SER A 53 -6.95 4.47 7.54
N ARG A 54 -6.45 5.66 7.90
CA ARG A 54 -5.06 6.02 7.62
C ARG A 54 -4.11 4.92 8.08
N ARG A 55 -4.49 4.22 9.13
CA ARG A 55 -3.67 3.14 9.68
C ARG A 55 -3.63 1.96 8.72
N GLU A 56 -4.80 1.58 8.21
CA GLU A 56 -4.90 0.45 7.29
C GLU A 56 -4.01 0.68 6.06
N ILE A 57 -4.01 1.91 5.56
CA ILE A 57 -3.20 2.25 4.40
C ILE A 57 -1.70 2.19 4.73
N ASP A 58 -1.34 2.70 5.89
CA ASP A 58 0.05 2.71 6.33
C ASP A 58 0.67 1.32 6.16
N SER A 59 0.01 0.31 6.71
CA SER A 59 0.50 -1.06 6.63
C SER A 59 0.71 -1.47 5.17
N TRP A 60 -0.24 -1.13 4.32
CA TRP A 60 -0.15 -1.47 2.90
C TRP A 60 1.08 -0.83 2.27
N PHE A 61 1.28 0.47 2.54
CA PHE A 61 2.41 1.19 1.98
C PHE A 61 3.72 0.58 2.45
N SER A 62 3.92 0.56 3.77
CA SER A 62 5.14 0.00 4.34
C SER A 62 5.55 -1.27 3.63
N GLU A 63 4.64 -2.24 3.58
CA GLU A 63 4.90 -3.51 2.91
C GLU A 63 5.30 -3.30 1.46
N ARG A 64 4.63 -2.37 0.80
CA ARG A 64 4.90 -2.06 -0.60
C ARG A 64 6.40 -1.87 -0.83
N ARG A 65 7.04 -1.16 0.08
CA ARG A 65 8.48 -0.90 -0.01
C ARG A 65 9.26 -2.21 -0.04
N LYS A 66 8.82 -3.17 0.75
CA LYS A 66 9.47 -4.48 0.81
C LYS A 66 9.42 -5.18 -0.54
N LEU A 67 8.21 -5.48 -0.99
CA LEU A 67 8.01 -6.16 -2.27
C LEU A 67 8.76 -5.43 -3.39
N ARG A 68 8.75 -4.11 -3.33
CA ARG A 68 9.42 -3.28 -4.33
C ARG A 68 10.94 -3.44 -4.23
N ASP A 69 11.44 -3.49 -3.00
CA ASP A 69 12.88 -3.63 -2.77
C ASP A 69 13.37 -5.02 -3.18
N SER A 70 12.58 -6.04 -2.85
CA SER A 70 12.93 -7.41 -3.19
C SER A 70 13.05 -7.58 -4.71
N MET A 71 13.94 -8.48 -5.13
CA MET A 71 14.16 -8.74 -6.55
C MET A 71 14.74 -7.51 -7.24
N GLU A 72 15.65 -6.83 -6.56
CA GLU A 72 16.29 -5.64 -7.11
C GLU A 72 17.17 -6.00 -8.30
N GLN A 73 17.58 -4.98 -9.05
CA GLN A 73 18.43 -5.19 -10.22
C GLN A 73 19.85 -5.55 -9.79
N ALA A 74 20.43 -6.57 -10.44
CA ALA A 74 21.78 -7.01 -10.13
C ALA A 74 22.32 -7.92 -11.23
N VAL A 75 23.57 -8.35 -11.07
CA VAL A 75 24.21 -9.22 -12.05
C VAL A 75 23.97 -10.69 -11.71
N LEU A 76 23.57 -11.47 -12.71
CA LEU A 76 23.30 -12.89 -12.51
C LEU A 76 23.59 -13.67 -13.80
N ASP A 77 23.98 -14.93 -13.63
CA ASP A 77 24.29 -15.79 -14.77
C ASP A 77 23.01 -16.26 -15.46
N SER A 78 23.15 -16.71 -16.70
CA SER A 78 22.00 -17.19 -17.46
C SER A 78 21.46 -18.50 -16.88
N MET A 79 20.21 -18.46 -16.44
CA MET A 79 19.57 -19.65 -15.87
C MET A 79 18.42 -20.13 -16.75
N GLY A 80 18.27 -21.45 -16.87
CA GLY A 80 17.22 -22.01 -17.68
C GLY A 80 17.29 -21.56 -19.12
N SER A 81 16.16 -21.10 -19.65
CA SER A 81 16.11 -20.64 -21.03
C SER A 81 15.12 -19.48 -21.18
N GLY A 82 15.44 -18.56 -22.09
CA GLY A 82 14.56 -17.42 -22.32
C GLY A 82 15.02 -16.19 -21.56
N LYS A 83 16.22 -15.70 -21.87
CA LYS A 83 16.77 -14.53 -21.21
C LYS A 83 15.72 -13.43 -21.08
N SER A 84 14.85 -13.33 -22.08
CA SER A 84 13.80 -12.32 -22.08
C SER A 84 12.84 -12.53 -20.92
N GLY A 85 12.04 -11.51 -20.62
CA GLY A 85 11.08 -11.61 -19.53
C GLY A 85 10.71 -10.25 -18.97
N PRO A 86 9.63 -9.66 -19.52
CA PRO A 86 9.15 -8.35 -19.09
C PRO A 86 8.54 -8.39 -17.69
N SER A 87 8.22 -7.21 -17.16
CA SER A 87 7.63 -7.12 -15.82
C SER A 87 6.60 -5.99 -15.76
N SER A 88 5.41 -6.30 -15.29
CA SER A 88 4.34 -5.32 -15.18
C SER A 88 4.83 -4.06 -14.47
N GLY A 89 5.57 -4.25 -13.39
CA GLY A 89 6.09 -3.12 -12.63
C GLY A 89 5.00 -2.29 -12.01
N GLY A 1 12.92 -44.53 24.10
CA GLY A 1 13.79 -44.40 22.94
C GLY A 1 14.19 -42.96 22.68
N SER A 2 15.40 -42.78 22.14
CA SER A 2 15.90 -41.45 21.85
C SER A 2 14.84 -40.60 21.15
N SER A 3 14.25 -41.15 20.09
CA SER A 3 13.22 -40.44 19.34
C SER A 3 11.87 -40.55 20.04
N GLY A 4 11.45 -41.79 20.33
CA GLY A 4 10.19 -42.00 20.99
C GLY A 4 9.00 -41.54 20.15
N SER A 5 8.36 -40.45 20.59
CA SER A 5 7.22 -39.92 19.87
C SER A 5 7.66 -39.16 18.63
N SER A 6 6.81 -39.18 17.60
CA SER A 6 7.11 -38.50 16.35
C SER A 6 7.19 -36.99 16.55
N GLY A 7 7.54 -36.27 15.49
CA GLY A 7 7.65 -34.82 15.57
C GLY A 7 6.29 -34.14 15.59
N ALA A 8 5.91 -33.56 14.46
CA ALA A 8 4.63 -32.87 14.35
C ALA A 8 4.53 -31.73 15.36
N TYR A 9 5.60 -30.97 15.48
CA TYR A 9 5.65 -29.84 16.40
C TYR A 9 4.50 -28.88 16.14
N PRO A 10 4.45 -28.33 14.91
CA PRO A 10 3.42 -27.39 14.51
C PRO A 10 2.04 -28.05 14.36
N ASP A 11 1.02 -27.40 14.88
CA ASP A 11 -0.34 -27.93 14.81
C ASP A 11 -0.99 -27.57 13.48
N PHE A 12 -2.15 -28.16 13.22
CA PHE A 12 -2.88 -27.90 11.97
C PHE A 12 -4.20 -27.19 12.26
N ALA A 13 -4.25 -25.89 11.96
CA ALA A 13 -5.45 -25.10 12.19
C ALA A 13 -5.77 -24.25 10.96
N PRO A 14 -7.08 -24.09 10.68
CA PRO A 14 -7.54 -23.30 9.53
C PRO A 14 -7.31 -21.81 9.72
N GLN A 15 -7.40 -21.05 8.63
CA GLN A 15 -7.18 -19.61 8.68
C GLN A 15 -7.81 -18.93 7.47
N LYS A 16 -7.99 -17.62 7.56
CA LYS A 16 -8.58 -16.85 6.47
C LYS A 16 -7.82 -15.54 6.27
N PHE A 17 -8.00 -14.94 5.09
CA PHE A 17 -7.34 -13.68 4.77
C PHE A 17 -8.26 -12.77 3.97
N LYS A 18 -8.32 -11.50 4.36
CA LYS A 18 -9.16 -10.52 3.68
C LYS A 18 -8.36 -9.76 2.63
N GLU A 19 -9.04 -9.36 1.56
CA GLU A 19 -8.38 -8.61 0.49
C GLU A 19 -9.19 -7.36 0.14
N LYS A 20 -8.47 -6.30 -0.24
CA LYS A 20 -9.12 -5.04 -0.61
C LYS A 20 -9.68 -5.10 -2.02
N THR A 21 -10.57 -4.17 -2.34
CA THR A 21 -11.18 -4.12 -3.66
C THR A 21 -10.27 -3.41 -4.67
N GLN A 22 -10.38 -3.81 -5.93
CA GLN A 22 -9.56 -3.22 -6.98
C GLN A 22 -9.61 -1.69 -6.92
N GLY A 23 -10.82 -1.15 -6.83
CA GLY A 23 -10.99 0.29 -6.76
C GLY A 23 -10.14 0.92 -5.68
N GLN A 24 -10.32 0.48 -4.44
CA GLN A 24 -9.57 1.01 -3.32
C GLN A 24 -8.07 0.89 -3.57
N VAL A 25 -7.59 -0.34 -3.73
CA VAL A 25 -6.17 -0.58 -3.98
C VAL A 25 -5.66 0.29 -5.12
N LYS A 26 -6.49 0.47 -6.13
CA LYS A 26 -6.11 1.28 -7.30
C LYS A 26 -5.78 2.71 -6.86
N ILE A 27 -6.56 3.24 -5.93
CA ILE A 27 -6.33 4.60 -5.44
C ILE A 27 -5.00 4.70 -4.71
N LEU A 28 -4.66 3.67 -3.97
CA LEU A 28 -3.41 3.64 -3.22
C LEU A 28 -2.22 3.46 -4.16
N GLU A 29 -2.30 2.45 -5.02
CA GLU A 29 -1.24 2.17 -5.98
C GLU A 29 -0.88 3.42 -6.78
N ASP A 30 -1.90 4.16 -7.18
CA ASP A 30 -1.70 5.38 -7.95
C ASP A 30 -0.81 6.37 -7.20
N SER A 31 -1.07 6.52 -5.90
CA SER A 31 -0.29 7.43 -5.07
C SER A 31 1.10 6.87 -4.78
N PHE A 32 1.14 5.58 -4.45
CA PHE A 32 2.41 4.92 -4.15
C PHE A 32 3.32 4.89 -5.39
N LEU A 33 2.88 4.18 -6.42
CA LEU A 33 3.65 4.08 -7.65
C LEU A 33 4.38 5.39 -7.95
N LYS A 34 3.72 6.51 -7.70
CA LYS A 34 4.31 7.81 -7.94
C LYS A 34 5.22 8.22 -6.77
N SER A 35 4.70 8.07 -5.55
CA SER A 35 5.46 8.42 -4.36
C SER A 35 5.14 7.47 -3.21
N SER A 36 6.14 6.73 -2.75
CA SER A 36 5.96 5.78 -1.66
C SER A 36 5.49 6.50 -0.40
N PHE A 37 6.09 7.66 -0.12
CA PHE A 37 5.73 8.44 1.06
C PHE A 37 4.76 9.55 0.70
N PRO A 38 3.47 9.34 1.00
CA PRO A 38 2.42 10.32 0.72
C PRO A 38 2.52 11.56 1.60
N THR A 39 1.53 12.44 1.50
CA THR A 39 1.51 13.66 2.29
C THR A 39 0.26 13.74 3.16
N GLN A 40 0.20 14.75 4.01
CA GLN A 40 -0.95 14.94 4.90
C GLN A 40 -2.24 15.06 4.09
N ALA A 41 -2.25 15.99 3.14
CA ALA A 41 -3.42 16.20 2.30
C ALA A 41 -3.72 14.97 1.44
N GLU A 42 -2.69 14.45 0.79
CA GLU A 42 -2.85 13.28 -0.07
C GLU A 42 -3.57 12.16 0.67
N LEU A 43 -2.92 11.61 1.69
CA LEU A 43 -3.49 10.54 2.49
C LEU A 43 -4.96 10.81 2.78
N ASP A 44 -5.24 11.95 3.40
CA ASP A 44 -6.61 12.34 3.74
C ASP A 44 -7.57 11.96 2.62
N ARG A 45 -7.13 12.15 1.38
CA ARG A 45 -7.97 11.83 0.21
C ARG A 45 -7.99 10.32 -0.03
N LEU A 46 -6.87 9.67 0.23
CA LEU A 46 -6.76 8.22 0.04
C LEU A 46 -7.71 7.48 0.97
N ARG A 47 -7.67 7.83 2.25
CA ARG A 47 -8.53 7.19 3.25
C ARG A 47 -9.99 7.25 2.82
N VAL A 48 -10.53 8.47 2.74
CA VAL A 48 -11.92 8.65 2.34
C VAL A 48 -12.24 7.92 1.05
N GLU A 49 -11.43 8.17 0.02
CA GLU A 49 -11.62 7.53 -1.28
C GLU A 49 -11.71 6.02 -1.12
N THR A 50 -10.63 5.39 -0.65
CA THR A 50 -10.60 3.95 -0.46
C THR A 50 -11.46 3.54 0.73
N LYS A 51 -11.98 4.52 1.45
CA LYS A 51 -12.83 4.25 2.60
C LYS A 51 -12.07 3.45 3.65
N LEU A 52 -10.84 3.88 3.94
CA LEU A 52 -10.02 3.20 4.94
C LEU A 52 -9.45 4.19 5.95
N SER A 53 -8.83 3.66 7.00
CA SER A 53 -8.25 4.51 8.04
C SER A 53 -6.75 4.66 7.84
N ARG A 54 -6.16 5.63 8.55
CA ARG A 54 -4.74 5.88 8.44
C ARG A 54 -3.94 4.59 8.64
N ARG A 55 -4.32 3.81 9.64
CA ARG A 55 -3.65 2.56 9.94
C ARG A 55 -3.78 1.58 8.78
N GLU A 56 -5.02 1.33 8.37
CA GLU A 56 -5.30 0.42 7.26
C GLU A 56 -4.34 0.66 6.10
N ILE A 57 -4.09 1.92 5.81
CA ILE A 57 -3.19 2.29 4.73
C ILE A 57 -1.73 2.15 5.14
N ASP A 58 -1.40 2.66 6.32
CA ASP A 58 -0.04 2.58 6.84
C ASP A 58 0.54 1.18 6.63
N SER A 59 -0.26 0.16 6.91
CA SER A 59 0.17 -1.22 6.75
C SER A 59 0.44 -1.54 5.29
N TRP A 60 -0.51 -1.21 4.43
CA TRP A 60 -0.37 -1.45 3.00
C TRP A 60 0.89 -0.80 2.45
N PHE A 61 1.12 0.46 2.84
CA PHE A 61 2.29 1.20 2.39
C PHE A 61 3.57 0.63 3.00
N SER A 62 3.65 0.66 4.32
CA SER A 62 4.81 0.15 5.03
C SER A 62 5.30 -1.15 4.41
N GLU A 63 4.37 -2.03 4.08
CA GLU A 63 4.69 -3.32 3.48
C GLU A 63 5.12 -3.14 2.02
N ARG A 64 4.32 -2.42 1.26
CA ARG A 64 4.61 -2.17 -0.14
C ARG A 64 6.10 -1.93 -0.36
N ARG A 65 6.66 -1.01 0.41
CA ARG A 65 8.08 -0.68 0.30
C ARG A 65 8.93 -1.95 0.36
N LYS A 66 8.60 -2.83 1.29
CA LYS A 66 9.33 -4.08 1.46
C LYS A 66 9.54 -4.77 0.10
N LEU A 67 8.44 -5.17 -0.52
CA LEU A 67 8.50 -5.83 -1.82
C LEU A 67 9.26 -4.99 -2.83
N ARG A 68 9.10 -3.67 -2.74
CA ARG A 68 9.76 -2.76 -3.65
C ARG A 68 11.28 -2.90 -3.55
N ASP A 69 11.78 -2.90 -2.33
CA ASP A 69 13.22 -3.03 -2.09
C ASP A 69 13.70 -4.43 -2.45
N SER A 70 12.92 -5.45 -2.05
CA SER A 70 13.28 -6.83 -2.34
C SER A 70 14.61 -7.20 -1.67
N MET A 71 14.80 -6.74 -0.45
CA MET A 71 16.03 -7.02 0.29
C MET A 71 15.88 -8.29 1.12
N GLU A 72 14.78 -8.38 1.86
CA GLU A 72 14.52 -9.56 2.69
C GLU A 72 13.23 -10.25 2.28
N GLN A 73 12.97 -11.41 2.87
CA GLN A 73 11.77 -12.18 2.56
C GLN A 73 11.02 -12.56 3.84
N ALA A 74 9.70 -12.50 3.77
CA ALA A 74 8.86 -12.83 4.93
C ALA A 74 8.75 -14.34 5.10
N VAL A 75 8.08 -14.76 6.17
CA VAL A 75 7.91 -16.18 6.44
C VAL A 75 6.43 -16.52 6.64
N LEU A 76 6.03 -17.69 6.15
CA LEU A 76 4.64 -18.14 6.27
C LEU A 76 4.17 -18.06 7.72
N ASP A 77 2.86 -17.98 7.91
CA ASP A 77 2.28 -17.89 9.24
C ASP A 77 2.78 -16.65 9.97
N SER A 78 2.85 -15.54 9.26
CA SER A 78 3.31 -14.28 9.85
C SER A 78 2.25 -13.69 10.78
N MET A 79 2.69 -12.85 11.71
CA MET A 79 1.79 -12.22 12.65
C MET A 79 1.04 -11.06 12.00
N GLY A 80 -0.24 -10.92 12.33
CA GLY A 80 -1.04 -9.86 11.76
C GLY A 80 -2.11 -10.37 10.82
N SER A 81 -3.16 -10.97 11.37
CA SER A 81 -4.25 -11.51 10.58
C SER A 81 -5.56 -10.80 10.90
N GLY A 82 -6.39 -10.61 9.87
CA GLY A 82 -7.68 -9.95 10.06
C GLY A 82 -8.57 -10.70 11.03
N LYS A 83 -9.83 -10.26 11.12
CA LYS A 83 -10.79 -10.89 12.02
C LYS A 83 -11.54 -12.02 11.30
N SER A 84 -12.04 -12.97 12.08
CA SER A 84 -12.78 -14.10 11.52
C SER A 84 -14.25 -13.72 11.28
N GLY A 85 -14.66 -13.76 10.01
CA GLY A 85 -16.03 -13.43 9.68
C GLY A 85 -16.88 -14.66 9.44
N PRO A 86 -17.44 -14.77 8.23
CA PRO A 86 -18.30 -15.90 7.85
C PRO A 86 -17.51 -17.19 7.71
N SER A 87 -18.18 -18.32 7.94
CA SER A 87 -17.54 -19.63 7.84
C SER A 87 -18.27 -20.51 6.84
N SER A 88 -17.68 -20.66 5.66
CA SER A 88 -18.28 -21.48 4.61
C SER A 88 -17.32 -22.58 4.16
N GLY A 89 -17.87 -23.68 3.67
CA GLY A 89 -17.04 -24.79 3.21
C GLY A 89 -17.83 -26.06 3.03
N GLY A 1 -8.85 17.07 37.06
CA GLY A 1 -8.76 15.65 36.78
C GLY A 1 -7.70 15.33 35.76
N SER A 2 -7.38 14.04 35.61
CA SER A 2 -6.36 13.60 34.67
C SER A 2 -6.70 12.22 34.11
N SER A 3 -6.25 11.96 32.89
CA SER A 3 -6.51 10.69 32.23
C SER A 3 -5.59 10.49 31.04
N GLY A 4 -5.69 9.34 30.39
CA GLY A 4 -4.85 9.04 29.24
C GLY A 4 -4.28 7.64 29.29
N SER A 5 -4.61 6.84 28.28
CA SER A 5 -4.12 5.46 28.21
C SER A 5 -3.62 5.14 26.81
N SER A 6 -2.63 4.25 26.73
CA SER A 6 -2.05 3.86 25.45
C SER A 6 -1.52 2.43 25.51
N GLY A 7 -1.53 1.75 24.37
CA GLY A 7 -1.04 0.39 24.31
C GLY A 7 -1.55 -0.36 23.09
N ALA A 8 -0.75 -1.29 22.59
CA ALA A 8 -1.12 -2.08 21.42
C ALA A 8 -1.04 -3.58 21.72
N TYR A 9 -1.51 -4.39 20.78
CA TYR A 9 -1.50 -5.83 20.94
C TYR A 9 -1.06 -6.52 19.65
N PRO A 10 -0.31 -7.62 19.80
CA PRO A 10 0.18 -8.40 18.65
C PRO A 10 -0.93 -9.13 17.92
N ASP A 11 -0.57 -9.85 16.86
CA ASP A 11 -1.54 -10.60 16.08
C ASP A 11 -0.84 -11.58 15.15
N PHE A 12 -1.53 -12.68 14.82
CA PHE A 12 -0.97 -13.69 13.94
C PHE A 12 -1.44 -13.49 12.50
N ALA A 13 -0.81 -14.20 11.57
CA ALA A 13 -1.17 -14.09 10.16
C ALA A 13 -2.24 -15.11 9.78
N PRO A 14 -3.43 -14.63 9.44
CA PRO A 14 -4.56 -15.48 9.06
C PRO A 14 -4.34 -16.15 7.71
N GLN A 15 -5.35 -16.88 7.25
CA GLN A 15 -5.26 -17.58 5.96
C GLN A 15 -5.10 -16.60 4.81
N LYS A 16 -4.72 -17.10 3.65
CA LYS A 16 -4.53 -16.27 2.47
C LYS A 16 -5.87 -15.70 1.98
N PHE A 17 -6.01 -14.38 2.08
CA PHE A 17 -7.23 -13.72 1.65
C PHE A 17 -6.94 -12.31 1.13
N LYS A 18 -7.95 -11.66 0.57
CA LYS A 18 -7.80 -10.31 0.04
C LYS A 18 -8.44 -9.29 0.97
N GLU A 19 -7.61 -8.50 1.65
CA GLU A 19 -8.10 -7.48 2.56
C GLU A 19 -8.29 -6.15 1.85
N LYS A 20 -8.15 -6.17 0.52
CA LYS A 20 -8.31 -4.96 -0.28
C LYS A 20 -9.00 -5.28 -1.61
N THR A 21 -9.69 -4.29 -2.16
CA THR A 21 -10.40 -4.46 -3.42
C THR A 21 -9.68 -3.74 -4.56
N GLN A 22 -10.10 -4.01 -5.79
CA GLN A 22 -9.49 -3.39 -6.96
C GLN A 22 -9.62 -1.87 -6.89
N GLY A 23 -10.84 -1.40 -6.60
CA GLY A 23 -11.08 0.03 -6.52
C GLY A 23 -10.14 0.71 -5.53
N GLN A 24 -10.20 0.31 -4.27
CA GLN A 24 -9.35 0.90 -3.25
C GLN A 24 -7.88 0.81 -3.63
N VAL A 25 -7.38 -0.42 -3.80
CA VAL A 25 -6.00 -0.64 -4.18
C VAL A 25 -5.61 0.22 -5.38
N LYS A 26 -6.51 0.30 -6.36
CA LYS A 26 -6.26 1.09 -7.56
C LYS A 26 -6.02 2.55 -7.21
N ILE A 27 -6.73 3.04 -6.20
CA ILE A 27 -6.58 4.43 -5.77
C ILE A 27 -5.23 4.65 -5.09
N LEU A 28 -4.80 3.67 -4.31
CA LEU A 28 -3.52 3.77 -3.61
C LEU A 28 -2.36 3.54 -4.57
N GLU A 29 -2.33 2.36 -5.19
CA GLU A 29 -1.28 2.02 -6.13
C GLU A 29 -0.85 3.25 -6.94
N ASP A 30 -1.83 4.08 -7.29
CA ASP A 30 -1.56 5.29 -8.07
C ASP A 30 -0.68 6.26 -7.28
N SER A 31 -1.21 6.74 -6.16
CA SER A 31 -0.48 7.69 -5.32
C SER A 31 0.87 7.11 -4.90
N PHE A 32 0.88 5.82 -4.61
CA PHE A 32 2.12 5.14 -4.19
C PHE A 32 3.11 5.08 -5.35
N LEU A 33 2.74 4.37 -6.41
CA LEU A 33 3.60 4.24 -7.57
C LEU A 33 4.41 5.50 -7.81
N LYS A 34 3.76 6.66 -7.66
CA LYS A 34 4.41 7.94 -7.85
C LYS A 34 5.27 8.30 -6.65
N SER A 35 4.63 8.40 -5.48
CA SER A 35 5.33 8.73 -4.25
C SER A 35 5.02 7.72 -3.15
N SER A 36 6.00 6.87 -2.84
CA SER A 36 5.83 5.85 -1.82
C SER A 36 5.35 6.48 -0.50
N PHE A 37 5.99 7.57 -0.12
CA PHE A 37 5.65 8.28 1.12
C PHE A 37 4.73 9.47 0.82
N PRO A 38 3.42 9.28 1.08
CA PRO A 38 2.42 10.33 0.86
C PRO A 38 2.55 11.48 1.85
N THR A 39 1.65 12.45 1.75
CA THR A 39 1.67 13.61 2.63
C THR A 39 0.41 13.67 3.49
N GLN A 40 0.35 14.66 4.36
CA GLN A 40 -0.81 14.83 5.24
C GLN A 40 -2.08 15.04 4.43
N ALA A 41 -1.95 15.70 3.29
CA ALA A 41 -3.09 15.97 2.42
C ALA A 41 -3.43 14.76 1.57
N GLU A 42 -2.43 14.22 0.87
CA GLU A 42 -2.63 13.06 0.01
C GLU A 42 -3.44 11.99 0.74
N LEU A 43 -2.86 11.42 1.79
CA LEU A 43 -3.53 10.38 2.56
C LEU A 43 -4.98 10.75 2.83
N ASP A 44 -5.19 11.90 3.45
CA ASP A 44 -6.54 12.37 3.76
C ASP A 44 -7.49 12.07 2.61
N ARG A 45 -6.99 12.18 1.39
CA ARG A 45 -7.81 11.93 0.21
C ARG A 45 -7.86 10.43 -0.10
N LEU A 46 -6.76 9.74 0.18
CA LEU A 46 -6.68 8.30 -0.06
C LEU A 46 -7.64 7.54 0.85
N ARG A 47 -7.63 7.88 2.12
CA ARG A 47 -8.49 7.22 3.10
C ARG A 47 -9.96 7.34 2.69
N VAL A 48 -10.47 8.57 2.67
CA VAL A 48 -11.85 8.82 2.30
C VAL A 48 -12.20 8.14 0.97
N GLU A 49 -11.33 8.32 -0.02
CA GLU A 49 -11.54 7.73 -1.33
C GLU A 49 -11.71 6.22 -1.23
N THR A 50 -10.67 5.54 -0.75
CA THR A 50 -10.71 4.09 -0.60
C THR A 50 -11.57 3.68 0.58
N LYS A 51 -12.06 4.67 1.33
CA LYS A 51 -12.90 4.41 2.49
C LYS A 51 -12.15 3.61 3.54
N LEU A 52 -10.91 4.00 3.79
CA LEU A 52 -10.08 3.31 4.79
C LEU A 52 -9.56 4.28 5.84
N SER A 53 -8.93 3.75 6.87
CA SER A 53 -8.39 4.56 7.95
C SER A 53 -6.87 4.63 7.87
N ARG A 54 -6.29 5.58 8.60
CA ARG A 54 -4.83 5.75 8.61
C ARG A 54 -4.13 4.41 8.80
N ARG A 55 -4.49 3.70 9.86
CA ARG A 55 -3.89 2.41 10.17
C ARG A 55 -4.06 1.45 8.99
N GLU A 56 -5.28 1.41 8.44
CA GLU A 56 -5.58 0.53 7.32
C GLU A 56 -4.53 0.68 6.21
N ILE A 57 -4.45 1.88 5.66
CA ILE A 57 -3.49 2.16 4.59
C ILE A 57 -2.05 1.92 5.06
N ASP A 58 -1.71 2.51 6.20
CA ASP A 58 -0.36 2.36 6.75
C ASP A 58 0.17 0.96 6.50
N SER A 59 -0.68 -0.04 6.65
CA SER A 59 -0.29 -1.42 6.44
C SER A 59 0.12 -1.66 4.99
N TRP A 60 -0.76 -1.30 4.06
CA TRP A 60 -0.49 -1.47 2.64
C TRP A 60 0.86 -0.85 2.27
N PHE A 61 1.04 0.41 2.61
CA PHE A 61 2.28 1.12 2.31
C PHE A 61 3.45 0.50 3.07
N SER A 62 3.25 0.22 4.35
CA SER A 62 4.28 -0.38 5.18
C SER A 62 5.01 -1.49 4.43
N GLU A 63 4.23 -2.34 3.76
CA GLU A 63 4.80 -3.46 3.01
C GLU A 63 5.17 -3.02 1.60
N ARG A 64 4.26 -2.31 0.94
CA ARG A 64 4.50 -1.84 -0.42
C ARG A 64 5.92 -1.30 -0.57
N ARG A 65 6.41 -0.65 0.48
CA ARG A 65 7.76 -0.08 0.46
C ARG A 65 8.80 -1.19 0.33
N LYS A 66 8.57 -2.31 0.99
CA LYS A 66 9.49 -3.44 0.95
C LYS A 66 9.63 -3.97 -0.47
N LEU A 67 8.54 -4.49 -1.02
CA LEU A 67 8.54 -5.04 -2.37
C LEU A 67 8.95 -3.97 -3.39
N ARG A 68 8.56 -2.72 -3.12
CA ARG A 68 8.89 -1.61 -4.01
C ARG A 68 10.39 -1.35 -4.00
N ASP A 69 10.98 -1.30 -2.81
CA ASP A 69 12.41 -1.04 -2.67
C ASP A 69 13.21 -2.18 -3.27
N SER A 70 12.67 -3.39 -3.20
CA SER A 70 13.35 -4.57 -3.72
C SER A 70 13.11 -4.70 -5.23
N MET A 71 12.61 -3.64 -5.84
CA MET A 71 12.33 -3.64 -7.27
C MET A 71 13.62 -3.77 -8.07
N GLU A 72 13.47 -3.86 -9.40
CA GLU A 72 14.63 -4.00 -10.27
C GLU A 72 15.76 -3.06 -9.85
N GLN A 73 15.38 -1.86 -9.39
CA GLN A 73 16.37 -0.88 -8.95
C GLN A 73 17.05 -1.33 -7.67
N ALA A 74 18.30 -1.79 -7.81
CA ALA A 74 19.07 -2.25 -6.66
C ALA A 74 20.55 -1.90 -6.82
N VAL A 75 21.26 -1.82 -5.70
CA VAL A 75 22.68 -1.50 -5.72
C VAL A 75 23.44 -2.42 -6.66
N LEU A 76 24.69 -2.05 -6.94
CA LEU A 76 25.53 -2.85 -7.83
C LEU A 76 26.15 -4.02 -7.10
N ASP A 77 25.92 -5.23 -7.61
CA ASP A 77 26.45 -6.44 -7.01
C ASP A 77 26.54 -7.57 -8.04
N SER A 78 27.36 -8.57 -7.72
CA SER A 78 27.54 -9.72 -8.62
C SER A 78 26.43 -10.74 -8.43
N MET A 79 25.50 -10.79 -9.37
CA MET A 79 24.39 -11.72 -9.31
C MET A 79 24.30 -12.55 -10.59
N GLY A 80 23.91 -13.81 -10.45
CA GLY A 80 23.79 -14.69 -11.60
C GLY A 80 22.48 -14.51 -12.33
N SER A 81 22.49 -13.66 -13.36
CA SER A 81 21.28 -13.39 -14.14
C SER A 81 21.28 -14.22 -15.42
N GLY A 82 20.16 -14.17 -16.14
CA GLY A 82 20.04 -14.92 -17.38
C GLY A 82 18.66 -15.51 -17.56
N LYS A 83 17.63 -14.69 -17.33
CA LYS A 83 16.25 -15.14 -17.48
C LYS A 83 15.85 -15.16 -18.95
N SER A 84 15.86 -13.99 -19.57
CA SER A 84 15.47 -13.87 -20.98
C SER A 84 16.66 -14.21 -21.89
N GLY A 85 16.35 -14.66 -23.10
CA GLY A 85 17.39 -15.02 -24.05
C GLY A 85 16.95 -14.84 -25.48
N PRO A 86 17.49 -15.69 -26.38
CA PRO A 86 17.16 -15.64 -27.80
C PRO A 86 15.74 -16.10 -28.09
N SER A 87 15.23 -15.71 -29.25
CA SER A 87 13.87 -16.07 -29.65
C SER A 87 13.70 -15.98 -31.16
N SER A 88 12.52 -16.34 -31.64
CA SER A 88 12.23 -16.31 -33.07
C SER A 88 10.74 -16.06 -33.32
N GLY A 89 10.43 -14.91 -33.92
CA GLY A 89 9.05 -14.56 -34.20
C GLY A 89 8.50 -15.32 -35.40
N GLY A 1 -20.79 -17.81 -14.90
CA GLY A 1 -21.92 -16.90 -14.95
C GLY A 1 -21.62 -15.58 -14.29
N SER A 2 -22.65 -14.75 -14.12
CA SER A 2 -22.49 -13.44 -13.49
C SER A 2 -23.78 -13.02 -12.80
N SER A 3 -23.68 -12.75 -11.50
CA SER A 3 -24.84 -12.35 -10.71
C SER A 3 -24.41 -11.56 -9.48
N GLY A 4 -25.38 -11.09 -8.71
CA GLY A 4 -25.08 -10.33 -7.50
C GLY A 4 -25.95 -10.74 -6.33
N SER A 5 -25.92 -9.94 -5.26
CA SER A 5 -26.70 -10.23 -4.07
C SER A 5 -26.87 -8.97 -3.22
N SER A 6 -27.75 -9.06 -2.22
CA SER A 6 -28.01 -7.93 -1.34
C SER A 6 -26.79 -7.64 -0.47
N GLY A 7 -26.78 -6.45 0.14
CA GLY A 7 -25.67 -6.06 1.00
C GLY A 7 -26.11 -5.77 2.41
N ALA A 8 -25.18 -5.31 3.24
CA ALA A 8 -25.47 -4.98 4.62
C ALA A 8 -24.91 -3.61 5.01
N TYR A 9 -25.71 -2.82 5.69
CA TYR A 9 -25.30 -1.48 6.12
C TYR A 9 -23.99 -1.55 6.90
N PRO A 10 -23.23 -0.44 6.88
CA PRO A 10 -21.94 -0.34 7.57
C PRO A 10 -22.12 -0.32 9.09
N ASP A 11 -23.35 -0.42 9.55
CA ASP A 11 -23.64 -0.41 10.97
C ASP A 11 -23.08 -1.65 11.65
N PHE A 12 -23.30 -2.81 11.04
CA PHE A 12 -22.83 -4.07 11.58
C PHE A 12 -22.43 -5.03 10.46
N ALA A 13 -21.48 -5.91 10.76
CA ALA A 13 -21.02 -6.89 9.78
C ALA A 13 -20.44 -8.13 10.46
N PRO A 14 -20.52 -9.28 9.78
CA PRO A 14 -20.01 -10.54 10.30
C PRO A 14 -18.49 -10.57 10.37
N GLN A 15 -17.95 -11.66 10.93
CA GLN A 15 -16.50 -11.81 11.06
C GLN A 15 -15.84 -11.96 9.69
N LYS A 16 -14.87 -11.10 9.40
CA LYS A 16 -14.16 -11.13 8.13
C LYS A 16 -12.72 -10.66 8.30
N PHE A 17 -11.95 -10.76 7.22
CA PHE A 17 -10.56 -10.33 7.25
C PHE A 17 -10.38 -8.98 6.55
N LYS A 18 -9.17 -8.43 6.64
CA LYS A 18 -8.88 -7.15 6.01
C LYS A 18 -8.37 -7.34 4.59
N GLU A 19 -9.24 -7.07 3.61
CA GLU A 19 -8.88 -7.21 2.21
C GLU A 19 -9.17 -5.93 1.43
N LYS A 20 -8.30 -5.60 0.48
CA LYS A 20 -8.46 -4.41 -0.33
C LYS A 20 -9.15 -4.73 -1.65
N THR A 21 -10.09 -3.87 -2.05
CA THR A 21 -10.82 -4.07 -3.30
C THR A 21 -10.09 -3.43 -4.47
N GLN A 22 -10.43 -3.86 -5.67
CA GLN A 22 -9.80 -3.33 -6.89
C GLN A 22 -9.71 -1.81 -6.81
N GLY A 23 -10.85 -1.15 -6.69
CA GLY A 23 -10.88 0.30 -6.63
C GLY A 23 -9.85 0.84 -5.66
N GLN A 24 -9.98 0.49 -4.38
CA GLN A 24 -9.05 0.95 -3.35
C GLN A 24 -7.61 0.74 -3.79
N VAL A 25 -7.22 -0.52 -3.97
CA VAL A 25 -5.87 -0.85 -4.38
C VAL A 25 -5.42 0.04 -5.54
N LYS A 26 -6.31 0.26 -6.50
CA LYS A 26 -6.01 1.10 -7.65
C LYS A 26 -5.69 2.52 -7.23
N ILE A 27 -6.48 3.04 -6.27
CA ILE A 27 -6.28 4.39 -5.77
C ILE A 27 -4.95 4.52 -5.04
N LEU A 28 -4.53 3.44 -4.39
CA LEU A 28 -3.28 3.43 -3.64
C LEU A 28 -2.10 3.15 -4.56
N GLU A 29 -2.36 2.38 -5.62
CA GLU A 29 -1.31 2.04 -6.58
C GLU A 29 -0.84 3.27 -7.35
N ASP A 30 -1.77 4.20 -7.59
CA ASP A 30 -1.47 5.41 -8.32
C ASP A 30 -0.79 6.43 -7.40
N SER A 31 -1.12 6.38 -6.12
CA SER A 31 -0.54 7.30 -5.14
C SER A 31 0.87 6.87 -4.76
N PHE A 32 1.04 5.58 -4.46
CA PHE A 32 2.33 5.05 -4.08
C PHE A 32 3.32 5.12 -5.25
N LEU A 33 2.94 4.51 -6.37
CA LEU A 33 3.79 4.50 -7.56
C LEU A 33 4.28 5.92 -7.89
N LYS A 34 3.42 6.91 -7.64
CA LYS A 34 3.77 8.29 -7.91
C LYS A 34 4.50 8.91 -6.72
N SER A 35 4.20 8.40 -5.52
CA SER A 35 4.83 8.91 -4.30
C SER A 35 4.79 7.85 -3.20
N SER A 36 5.95 7.32 -2.85
CA SER A 36 6.05 6.30 -1.82
C SER A 36 5.49 6.81 -0.49
N PHE A 37 5.90 8.01 -0.12
CA PHE A 37 5.43 8.62 1.13
C PHE A 37 4.44 9.74 0.85
N PRO A 38 3.15 9.44 1.04
CA PRO A 38 2.06 10.40 0.82
C PRO A 38 2.06 11.51 1.86
N THR A 39 1.69 12.72 1.42
CA THR A 39 1.64 13.87 2.32
C THR A 39 0.32 13.92 3.07
N GLN A 40 0.36 14.47 4.28
CA GLN A 40 -0.84 14.58 5.10
C GLN A 40 -2.08 14.81 4.23
N ALA A 41 -1.93 15.66 3.22
CA ALA A 41 -3.04 15.96 2.32
C ALA A 41 -3.44 14.74 1.51
N GLU A 42 -2.47 14.16 0.80
CA GLU A 42 -2.72 12.99 -0.03
C GLU A 42 -3.51 11.93 0.75
N LEU A 43 -2.86 11.36 1.77
CA LEU A 43 -3.49 10.34 2.59
C LEU A 43 -4.95 10.71 2.92
N ASP A 44 -5.13 11.90 3.47
CA ASP A 44 -6.47 12.38 3.82
C ASP A 44 -7.47 12.04 2.72
N ARG A 45 -7.02 12.15 1.47
CA ARG A 45 -7.88 11.87 0.34
C ARG A 45 -7.85 10.38 0.00
N LEU A 46 -6.71 9.75 0.24
CA LEU A 46 -6.56 8.33 -0.05
C LEU A 46 -7.50 7.49 0.82
N ARG A 47 -7.55 7.80 2.11
CA ARG A 47 -8.42 7.07 3.03
C ARG A 47 -9.88 7.13 2.57
N VAL A 48 -10.42 8.35 2.48
CA VAL A 48 -11.80 8.54 2.04
C VAL A 48 -12.04 7.91 0.67
N GLU A 49 -11.13 8.18 -0.26
CA GLU A 49 -11.24 7.63 -1.62
C GLU A 49 -11.41 6.12 -1.58
N THR A 50 -10.56 5.46 -0.80
CA THR A 50 -10.60 4.00 -0.68
C THR A 50 -11.50 3.58 0.47
N LYS A 51 -12.01 4.55 1.21
CA LYS A 51 -12.90 4.27 2.33
C LYS A 51 -12.20 3.44 3.39
N LEU A 52 -10.96 3.81 3.72
CA LEU A 52 -10.17 3.11 4.72
C LEU A 52 -9.68 4.06 5.79
N SER A 53 -9.08 3.49 6.84
CA SER A 53 -8.55 4.29 7.94
C SER A 53 -7.03 4.42 7.85
N ARG A 54 -6.44 5.18 8.77
CA ARG A 54 -5.01 5.39 8.79
C ARG A 54 -4.27 4.07 9.01
N ARG A 55 -4.42 3.50 10.20
CA ARG A 55 -3.78 2.24 10.53
C ARG A 55 -3.91 1.24 9.38
N GLU A 56 -5.05 1.28 8.70
CA GLU A 56 -5.30 0.38 7.58
C GLU A 56 -4.26 0.57 6.48
N ILE A 57 -4.25 1.76 5.87
CA ILE A 57 -3.32 2.07 4.81
C ILE A 57 -1.87 1.91 5.28
N ASP A 58 -1.56 2.49 6.44
CA ASP A 58 -0.22 2.40 7.00
C ASP A 58 0.40 1.04 6.72
N SER A 59 -0.40 -0.01 6.88
CA SER A 59 0.08 -1.37 6.64
C SER A 59 0.36 -1.61 5.17
N TRP A 60 -0.61 -1.26 4.32
CA TRP A 60 -0.47 -1.44 2.89
C TRP A 60 0.87 -0.88 2.40
N PHE A 61 1.15 0.36 2.76
CA PHE A 61 2.39 1.01 2.36
C PHE A 61 3.59 0.35 3.02
N SER A 62 3.52 0.18 4.34
CA SER A 62 4.59 -0.45 5.09
C SER A 62 5.19 -1.62 4.32
N GLU A 63 4.33 -2.52 3.86
CA GLU A 63 4.77 -3.69 3.11
C GLU A 63 5.14 -3.30 1.68
N ARG A 64 4.28 -2.52 1.05
CA ARG A 64 4.50 -2.09 -0.33
C ARG A 64 5.96 -1.70 -0.54
N ARG A 65 6.44 -0.75 0.26
CA ARG A 65 7.82 -0.29 0.16
C ARG A 65 8.79 -1.46 0.13
N LYS A 66 8.50 -2.47 0.95
CA LYS A 66 9.35 -3.66 1.03
C LYS A 66 9.47 -4.32 -0.34
N LEU A 67 8.34 -4.80 -0.86
CA LEU A 67 8.32 -5.46 -2.16
C LEU A 67 8.82 -4.53 -3.26
N ARG A 68 8.52 -3.25 -3.11
CA ARG A 68 8.95 -2.24 -4.09
C ARG A 68 10.46 -2.09 -4.08
N ASP A 69 11.06 -2.14 -2.89
CA ASP A 69 12.50 -2.01 -2.75
C ASP A 69 13.21 -3.30 -3.19
N SER A 70 12.69 -4.43 -2.74
CA SER A 70 13.27 -5.72 -3.08
C SER A 70 13.47 -5.85 -4.59
N MET A 71 14.59 -6.42 -4.99
CA MET A 71 14.90 -6.60 -6.40
C MET A 71 13.89 -7.55 -7.06
N GLU A 72 13.57 -8.63 -6.34
CA GLU A 72 12.63 -9.62 -6.85
C GLU A 72 11.52 -8.95 -7.68
N GLN A 73 10.96 -7.88 -7.12
CA GLN A 73 9.89 -7.15 -7.81
C GLN A 73 10.39 -6.56 -9.13
N ALA A 74 9.63 -6.76 -10.19
CA ALA A 74 10.00 -6.25 -11.50
C ALA A 74 9.98 -4.72 -11.53
N VAL A 75 11.12 -4.12 -11.81
CA VAL A 75 11.24 -2.67 -11.86
C VAL A 75 12.07 -2.21 -13.05
N LEU A 76 11.77 -1.04 -13.56
CA LEU A 76 12.49 -0.48 -14.70
C LEU A 76 13.86 0.03 -14.28
N ASP A 77 14.91 -0.55 -14.85
CA ASP A 77 16.28 -0.15 -14.53
C ASP A 77 17.24 -0.55 -15.65
N SER A 78 18.42 0.05 -15.65
CA SER A 78 19.42 -0.24 -16.67
C SER A 78 20.24 -1.48 -16.27
N MET A 79 20.79 -2.15 -17.27
CA MET A 79 21.60 -3.33 -17.04
C MET A 79 22.87 -3.33 -17.90
N GLY A 80 23.89 -4.05 -17.46
CA GLY A 80 25.13 -4.11 -18.20
C GLY A 80 26.34 -3.78 -17.35
N SER A 81 26.66 -4.67 -16.41
CA SER A 81 27.80 -4.45 -15.52
C SER A 81 29.06 -5.09 -16.09
N GLY A 82 29.00 -6.39 -16.34
CA GLY A 82 30.15 -7.10 -16.88
C GLY A 82 29.75 -8.19 -17.86
N LYS A 83 29.99 -9.44 -17.46
CA LYS A 83 29.64 -10.58 -18.30
C LYS A 83 30.44 -10.55 -19.61
N SER A 84 31.71 -10.19 -19.51
CA SER A 84 32.58 -10.12 -20.68
C SER A 84 33.93 -10.75 -20.40
N GLY A 85 34.14 -11.96 -20.92
CA GLY A 85 35.39 -12.66 -20.72
C GLY A 85 35.20 -13.99 -20.03
N PRO A 86 36.23 -14.42 -19.26
CA PRO A 86 36.19 -15.68 -18.54
C PRO A 86 35.20 -15.66 -17.38
N SER A 87 34.52 -16.78 -17.15
CA SER A 87 33.54 -16.88 -16.08
C SER A 87 34.16 -17.55 -14.85
N SER A 88 34.22 -16.81 -13.75
CA SER A 88 34.78 -17.33 -12.51
C SER A 88 34.16 -18.67 -12.15
N GLY A 89 32.84 -18.76 -12.28
CA GLY A 89 32.13 -19.99 -11.96
C GLY A 89 30.68 -19.94 -12.33
N GLY A 1 -13.42 14.49 24.22
CA GLY A 1 -12.82 13.46 23.38
C GLY A 1 -12.01 12.47 24.17
N SER A 2 -12.00 11.22 23.72
CA SER A 2 -11.25 10.16 24.39
C SER A 2 -10.26 9.50 23.43
N SER A 3 -8.98 9.78 23.65
CA SER A 3 -7.92 9.22 22.79
C SER A 3 -7.31 7.99 23.45
N GLY A 4 -7.30 6.87 22.72
CA GLY A 4 -6.75 5.64 23.23
C GLY A 4 -6.77 4.52 22.22
N SER A 5 -7.30 3.37 22.62
CA SER A 5 -7.38 2.21 21.75
C SER A 5 -8.56 1.32 22.12
N SER A 6 -9.16 0.68 21.12
CA SER A 6 -10.29 -0.20 21.35
C SER A 6 -9.90 -1.66 21.16
N GLY A 7 -10.60 -2.55 21.85
CA GLY A 7 -10.31 -3.97 21.74
C GLY A 7 -10.87 -4.59 20.47
N ALA A 8 -11.23 -5.86 20.54
CA ALA A 8 -11.79 -6.56 19.40
C ALA A 8 -12.73 -7.68 19.84
N TYR A 9 -13.46 -8.24 18.88
CA TYR A 9 -14.40 -9.31 19.17
C TYR A 9 -14.10 -10.56 18.33
N PRO A 10 -14.19 -11.73 18.95
CA PRO A 10 -13.94 -13.01 18.27
C PRO A 10 -15.01 -13.35 17.24
N ASP A 11 -15.90 -12.40 16.99
CA ASP A 11 -16.97 -12.60 16.02
C ASP A 11 -16.41 -12.79 14.61
N PHE A 12 -16.59 -13.98 14.07
CA PHE A 12 -16.11 -14.29 12.73
C PHE A 12 -17.11 -13.84 11.66
N ALA A 13 -16.60 -13.53 10.48
CA ALA A 13 -17.45 -13.08 9.38
C ALA A 13 -17.08 -13.81 8.09
N PRO A 14 -18.02 -13.79 7.12
CA PRO A 14 -17.82 -14.44 5.82
C PRO A 14 -16.78 -13.72 4.96
N GLN A 15 -16.92 -12.42 4.83
CA GLN A 15 -15.99 -11.62 4.03
C GLN A 15 -14.67 -11.44 4.77
N LYS A 16 -13.68 -10.89 4.08
CA LYS A 16 -12.36 -10.66 4.66
C LYS A 16 -11.94 -9.21 4.48
N PHE A 17 -11.42 -8.62 5.54
CA PHE A 17 -10.97 -7.22 5.49
C PHE A 17 -9.56 -7.14 4.93
N LYS A 18 -8.69 -8.04 5.37
CA LYS A 18 -7.31 -8.06 4.91
C LYS A 18 -7.24 -7.81 3.40
N GLU A 19 -8.23 -8.30 2.68
CA GLU A 19 -8.27 -8.13 1.23
C GLU A 19 -9.04 -6.86 0.85
N LYS A 20 -8.72 -6.32 -0.31
CA LYS A 20 -9.37 -5.10 -0.79
C LYS A 20 -9.89 -5.28 -2.22
N THR A 21 -10.59 -4.27 -2.71
CA THR A 21 -11.13 -4.31 -4.06
C THR A 21 -10.23 -3.58 -5.05
N GLN A 22 -10.21 -4.06 -6.29
CA GLN A 22 -9.38 -3.46 -7.33
C GLN A 22 -9.46 -1.93 -7.26
N GLY A 23 -10.66 -1.40 -7.12
CA GLY A 23 -10.84 0.04 -7.04
C GLY A 23 -10.04 0.66 -5.93
N GLN A 24 -10.41 0.35 -4.69
CA GLN A 24 -9.71 0.88 -3.52
C GLN A 24 -8.20 0.80 -3.70
N VAL A 25 -7.72 -0.41 -4.00
CA VAL A 25 -6.29 -0.63 -4.20
C VAL A 25 -5.76 0.23 -5.35
N LYS A 26 -6.57 0.38 -6.39
CA LYS A 26 -6.18 1.16 -7.55
C LYS A 26 -5.80 2.58 -7.15
N ILE A 27 -6.59 3.17 -6.25
CA ILE A 27 -6.32 4.53 -5.79
C ILE A 27 -5.00 4.61 -5.03
N LEU A 28 -4.72 3.58 -4.23
CA LEU A 28 -3.49 3.53 -3.45
C LEU A 28 -2.28 3.29 -4.36
N GLU A 29 -2.45 2.39 -5.34
CA GLU A 29 -1.38 2.08 -6.27
C GLU A 29 -0.92 3.33 -7.02
N ASP A 30 -1.89 4.08 -7.54
CA ASP A 30 -1.58 5.30 -8.28
C ASP A 30 -0.86 6.31 -7.38
N SER A 31 -1.26 6.37 -6.12
CA SER A 31 -0.66 7.29 -5.17
C SER A 31 0.76 6.86 -4.81
N PHE A 32 0.93 5.57 -4.54
CA PHE A 32 2.24 5.03 -4.18
C PHE A 32 3.18 5.05 -5.38
N LEU A 33 2.77 4.40 -6.46
CA LEU A 33 3.57 4.34 -7.68
C LEU A 33 4.13 5.72 -8.03
N LYS A 34 3.35 6.75 -7.74
CA LYS A 34 3.76 8.12 -8.03
C LYS A 34 4.63 8.67 -6.89
N SER A 35 4.39 8.18 -5.68
CA SER A 35 5.15 8.63 -4.51
C SER A 35 5.08 7.60 -3.40
N SER A 36 6.18 6.86 -3.21
CA SER A 36 6.24 5.84 -2.17
C SER A 36 5.86 6.41 -0.82
N PHE A 37 6.34 7.61 -0.53
CA PHE A 37 6.04 8.27 0.74
C PHE A 37 5.01 9.38 0.55
N PRO A 38 3.75 9.09 0.91
CA PRO A 38 2.66 10.05 0.78
C PRO A 38 2.78 11.21 1.77
N THR A 39 1.83 12.14 1.71
CA THR A 39 1.84 13.29 2.60
C THR A 39 0.49 13.45 3.30
N GLN A 40 0.52 14.07 4.48
CA GLN A 40 -0.70 14.29 5.26
C GLN A 40 -1.88 14.57 4.35
N ALA A 41 -1.64 15.37 3.30
CA ALA A 41 -2.69 15.71 2.35
C ALA A 41 -3.14 14.50 1.55
N GLU A 42 -2.19 13.86 0.87
CA GLU A 42 -2.50 12.69 0.06
C GLU A 42 -3.31 11.68 0.86
N LEU A 43 -2.68 11.08 1.87
CA LEU A 43 -3.34 10.09 2.72
C LEU A 43 -4.77 10.53 3.04
N ASP A 44 -4.91 11.72 3.62
CA ASP A 44 -6.22 12.24 3.97
C ASP A 44 -7.24 11.93 2.88
N ARG A 45 -6.85 12.14 1.64
CA ARG A 45 -7.74 11.88 0.51
C ARG A 45 -7.82 10.39 0.20
N LEU A 46 -6.75 9.67 0.54
CA LEU A 46 -6.70 8.23 0.30
C LEU A 46 -7.75 7.51 1.14
N ARG A 47 -7.65 7.64 2.45
CA ARG A 47 -8.59 7.00 3.36
C ARG A 47 -10.03 7.15 2.85
N VAL A 48 -10.50 8.39 2.80
CA VAL A 48 -11.86 8.67 2.33
C VAL A 48 -12.10 8.06 0.95
N GLU A 49 -11.20 8.34 0.01
CA GLU A 49 -11.32 7.82 -1.34
C GLU A 49 -11.58 6.31 -1.33
N THR A 50 -10.61 5.56 -0.81
CA THR A 50 -10.73 4.11 -0.74
C THR A 50 -11.66 3.69 0.41
N LYS A 51 -12.10 4.67 1.19
CA LYS A 51 -12.98 4.41 2.32
C LYS A 51 -12.31 3.48 3.33
N LEU A 52 -11.05 3.75 3.63
CA LEU A 52 -10.30 2.94 4.59
C LEU A 52 -9.79 3.79 5.74
N SER A 53 -9.56 3.15 6.88
CA SER A 53 -9.06 3.84 8.06
C SER A 53 -7.70 4.47 7.81
N ARG A 54 -7.17 5.16 8.80
CA ARG A 54 -5.87 5.82 8.68
C ARG A 54 -4.74 4.85 9.03
N ARG A 55 -4.97 4.05 10.07
CA ARG A 55 -3.97 3.09 10.52
C ARG A 55 -3.79 1.98 9.49
N GLU A 56 -4.89 1.52 8.91
CA GLU A 56 -4.85 0.47 7.91
C GLU A 56 -3.86 0.80 6.80
N ILE A 57 -4.13 1.86 6.06
CA ILE A 57 -3.27 2.29 4.97
C ILE A 57 -1.82 2.39 5.43
N ASP A 58 -1.62 2.96 6.62
CA ASP A 58 -0.28 3.12 7.18
C ASP A 58 0.54 1.85 6.98
N SER A 59 -0.06 0.70 7.25
CA SER A 59 0.62 -0.58 7.10
C SER A 59 0.81 -0.91 5.62
N TRP A 60 -0.27 -0.82 4.86
CA TRP A 60 -0.22 -1.12 3.42
C TRP A 60 1.01 -0.50 2.78
N PHE A 61 1.17 0.81 2.94
CA PHE A 61 2.31 1.52 2.38
C PHE A 61 3.62 0.98 2.95
N SER A 62 3.70 0.90 4.27
CA SER A 62 4.89 0.41 4.94
C SER A 62 5.44 -0.83 4.23
N GLU A 63 4.56 -1.79 3.97
CA GLU A 63 4.95 -3.02 3.30
C GLU A 63 5.17 -2.79 1.81
N ARG A 64 4.17 -2.19 1.16
CA ARG A 64 4.24 -1.91 -0.27
C ARG A 64 5.65 -1.47 -0.66
N ARG A 65 6.36 -0.85 0.28
CA ARG A 65 7.72 -0.39 0.03
C ARG A 65 8.67 -1.55 -0.12
N LYS A 66 8.55 -2.54 0.76
CA LYS A 66 9.40 -3.72 0.72
C LYS A 66 9.01 -4.65 -0.41
N LEU A 67 7.71 -4.73 -0.67
CA LEU A 67 7.19 -5.59 -1.73
C LEU A 67 7.78 -5.19 -3.09
N ARG A 68 7.57 -3.95 -3.47
CA ARG A 68 8.08 -3.44 -4.74
C ARG A 68 9.44 -4.06 -5.07
N ASP A 69 10.32 -4.07 -4.08
CA ASP A 69 11.66 -4.65 -4.26
C ASP A 69 11.62 -6.17 -4.22
N SER A 70 10.92 -6.71 -3.23
CA SER A 70 10.80 -8.16 -3.08
C SER A 70 10.62 -8.83 -4.42
N MET A 71 9.68 -8.31 -5.21
CA MET A 71 9.40 -8.86 -6.53
C MET A 71 9.49 -7.78 -7.61
N GLU A 72 10.00 -8.15 -8.77
CA GLU A 72 10.15 -7.21 -9.88
C GLU A 72 11.03 -6.03 -9.48
N GLN A 73 12.11 -6.32 -8.76
CA GLN A 73 13.02 -5.28 -8.30
C GLN A 73 13.61 -4.51 -9.50
N ALA A 74 14.07 -5.26 -10.50
CA ALA A 74 14.65 -4.65 -11.69
C ALA A 74 13.71 -3.63 -12.30
N VAL A 75 14.19 -2.90 -13.30
CA VAL A 75 13.39 -1.89 -13.98
C VAL A 75 12.90 -2.39 -15.33
N LEU A 76 11.98 -1.65 -15.93
CA LEU A 76 11.43 -2.01 -17.23
C LEU A 76 12.44 -1.77 -18.34
N ASP A 77 12.66 -2.78 -19.18
CA ASP A 77 13.60 -2.67 -20.29
C ASP A 77 12.88 -2.79 -21.63
N SER A 78 13.13 -1.84 -22.51
CA SER A 78 12.51 -1.83 -23.83
C SER A 78 13.10 -2.93 -24.71
N MET A 79 14.42 -2.96 -24.80
CA MET A 79 15.11 -3.95 -25.62
C MET A 79 14.74 -3.81 -27.09
N GLY A 80 14.66 -2.56 -27.56
CA GLY A 80 14.31 -2.32 -28.95
C GLY A 80 14.09 -0.85 -29.23
N SER A 81 15.05 -0.24 -29.93
CA SER A 81 14.95 1.18 -30.26
C SER A 81 13.63 1.49 -30.97
N GLY A 82 12.74 2.17 -30.25
CA GLY A 82 11.44 2.51 -30.82
C GLY A 82 11.39 3.95 -31.30
N LYS A 83 12.11 4.24 -32.38
CA LYS A 83 12.15 5.58 -32.94
C LYS A 83 11.79 5.56 -34.42
N SER A 84 10.84 6.42 -34.81
CA SER A 84 10.41 6.50 -36.19
C SER A 84 11.49 7.09 -37.07
N GLY A 85 11.96 8.28 -36.70
CA GLY A 85 13.00 8.94 -37.47
C GLY A 85 12.47 9.60 -38.72
N PRO A 86 13.37 9.87 -39.68
CA PRO A 86 13.00 10.52 -40.94
C PRO A 86 12.18 9.59 -41.85
N SER A 87 10.86 9.74 -41.77
CA SER A 87 9.97 8.92 -42.58
C SER A 87 9.69 9.57 -43.93
N SER A 88 9.19 10.81 -43.89
CA SER A 88 8.89 11.54 -45.11
C SER A 88 8.87 13.05 -44.85
N GLY A 89 9.17 13.83 -45.89
CA GLY A 89 9.19 15.27 -45.75
C GLY A 89 7.81 15.88 -45.94
N GLY A 1 -12.81 36.30 17.77
CA GLY A 1 -13.64 36.33 16.59
C GLY A 1 -14.40 35.03 16.39
N SER A 2 -15.55 34.91 17.04
CA SER A 2 -16.38 33.71 16.92
C SER A 2 -16.83 33.50 15.48
N SER A 3 -17.44 34.52 14.90
CA SER A 3 -17.93 34.43 13.53
C SER A 3 -16.76 34.45 12.54
N GLY A 4 -17.07 34.17 11.27
CA GLY A 4 -16.04 34.15 10.25
C GLY A 4 -15.84 32.77 9.66
N SER A 5 -15.79 31.75 10.51
CA SER A 5 -15.60 30.39 10.07
C SER A 5 -16.83 29.53 10.37
N SER A 6 -17.15 28.62 9.47
CA SER A 6 -18.30 27.74 9.64
C SER A 6 -18.04 26.69 10.72
N GLY A 7 -19.11 26.20 11.33
CA GLY A 7 -18.97 25.20 12.37
C GLY A 7 -19.38 23.83 11.91
N ALA A 8 -18.40 22.98 11.59
CA ALA A 8 -18.67 21.62 11.13
C ALA A 8 -18.91 20.68 12.31
N TYR A 9 -19.81 19.72 12.12
CA TYR A 9 -20.13 18.75 13.17
C TYR A 9 -19.13 17.60 13.17
N PRO A 10 -18.60 17.28 14.36
CA PRO A 10 -17.63 16.19 14.52
C PRO A 10 -18.26 14.82 14.31
N ASP A 11 -17.58 13.98 13.54
CA ASP A 11 -18.06 12.63 13.25
C ASP A 11 -17.12 11.59 13.80
N PHE A 12 -17.55 10.33 13.78
CA PHE A 12 -16.73 9.23 14.29
C PHE A 12 -16.79 8.03 13.34
N ALA A 13 -15.72 7.84 12.58
CA ALA A 13 -15.65 6.73 11.63
C ALA A 13 -15.16 5.46 12.32
N PRO A 14 -15.93 4.37 12.18
CA PRO A 14 -15.60 3.08 12.78
C PRO A 14 -14.40 2.43 12.10
N GLN A 15 -13.78 1.48 12.80
CA GLN A 15 -12.61 0.79 12.28
C GLN A 15 -12.85 -0.73 12.24
N LYS A 16 -12.66 -1.33 11.07
CA LYS A 16 -12.85 -2.76 10.91
C LYS A 16 -11.86 -3.34 9.91
N PHE A 17 -11.64 -4.65 9.97
CA PHE A 17 -10.71 -5.31 9.07
C PHE A 17 -11.46 -5.96 7.91
N LYS A 18 -11.26 -5.42 6.71
CA LYS A 18 -11.90 -5.95 5.51
C LYS A 18 -10.95 -5.94 4.33
N GLU A 19 -11.21 -6.81 3.35
CA GLU A 19 -10.37 -6.90 2.17
C GLU A 19 -10.46 -5.63 1.34
N LYS A 20 -9.45 -5.39 0.51
CA LYS A 20 -9.41 -4.21 -0.33
C LYS A 20 -9.70 -4.57 -1.78
N THR A 21 -10.79 -4.03 -2.32
CA THR A 21 -11.17 -4.29 -3.70
C THR A 21 -10.21 -3.64 -4.69
N GLN A 22 -10.26 -4.06 -5.94
CA GLN A 22 -9.39 -3.51 -6.97
C GLN A 22 -9.45 -1.99 -6.99
N GLY A 23 -10.66 -1.45 -6.97
CA GLY A 23 -10.84 -0.01 -6.98
C GLY A 23 -10.01 0.68 -5.91
N GLN A 24 -10.17 0.23 -4.67
CA GLN A 24 -9.44 0.82 -3.55
C GLN A 24 -7.93 0.71 -3.78
N VAL A 25 -7.47 -0.49 -4.08
CA VAL A 25 -6.04 -0.73 -4.33
C VAL A 25 -5.51 0.19 -5.41
N LYS A 26 -6.28 0.34 -6.49
CA LYS A 26 -5.88 1.19 -7.60
C LYS A 26 -5.58 2.61 -7.12
N ILE A 27 -6.42 3.13 -6.24
CA ILE A 27 -6.24 4.47 -5.70
C ILE A 27 -4.92 4.58 -4.93
N LEU A 28 -4.57 3.51 -4.23
CA LEU A 28 -3.33 3.49 -3.46
C LEU A 28 -2.13 3.33 -4.38
N GLU A 29 -2.11 2.25 -5.16
CA GLU A 29 -1.01 1.99 -6.07
C GLU A 29 -0.58 3.27 -6.80
N ASP A 30 -1.57 4.03 -7.26
CA ASP A 30 -1.30 5.28 -7.96
C ASP A 30 -0.56 6.27 -7.06
N SER A 31 -1.09 6.47 -5.87
CA SER A 31 -0.49 7.39 -4.91
C SER A 31 0.94 6.98 -4.58
N PHE A 32 1.13 5.71 -4.28
CA PHE A 32 2.45 5.18 -3.95
C PHE A 32 3.37 5.23 -5.15
N LEU A 33 3.00 4.52 -6.22
CA LEU A 33 3.81 4.49 -7.43
C LEU A 33 4.31 5.88 -7.79
N LYS A 34 3.47 6.89 -7.54
CA LYS A 34 3.83 8.27 -7.84
C LYS A 34 4.67 8.87 -6.70
N SER A 35 4.44 8.38 -5.49
CA SER A 35 5.17 8.86 -4.32
C SER A 35 5.14 7.83 -3.20
N SER A 36 6.30 7.20 -2.96
CA SER A 36 6.41 6.20 -1.91
C SER A 36 5.87 6.72 -0.59
N PHE A 37 6.17 7.97 -0.28
CA PHE A 37 5.71 8.59 0.95
C PHE A 37 4.76 9.74 0.67
N PRO A 38 3.45 9.48 0.84
CA PRO A 38 2.40 10.49 0.60
C PRO A 38 2.42 11.59 1.64
N THR A 39 1.62 12.63 1.42
CA THR A 39 1.54 13.76 2.33
C THR A 39 0.19 13.80 3.04
N GLN A 40 0.16 14.41 4.22
CA GLN A 40 -1.06 14.52 4.99
C GLN A 40 -2.27 14.71 4.09
N ALA A 41 -2.23 15.76 3.26
CA ALA A 41 -3.32 16.05 2.33
C ALA A 41 -3.66 14.83 1.50
N GLU A 42 -2.66 14.26 0.84
CA GLU A 42 -2.87 13.09 -0.01
C GLU A 42 -3.57 11.98 0.76
N LEU A 43 -2.91 11.46 1.79
CA LEU A 43 -3.47 10.39 2.61
C LEU A 43 -4.93 10.69 2.96
N ASP A 44 -5.17 11.86 3.54
CA ASP A 44 -6.50 12.27 3.93
C ASP A 44 -7.52 11.84 2.87
N ARG A 45 -7.16 12.03 1.60
CA ARG A 45 -8.05 11.67 0.50
C ARG A 45 -8.01 10.17 0.23
N LEU A 46 -6.83 9.58 0.41
CA LEU A 46 -6.66 8.15 0.20
C LEU A 46 -7.60 7.34 1.08
N ARG A 47 -7.59 7.65 2.37
CA ARG A 47 -8.44 6.95 3.33
C ARG A 47 -9.90 6.94 2.85
N VAL A 48 -10.52 8.11 2.83
CA VAL A 48 -11.90 8.24 2.39
C VAL A 48 -12.11 7.59 1.03
N GLU A 49 -11.24 7.92 0.08
CA GLU A 49 -11.32 7.37 -1.27
C GLU A 49 -11.43 5.85 -1.22
N THR A 50 -10.39 5.20 -0.71
CA THR A 50 -10.36 3.75 -0.62
C THR A 50 -11.28 3.25 0.50
N LYS A 51 -11.85 4.19 1.25
CA LYS A 51 -12.76 3.85 2.34
C LYS A 51 -12.03 3.05 3.42
N LEU A 52 -10.81 3.48 3.74
CA LEU A 52 -10.01 2.81 4.76
C LEU A 52 -9.55 3.80 5.83
N SER A 53 -8.99 3.28 6.91
CA SER A 53 -8.51 4.11 8.01
C SER A 53 -7.01 4.35 7.88
N ARG A 54 -6.58 5.54 8.28
CA ARG A 54 -5.16 5.91 8.21
C ARG A 54 -4.28 4.70 8.49
N ARG A 55 -4.55 4.02 9.61
CA ARG A 55 -3.78 2.84 9.99
C ARG A 55 -3.75 1.82 8.87
N GLU A 56 -4.93 1.42 8.40
CA GLU A 56 -5.05 0.44 7.32
C GLU A 56 -4.03 0.72 6.22
N ILE A 57 -4.05 1.94 5.70
CA ILE A 57 -3.12 2.33 4.64
C ILE A 57 -1.67 2.14 5.07
N ASP A 58 -1.32 2.73 6.22
CA ASP A 58 0.03 2.62 6.75
C ASP A 58 0.57 1.20 6.55
N SER A 59 -0.25 0.22 6.88
CA SER A 59 0.16 -1.17 6.74
C SER A 59 0.45 -1.52 5.29
N TRP A 60 -0.40 -1.06 4.39
CA TRP A 60 -0.23 -1.33 2.97
C TRP A 60 1.10 -0.78 2.47
N PHE A 61 1.35 0.50 2.74
CA PHE A 61 2.59 1.14 2.32
C PHE A 61 3.80 0.50 2.99
N SER A 62 3.68 0.25 4.30
CA SER A 62 4.76 -0.37 5.05
C SER A 62 5.38 -1.54 4.28
N GLU A 63 4.53 -2.44 3.82
CA GLU A 63 4.98 -3.60 3.06
C GLU A 63 5.30 -3.22 1.62
N ARG A 64 4.40 -2.46 1.00
CA ARG A 64 4.59 -2.04 -0.39
C ARG A 64 6.03 -1.56 -0.62
N ARG A 65 6.58 -0.88 0.38
CA ARG A 65 7.95 -0.37 0.29
C ARG A 65 8.96 -1.51 0.34
N LYS A 66 8.72 -2.47 1.22
CA LYS A 66 9.61 -3.62 1.36
C LYS A 66 9.78 -4.35 0.04
N LEU A 67 8.69 -4.48 -0.70
CA LEU A 67 8.71 -5.15 -2.00
C LEU A 67 9.72 -4.49 -2.94
N ARG A 68 9.52 -3.21 -3.21
CA ARG A 68 10.41 -2.47 -4.10
C ARG A 68 11.85 -2.57 -3.62
N ASP A 69 12.05 -2.39 -2.31
CA ASP A 69 13.39 -2.46 -1.73
C ASP A 69 14.03 -3.82 -2.00
N SER A 70 13.25 -4.88 -1.82
CA SER A 70 13.75 -6.24 -2.04
C SER A 70 14.90 -6.56 -1.09
N MET A 71 14.75 -6.16 0.17
CA MET A 71 15.77 -6.40 1.18
C MET A 71 15.98 -7.90 1.39
N GLU A 72 17.14 -8.27 1.93
CA GLU A 72 17.46 -9.67 2.17
C GLU A 72 17.48 -10.46 0.88
N GLN A 73 18.06 -9.87 -0.16
CA GLN A 73 18.15 -10.52 -1.46
C GLN A 73 19.50 -10.26 -2.11
N ALA A 74 20.03 -11.27 -2.80
CA ALA A 74 21.32 -11.15 -3.47
C ALA A 74 21.30 -10.03 -4.50
N VAL A 75 21.96 -8.91 -4.17
CA VAL A 75 22.02 -7.76 -5.07
C VAL A 75 23.41 -7.13 -5.06
N LEU A 76 23.79 -6.56 -6.19
CA LEU A 76 25.10 -5.92 -6.32
C LEU A 76 25.02 -4.44 -5.92
N ASP A 77 25.77 -4.08 -4.88
CA ASP A 77 25.78 -2.70 -4.40
C ASP A 77 27.21 -2.14 -4.41
N SER A 78 27.32 -0.82 -4.52
CA SER A 78 28.61 -0.16 -4.54
C SER A 78 29.20 -0.06 -3.14
N MET A 79 30.43 0.46 -3.05
CA MET A 79 31.09 0.61 -1.78
C MET A 79 30.99 2.05 -1.27
N GLY A 80 30.97 2.22 0.05
CA GLY A 80 30.87 3.54 0.63
C GLY A 80 29.44 3.93 0.96
N SER A 81 29.11 3.95 2.24
CA SER A 81 27.77 4.30 2.68
C SER A 81 27.80 4.94 4.07
N GLY A 82 26.89 5.88 4.29
CA GLY A 82 26.83 6.56 5.59
C GLY A 82 26.60 5.59 6.74
N LYS A 83 27.40 5.72 7.78
CA LYS A 83 27.29 4.86 8.95
C LYS A 83 26.64 5.60 10.12
N SER A 84 25.81 4.90 10.88
CA SER A 84 25.13 5.48 12.03
C SER A 84 25.62 4.87 13.33
N GLY A 85 25.44 5.60 14.43
CA GLY A 85 25.87 5.10 15.72
C GLY A 85 24.84 5.36 16.81
N PRO A 86 23.99 4.37 17.07
CA PRO A 86 22.94 4.48 18.09
C PRO A 86 23.51 4.48 19.51
N SER A 87 23.60 5.68 20.10
CA SER A 87 24.13 5.82 21.45
C SER A 87 23.12 5.33 22.48
N SER A 88 23.62 4.85 23.62
CA SER A 88 22.77 4.35 24.68
C SER A 88 22.56 5.42 25.75
N GLY A 89 21.70 5.12 26.72
CA GLY A 89 21.42 6.06 27.79
C GLY A 89 20.56 5.47 28.87
N GLY A 1 22.32 -6.19 31.51
CA GLY A 1 21.65 -6.91 30.45
C GLY A 1 20.36 -7.57 30.92
N SER A 2 19.42 -6.76 31.37
CA SER A 2 18.13 -7.27 31.86
C SER A 2 17.17 -7.52 30.70
N SER A 3 16.54 -8.68 30.71
CA SER A 3 15.59 -9.03 29.66
C SER A 3 14.16 -8.73 30.08
N GLY A 4 13.73 -9.34 31.18
CA GLY A 4 12.38 -9.12 31.68
C GLY A 4 11.98 -10.12 32.74
N SER A 5 11.21 -9.66 33.73
CA SER A 5 10.76 -10.52 34.82
C SER A 5 9.36 -11.07 34.54
N SER A 6 8.44 -10.18 34.19
CA SER A 6 7.07 -10.57 33.90
C SER A 6 7.02 -11.64 32.81
N GLY A 7 5.90 -12.34 32.73
CA GLY A 7 5.76 -13.39 31.73
C GLY A 7 4.79 -13.00 30.63
N ALA A 8 4.72 -13.82 29.59
CA ALA A 8 3.83 -13.56 28.47
C ALA A 8 3.09 -14.84 28.05
N TYR A 9 1.78 -14.83 28.22
CA TYR A 9 0.95 -15.98 27.86
C TYR A 9 1.03 -16.26 26.36
N PRO A 10 1.35 -17.51 26.01
CA PRO A 10 1.45 -17.93 24.60
C PRO A 10 0.10 -17.98 23.91
N ASP A 11 -0.93 -17.51 24.60
CA ASP A 11 -2.29 -17.50 24.05
C ASP A 11 -2.58 -16.18 23.36
N PHE A 12 -3.11 -16.24 22.14
CA PHE A 12 -3.43 -15.05 21.37
C PHE A 12 -4.48 -15.36 20.30
N ALA A 13 -5.48 -14.49 20.21
CA ALA A 13 -6.55 -14.67 19.23
C ALA A 13 -6.01 -14.53 17.81
N PRO A 14 -6.74 -15.12 16.85
CA PRO A 14 -6.35 -15.06 15.43
C PRO A 14 -6.50 -13.67 14.83
N GLN A 15 -5.92 -13.45 13.67
CA GLN A 15 -5.99 -12.17 13.00
C GLN A 15 -6.42 -12.33 11.54
N LYS A 16 -7.51 -11.66 11.17
CA LYS A 16 -8.03 -11.74 9.81
C LYS A 16 -7.76 -10.43 9.06
N PHE A 17 -7.50 -10.55 7.76
CA PHE A 17 -7.23 -9.39 6.93
C PHE A 17 -8.44 -9.04 6.07
N LYS A 18 -8.75 -7.74 6.00
CA LYS A 18 -9.88 -7.28 5.22
C LYS A 18 -9.70 -7.62 3.74
N GLU A 19 -10.73 -7.37 2.95
CA GLU A 19 -10.68 -7.64 1.51
C GLU A 19 -10.75 -6.35 0.71
N LYS A 20 -9.66 -6.04 0.02
CA LYS A 20 -9.60 -4.82 -0.80
C LYS A 20 -10.04 -5.11 -2.23
N THR A 21 -10.77 -4.16 -2.81
CA THR A 21 -11.26 -4.31 -4.18
C THR A 21 -10.37 -3.57 -5.17
N GLN A 22 -10.36 -4.04 -6.41
CA GLN A 22 -9.54 -3.43 -7.45
C GLN A 22 -9.54 -1.91 -7.33
N GLY A 23 -10.72 -1.35 -7.12
CA GLY A 23 -10.84 0.09 -6.98
C GLY A 23 -9.95 0.66 -5.89
N GLN A 24 -10.13 0.15 -4.68
CA GLN A 24 -9.33 0.61 -3.54
C GLN A 24 -7.83 0.52 -3.85
N VAL A 25 -7.41 -0.63 -4.36
CA VAL A 25 -6.00 -0.85 -4.70
C VAL A 25 -5.53 0.19 -5.71
N LYS A 26 -6.33 0.40 -6.75
CA LYS A 26 -5.99 1.35 -7.80
C LYS A 26 -5.71 2.73 -7.21
N ILE A 27 -6.51 3.13 -6.23
CA ILE A 27 -6.34 4.42 -5.58
C ILE A 27 -5.02 4.48 -4.83
N LEU A 28 -4.64 3.37 -4.20
CA LEU A 28 -3.39 3.31 -3.45
C LEU A 28 -2.19 3.22 -4.39
N GLU A 29 -2.15 2.16 -5.18
CA GLU A 29 -1.06 1.95 -6.12
C GLU A 29 -0.69 3.25 -6.81
N ASP A 30 -1.69 4.03 -7.19
CA ASP A 30 -1.46 5.31 -7.85
C ASP A 30 -0.75 6.29 -6.92
N SER A 31 -1.12 6.26 -5.64
CA SER A 31 -0.51 7.14 -4.65
C SER A 31 0.93 6.72 -4.36
N PHE A 32 1.17 5.42 -4.35
CA PHE A 32 2.50 4.89 -4.08
C PHE A 32 3.39 5.01 -5.31
N LEU A 33 3.00 4.33 -6.38
CA LEU A 33 3.76 4.36 -7.63
C LEU A 33 4.20 5.78 -7.97
N LYS A 34 3.38 6.75 -7.60
CA LYS A 34 3.68 8.15 -7.86
C LYS A 34 4.53 8.74 -6.73
N SER A 35 4.24 8.33 -5.51
CA SER A 35 4.97 8.83 -4.34
C SER A 35 4.84 7.86 -3.17
N SER A 36 5.88 7.07 -2.94
CA SER A 36 5.89 6.10 -1.86
C SER A 36 5.49 6.76 -0.54
N PHE A 37 6.03 7.95 -0.30
CA PHE A 37 5.73 8.69 0.92
C PHE A 37 4.65 9.75 0.68
N PRO A 38 3.41 9.44 1.09
CA PRO A 38 2.27 10.34 0.94
C PRO A 38 2.37 11.57 1.83
N THR A 39 1.40 12.46 1.72
CA THR A 39 1.38 13.68 2.52
C THR A 39 0.02 13.88 3.18
N GLN A 40 0.01 14.57 4.31
CA GLN A 40 -1.22 14.83 5.04
C GLN A 40 -2.39 15.02 4.07
N ALA A 41 -2.16 15.79 3.01
CA ALA A 41 -3.19 16.04 2.02
C ALA A 41 -3.57 14.77 1.28
N GLU A 42 -2.59 14.13 0.65
CA GLU A 42 -2.82 12.90 -0.09
C GLU A 42 -3.59 11.89 0.76
N LEU A 43 -2.94 11.39 1.81
CA LEU A 43 -3.56 10.42 2.69
C LEU A 43 -5.03 10.74 2.92
N ASP A 44 -5.30 11.93 3.47
CA ASP A 44 -6.67 12.36 3.73
C ASP A 44 -7.60 11.91 2.60
N ARG A 45 -7.14 12.05 1.36
CA ARG A 45 -7.92 11.67 0.20
C ARG A 45 -7.93 10.15 0.01
N LEU A 46 -6.77 9.54 0.19
CA LEU A 46 -6.63 8.10 0.05
C LEU A 46 -7.58 7.36 1.00
N ARG A 47 -7.52 7.73 2.28
CA ARG A 47 -8.36 7.11 3.29
C ARG A 47 -9.83 7.21 2.90
N VAL A 48 -10.35 8.44 2.86
CA VAL A 48 -11.75 8.66 2.50
C VAL A 48 -12.09 8.00 1.17
N GLU A 49 -11.20 8.13 0.20
CA GLU A 49 -11.41 7.55 -1.11
C GLU A 49 -11.60 6.04 -1.01
N THR A 50 -10.58 5.34 -0.55
CA THR A 50 -10.64 3.89 -0.40
C THR A 50 -11.48 3.49 0.80
N LYS A 51 -11.91 4.49 1.56
CA LYS A 51 -12.72 4.25 2.75
C LYS A 51 -11.95 3.46 3.79
N LEU A 52 -10.71 3.87 4.03
CA LEU A 52 -9.85 3.21 5.01
C LEU A 52 -9.30 4.21 6.03
N SER A 53 -8.70 3.68 7.10
CA SER A 53 -8.13 4.52 8.14
C SER A 53 -6.63 4.69 7.94
N ARG A 54 -6.04 5.60 8.72
CA ARG A 54 -4.60 5.86 8.63
C ARG A 54 -3.81 4.56 8.75
N ARG A 55 -4.23 3.70 9.67
CA ARG A 55 -3.57 2.42 9.89
C ARG A 55 -3.70 1.52 8.66
N GLU A 56 -4.94 1.26 8.26
CA GLU A 56 -5.19 0.40 7.11
C GLU A 56 -4.18 0.67 5.99
N ILE A 57 -3.96 1.94 5.68
CA ILE A 57 -3.02 2.32 4.64
C ILE A 57 -1.59 2.17 5.13
N ASP A 58 -1.29 2.70 6.31
CA ASP A 58 0.04 2.62 6.89
C ASP A 58 0.63 1.23 6.71
N SER A 59 -0.17 0.21 7.00
CA SER A 59 0.27 -1.17 6.88
C SER A 59 0.62 -1.51 5.43
N TRP A 60 -0.26 -1.11 4.51
CA TRP A 60 -0.05 -1.36 3.09
C TRP A 60 1.26 -0.74 2.62
N PHE A 61 1.40 0.56 2.83
CA PHE A 61 2.61 1.28 2.42
C PHE A 61 3.84 0.69 3.11
N SER A 62 3.79 0.62 4.43
CA SER A 62 4.91 0.08 5.22
C SER A 62 5.47 -1.17 4.55
N GLU A 63 4.60 -2.10 4.18
CA GLU A 63 5.03 -3.34 3.55
C GLU A 63 5.52 -3.07 2.13
N ARG A 64 4.68 -2.44 1.32
CA ARG A 64 5.04 -2.12 -0.06
C ARG A 64 6.49 -1.68 -0.16
N ARG A 65 6.86 -0.66 0.60
CA ARG A 65 8.23 -0.14 0.60
C ARG A 65 9.23 -1.28 0.71
N LYS A 66 8.97 -2.21 1.63
CA LYS A 66 9.86 -3.34 1.84
C LYS A 66 10.31 -3.94 0.51
N LEU A 67 9.38 -4.05 -0.43
CA LEU A 67 9.68 -4.61 -1.75
C LEU A 67 10.66 -3.71 -2.50
N ARG A 68 10.52 -2.39 -2.32
CA ARG A 68 11.39 -1.44 -2.98
C ARG A 68 12.77 -1.43 -2.33
N ASP A 69 12.80 -1.34 -1.00
CA ASP A 69 14.05 -1.33 -0.25
C ASP A 69 14.85 -2.60 -0.51
N SER A 70 14.19 -3.74 -0.44
CA SER A 70 14.84 -5.02 -0.66
C SER A 70 15.52 -5.06 -2.02
N MET A 71 14.75 -4.79 -3.07
CA MET A 71 15.28 -4.80 -4.43
C MET A 71 16.35 -3.72 -4.59
N GLU A 72 17.18 -3.88 -5.62
CA GLU A 72 18.24 -2.92 -5.89
C GLU A 72 17.68 -1.60 -6.41
N GLN A 73 18.30 -0.50 -6.01
CA GLN A 73 17.87 0.83 -6.44
C GLN A 73 17.42 0.81 -7.90
N ALA A 74 18.27 0.28 -8.77
CA ALA A 74 17.97 0.20 -10.19
C ALA A 74 16.86 -0.80 -10.46
N VAL A 75 15.96 -0.47 -11.40
CA VAL A 75 14.86 -1.34 -11.74
C VAL A 75 15.29 -2.41 -12.73
N LEU A 76 14.94 -3.66 -12.44
CA LEU A 76 15.29 -4.78 -13.32
C LEU A 76 14.11 -5.15 -14.22
N ASP A 77 14.34 -5.03 -15.53
CA ASP A 77 13.30 -5.36 -16.51
C ASP A 77 13.35 -6.84 -16.87
N SER A 78 12.17 -7.41 -17.15
CA SER A 78 12.08 -8.82 -17.50
C SER A 78 11.49 -8.99 -18.89
N MET A 79 12.04 -9.93 -19.66
CA MET A 79 11.57 -10.19 -21.01
C MET A 79 10.06 -10.43 -21.03
N GLY A 80 9.37 -9.79 -21.96
CA GLY A 80 7.93 -9.94 -22.07
C GLY A 80 7.28 -8.86 -22.89
N SER A 81 7.28 -9.04 -24.21
CA SER A 81 6.69 -8.06 -25.11
C SER A 81 5.48 -8.66 -25.85
N GLY A 82 4.46 -7.83 -26.06
CA GLY A 82 3.27 -8.30 -26.74
C GLY A 82 2.02 -7.60 -26.26
N LYS A 83 1.25 -7.04 -27.19
CA LYS A 83 0.01 -6.35 -26.86
C LYS A 83 -1.17 -6.93 -27.61
N SER A 84 -2.21 -7.33 -26.88
CA SER A 84 -3.40 -7.92 -27.48
C SER A 84 -4.40 -6.83 -27.84
N GLY A 85 -5.27 -7.13 -28.81
CA GLY A 85 -6.28 -6.18 -29.23
C GLY A 85 -7.30 -6.79 -30.17
N PRO A 86 -8.59 -6.65 -29.82
CA PRO A 86 -9.68 -7.18 -30.64
C PRO A 86 -9.86 -6.43 -31.95
N SER A 87 -9.59 -7.12 -33.05
CA SER A 87 -9.72 -6.52 -34.38
C SER A 87 -10.91 -7.11 -35.13
N SER A 88 -11.71 -6.22 -35.73
CA SER A 88 -12.88 -6.64 -36.48
C SER A 88 -12.49 -7.22 -37.84
N GLY A 89 -11.67 -6.47 -38.58
CA GLY A 89 -11.23 -6.92 -39.89
C GLY A 89 -9.72 -6.85 -40.04
N GLY A 1 28.36 -2.26 -16.12
CA GLY A 1 27.04 -1.89 -15.65
C GLY A 1 25.94 -2.64 -16.39
N SER A 2 24.79 -2.76 -15.74
CA SER A 2 23.65 -3.46 -16.34
C SER A 2 22.36 -2.67 -16.15
N SER A 3 21.38 -2.92 -17.02
CA SER A 3 20.10 -2.22 -16.94
C SER A 3 19.46 -2.42 -15.57
N GLY A 4 19.26 -3.67 -15.18
CA GLY A 4 18.66 -3.95 -13.89
C GLY A 4 18.44 -5.45 -13.67
N SER A 5 19.54 -6.20 -13.67
CA SER A 5 19.46 -7.64 -13.47
C SER A 5 18.70 -7.97 -12.19
N SER A 6 19.21 -7.48 -11.07
CA SER A 6 18.57 -7.73 -9.78
C SER A 6 17.24 -7.01 -9.66
N GLY A 7 16.30 -7.61 -8.94
CA GLY A 7 14.99 -7.01 -8.77
C GLY A 7 13.87 -8.02 -8.90
N ALA A 8 12.66 -7.53 -9.14
CA ALA A 8 11.50 -8.40 -9.28
C ALA A 8 10.83 -8.20 -10.64
N TYR A 9 11.03 -9.16 -11.54
CA TYR A 9 10.45 -9.08 -12.87
C TYR A 9 8.93 -9.15 -12.80
N PRO A 10 8.41 -10.27 -12.25
CA PRO A 10 6.97 -10.49 -12.11
C PRO A 10 6.34 -9.56 -11.08
N ASP A 11 5.54 -8.62 -11.54
CA ASP A 11 4.88 -7.67 -10.65
C ASP A 11 3.77 -8.36 -9.86
N PHE A 12 3.17 -7.63 -8.92
CA PHE A 12 2.10 -8.16 -8.10
C PHE A 12 0.73 -7.83 -8.69
N ALA A 13 -0.26 -8.63 -8.34
CA ALA A 13 -1.62 -8.42 -8.84
C ALA A 13 -2.59 -8.11 -7.69
N PRO A 14 -3.65 -7.37 -8.01
CA PRO A 14 -4.67 -6.99 -7.03
C PRO A 14 -5.51 -8.19 -6.56
N GLN A 15 -5.30 -9.33 -7.20
CA GLN A 15 -6.03 -10.54 -6.86
C GLN A 15 -5.60 -11.08 -5.49
N LYS A 16 -6.28 -12.12 -5.03
CA LYS A 16 -5.95 -12.72 -3.74
C LYS A 16 -6.04 -11.69 -2.62
N PHE A 17 -7.03 -10.80 -2.71
CA PHE A 17 -7.20 -9.76 -1.70
C PHE A 17 -8.69 -9.51 -1.45
N LYS A 18 -9.17 -9.96 -0.30
CA LYS A 18 -10.58 -9.78 0.06
C LYS A 18 -10.76 -8.57 0.97
N GLU A 19 -9.71 -8.26 1.74
CA GLU A 19 -9.76 -7.12 2.66
C GLU A 19 -9.78 -5.80 1.88
N LYS A 20 -9.74 -5.90 0.56
CA LYS A 20 -9.76 -4.72 -0.30
C LYS A 20 -10.33 -5.05 -1.68
N THR A 21 -10.50 -4.03 -2.50
CA THR A 21 -11.04 -4.21 -3.84
C THR A 21 -10.24 -3.41 -4.87
N GLN A 22 -10.22 -3.91 -6.10
CA GLN A 22 -9.49 -3.24 -7.18
C GLN A 22 -9.56 -1.72 -7.02
N GLY A 23 -10.74 -1.21 -6.70
CA GLY A 23 -10.91 0.21 -6.52
C GLY A 23 -9.93 0.80 -5.52
N GLN A 24 -10.01 0.33 -4.28
CA GLN A 24 -9.13 0.81 -3.22
C GLN A 24 -7.67 0.67 -3.63
N VAL A 25 -7.25 -0.56 -3.92
CA VAL A 25 -5.88 -0.82 -4.32
C VAL A 25 -5.42 0.14 -5.41
N LYS A 26 -6.26 0.29 -6.44
CA LYS A 26 -5.95 1.18 -7.55
C LYS A 26 -5.64 2.60 -7.05
N ILE A 27 -6.41 3.04 -6.06
CA ILE A 27 -6.21 4.37 -5.48
C ILE A 27 -4.87 4.47 -4.76
N LEU A 28 -4.50 3.40 -4.06
CA LEU A 28 -3.23 3.37 -3.33
C LEU A 28 -2.05 3.29 -4.29
N GLU A 29 -2.10 2.35 -5.22
CA GLU A 29 -1.04 2.19 -6.20
C GLU A 29 -0.70 3.51 -6.87
N ASP A 30 -1.72 4.21 -7.35
CA ASP A 30 -1.53 5.50 -8.01
C ASP A 30 -0.77 6.47 -7.11
N SER A 31 -1.12 6.47 -5.83
CA SER A 31 -0.47 7.35 -4.87
C SER A 31 0.98 6.93 -4.64
N PHE A 32 1.17 5.67 -4.28
CA PHE A 32 2.51 5.13 -4.03
C PHE A 32 3.39 5.29 -5.25
N LEU A 33 3.04 4.59 -6.32
CA LEU A 33 3.81 4.64 -7.57
C LEU A 33 4.38 6.03 -7.79
N LYS A 34 3.61 7.05 -7.40
CA LYS A 34 4.05 8.44 -7.56
C LYS A 34 5.04 8.82 -6.45
N SER A 35 4.63 8.64 -5.21
CA SER A 35 5.47 8.96 -4.07
C SER A 35 5.30 7.94 -2.95
N SER A 36 6.33 7.12 -2.74
CA SER A 36 6.29 6.10 -1.70
C SER A 36 5.66 6.64 -0.42
N PHE A 37 6.12 7.82 0.00
CA PHE A 37 5.61 8.44 1.22
C PHE A 37 4.66 9.59 0.87
N PRO A 38 3.34 9.33 0.99
CA PRO A 38 2.32 10.33 0.69
C PRO A 38 2.29 11.45 1.72
N THR A 39 1.63 12.55 1.37
CA THR A 39 1.52 13.70 2.27
C THR A 39 0.15 13.74 2.94
N GLN A 40 0.08 14.43 4.08
CA GLN A 40 -1.17 14.55 4.81
C GLN A 40 -2.35 14.80 3.87
N ALA A 41 -2.14 15.69 2.91
CA ALA A 41 -3.17 16.01 1.94
C ALA A 41 -3.57 14.79 1.12
N GLU A 42 -2.57 14.11 0.56
CA GLU A 42 -2.82 12.92 -0.24
C GLU A 42 -3.53 11.85 0.57
N LEU A 43 -2.84 11.30 1.55
CA LEU A 43 -3.40 10.26 2.40
C LEU A 43 -4.85 10.60 2.79
N ASP A 44 -5.02 11.79 3.38
CA ASP A 44 -6.36 12.23 3.79
C ASP A 44 -7.39 11.92 2.72
N ARG A 45 -7.02 12.14 1.46
CA ARG A 45 -7.93 11.88 0.34
C ARG A 45 -8.10 10.39 0.12
N LEU A 46 -7.01 9.65 0.25
CA LEU A 46 -7.05 8.20 0.06
C LEU A 46 -8.09 7.55 0.98
N ARG A 47 -7.88 7.65 2.27
CA ARG A 47 -8.80 7.08 3.26
C ARG A 47 -10.24 7.22 2.78
N VAL A 48 -10.58 8.39 2.26
CA VAL A 48 -11.93 8.65 1.77
C VAL A 48 -12.27 7.73 0.60
N GLU A 49 -11.60 7.94 -0.54
CA GLU A 49 -11.84 7.13 -1.72
C GLU A 49 -11.77 5.64 -1.39
N THR A 50 -10.67 5.23 -0.76
CA THR A 50 -10.48 3.84 -0.39
C THR A 50 -11.33 3.47 0.82
N LYS A 51 -11.90 4.48 1.47
CA LYS A 51 -12.73 4.27 2.64
C LYS A 51 -11.99 3.44 3.68
N LEU A 52 -10.75 3.82 3.97
CA LEU A 52 -9.94 3.12 4.95
C LEU A 52 -9.48 4.06 6.06
N SER A 53 -8.84 3.50 7.09
CA SER A 53 -8.35 4.30 8.20
C SER A 53 -6.86 4.61 8.03
N ARG A 54 -6.32 5.37 8.97
CA ARG A 54 -4.91 5.75 8.92
C ARG A 54 -4.01 4.52 9.09
N ARG A 55 -4.39 3.63 9.99
CA ARG A 55 -3.63 2.42 10.26
C ARG A 55 -3.68 1.48 9.06
N GLU A 56 -4.88 1.27 8.53
CA GLU A 56 -5.07 0.39 7.38
C GLU A 56 -4.02 0.67 6.30
N ILE A 57 -4.08 1.88 5.75
CA ILE A 57 -3.13 2.27 4.70
C ILE A 57 -1.69 2.13 5.17
N ASP A 58 -1.40 2.74 6.32
CA ASP A 58 -0.05 2.67 6.89
C ASP A 58 0.59 1.32 6.63
N SER A 59 -0.20 0.26 6.79
CA SER A 59 0.30 -1.10 6.57
C SER A 59 0.53 -1.36 5.09
N TRP A 60 -0.48 -1.12 4.28
CA TRP A 60 -0.38 -1.34 2.84
C TRP A 60 0.93 -0.79 2.30
N PHE A 61 1.19 0.49 2.55
CA PHE A 61 2.42 1.13 2.10
C PHE A 61 3.64 0.47 2.73
N SER A 62 3.65 0.39 4.05
CA SER A 62 4.77 -0.21 4.77
C SER A 62 5.28 -1.46 4.04
N GLU A 63 4.36 -2.37 3.74
CA GLU A 63 4.71 -3.60 3.04
C GLU A 63 5.09 -3.32 1.59
N ARG A 64 4.21 -2.63 0.87
CA ARG A 64 4.44 -2.30 -0.52
C ARG A 64 5.87 -1.82 -0.73
N ARG A 65 6.38 -1.05 0.23
CA ARG A 65 7.74 -0.52 0.15
C ARG A 65 8.76 -1.66 0.04
N LYS A 66 8.56 -2.70 0.85
CA LYS A 66 9.46 -3.85 0.85
C LYS A 66 9.57 -4.45 -0.54
N LEU A 67 8.44 -4.52 -1.25
CA LEU A 67 8.42 -5.07 -2.60
C LEU A 67 9.33 -4.28 -3.53
N ARG A 68 9.07 -2.98 -3.63
CA ARG A 68 9.86 -2.11 -4.49
C ARG A 68 11.35 -2.26 -4.19
N ASP A 69 11.70 -2.19 -2.92
CA ASP A 69 13.09 -2.31 -2.50
C ASP A 69 13.69 -3.64 -2.98
N SER A 70 12.92 -4.72 -2.85
CA SER A 70 13.36 -6.03 -3.27
C SER A 70 14.60 -6.47 -2.48
N MET A 71 14.58 -6.20 -1.19
CA MET A 71 15.70 -6.57 -0.32
C MET A 71 16.09 -8.04 -0.52
N GLU A 72 15.16 -8.93 -0.25
CA GLU A 72 15.41 -10.36 -0.40
C GLU A 72 15.84 -10.68 -1.83
N GLN A 73 16.88 -11.51 -1.95
CA GLN A 73 17.39 -11.90 -3.25
C GLN A 73 16.36 -12.73 -4.02
N ALA A 74 16.41 -12.65 -5.35
CA ALA A 74 15.48 -13.38 -6.19
C ALA A 74 16.19 -13.94 -7.42
N VAL A 75 15.50 -14.83 -8.14
CA VAL A 75 16.07 -15.44 -9.34
C VAL A 75 15.90 -14.51 -10.54
N LEU A 76 16.97 -14.37 -11.32
CA LEU A 76 16.93 -13.52 -12.51
C LEU A 76 16.01 -14.10 -13.58
N ASP A 77 15.25 -13.23 -14.23
CA ASP A 77 14.32 -13.65 -15.27
C ASP A 77 14.76 -13.13 -16.63
N SER A 78 14.15 -13.66 -17.69
CA SER A 78 14.48 -13.24 -19.05
C SER A 78 14.11 -11.78 -19.28
N MET A 79 14.69 -11.19 -20.31
CA MET A 79 14.42 -9.80 -20.65
C MET A 79 13.53 -9.70 -21.89
N GLY A 80 12.75 -8.62 -21.96
CA GLY A 80 11.87 -8.42 -23.10
C GLY A 80 11.77 -6.97 -23.52
N SER A 81 10.78 -6.27 -22.97
CA SER A 81 10.58 -4.85 -23.29
C SER A 81 10.63 -4.00 -22.03
N GLY A 82 10.97 -2.72 -22.20
CA GLY A 82 11.04 -1.82 -21.08
C GLY A 82 11.06 -0.36 -21.50
N LYS A 83 9.89 0.27 -21.50
CA LYS A 83 9.78 1.67 -21.90
C LYS A 83 8.97 2.46 -20.87
N SER A 84 9.48 3.64 -20.50
CA SER A 84 8.81 4.48 -19.53
C SER A 84 8.23 5.72 -20.19
N GLY A 85 6.91 5.87 -20.10
CA GLY A 85 6.25 7.01 -20.69
C GLY A 85 7.04 8.30 -20.52
N PRO A 86 6.97 9.19 -21.51
CA PRO A 86 7.67 10.47 -21.49
C PRO A 86 7.08 11.43 -20.47
N SER A 87 7.73 12.59 -20.30
CA SER A 87 7.27 13.60 -19.35
C SER A 87 7.51 15.00 -19.89
N SER A 88 6.56 15.91 -19.61
CA SER A 88 6.68 17.29 -20.06
C SER A 88 6.42 18.26 -18.93
N GLY A 89 6.87 19.50 -19.09
CA GLY A 89 6.68 20.50 -18.07
C GLY A 89 5.78 21.64 -18.54
N GLY A 1 18.65 -28.29 21.82
CA GLY A 1 17.94 -28.66 20.62
C GLY A 1 17.31 -27.47 19.93
N SER A 2 17.05 -27.61 18.63
CA SER A 2 16.45 -26.54 17.85
C SER A 2 15.49 -27.09 16.81
N SER A 3 14.23 -26.66 16.90
CA SER A 3 13.20 -27.12 15.97
C SER A 3 12.13 -26.06 15.77
N GLY A 4 11.30 -26.24 14.75
CA GLY A 4 10.24 -25.28 14.48
C GLY A 4 9.13 -25.88 13.62
N SER A 5 7.90 -25.53 13.94
CA SER A 5 6.75 -26.02 13.19
C SER A 5 5.71 -24.93 12.97
N SER A 6 4.90 -25.08 11.93
CA SER A 6 3.87 -24.09 11.62
C SER A 6 2.60 -24.78 11.13
N GLY A 7 1.53 -24.67 11.91
CA GLY A 7 0.26 -25.28 11.53
C GLY A 7 -0.87 -24.28 11.50
N ALA A 8 -1.67 -24.34 10.44
CA ALA A 8 -2.81 -23.43 10.29
C ALA A 8 -4.11 -24.10 10.70
N TYR A 9 -4.77 -23.55 11.71
CA TYR A 9 -6.02 -24.10 12.20
C TYR A 9 -7.22 -23.37 11.60
N PRO A 10 -8.29 -24.12 11.32
CA PRO A 10 -9.51 -23.57 10.74
C PRO A 10 -10.27 -22.68 11.72
N ASP A 11 -10.83 -21.59 11.21
CA ASP A 11 -11.59 -20.65 12.04
C ASP A 11 -12.85 -20.19 11.33
N PHE A 12 -13.70 -19.47 12.05
CA PHE A 12 -14.95 -18.98 11.49
C PHE A 12 -15.14 -17.49 11.81
N ALA A 13 -15.19 -16.67 10.76
CA ALA A 13 -15.36 -15.23 10.93
C ALA A 13 -16.52 -14.72 10.07
N PRO A 14 -17.12 -13.61 10.52
CA PRO A 14 -18.25 -12.99 9.81
C PRO A 14 -17.83 -12.37 8.48
N GLN A 15 -16.70 -11.66 8.50
CA GLN A 15 -16.19 -11.01 7.30
C GLN A 15 -14.69 -11.23 7.16
N LYS A 16 -14.30 -12.01 6.16
CA LYS A 16 -12.90 -12.30 5.92
C LYS A 16 -12.42 -11.66 4.62
N PHE A 17 -11.39 -10.83 4.71
CA PHE A 17 -10.84 -10.14 3.54
C PHE A 17 -9.31 -10.23 3.53
N LYS A 18 -8.76 -10.61 2.39
CA LYS A 18 -7.31 -10.73 2.24
C LYS A 18 -6.71 -9.41 1.77
N GLU A 19 -7.39 -8.75 0.83
CA GLU A 19 -6.91 -7.49 0.29
C GLU A 19 -8.09 -6.59 -0.12
N LYS A 20 -7.83 -5.29 -0.20
CA LYS A 20 -8.87 -4.34 -0.58
C LYS A 20 -9.33 -4.59 -2.01
N THR A 21 -10.50 -4.04 -2.35
CA THR A 21 -11.06 -4.20 -3.68
C THR A 21 -10.21 -3.50 -4.73
N GLN A 22 -10.40 -3.88 -5.99
CA GLN A 22 -9.65 -3.29 -7.09
C GLN A 22 -9.65 -1.77 -6.99
N GLY A 23 -10.84 -1.18 -6.90
CA GLY A 23 -10.96 0.26 -6.80
C GLY A 23 -10.03 0.84 -5.76
N GLN A 24 -10.26 0.50 -4.50
CA GLN A 24 -9.44 1.00 -3.41
C GLN A 24 -7.95 0.87 -3.73
N VAL A 25 -7.54 -0.34 -4.10
CA VAL A 25 -6.15 -0.61 -4.44
C VAL A 25 -5.66 0.36 -5.52
N LYS A 26 -6.48 0.56 -6.53
CA LYS A 26 -6.14 1.47 -7.63
C LYS A 26 -5.87 2.88 -7.11
N ILE A 27 -6.69 3.32 -6.16
CA ILE A 27 -6.53 4.65 -5.59
C ILE A 27 -5.21 4.76 -4.83
N LEU A 28 -4.81 3.69 -4.17
CA LEU A 28 -3.56 3.67 -3.41
C LEU A 28 -2.36 3.50 -4.33
N GLU A 29 -2.31 2.39 -5.05
CA GLU A 29 -1.22 2.11 -5.97
C GLU A 29 -0.85 3.36 -6.76
N ASP A 30 -1.86 3.99 -7.35
CA ASP A 30 -1.64 5.20 -8.14
C ASP A 30 -0.78 6.20 -7.37
N SER A 31 -1.04 6.33 -6.08
CA SER A 31 -0.29 7.26 -5.24
C SER A 31 1.11 6.72 -4.94
N PHE A 32 1.16 5.54 -4.31
CA PHE A 32 2.43 4.91 -3.96
C PHE A 32 3.35 4.87 -5.18
N LEU A 33 2.91 4.21 -6.24
CA LEU A 33 3.69 4.09 -7.45
C LEU A 33 4.47 5.38 -7.73
N LYS A 34 3.81 6.51 -7.52
CA LYS A 34 4.43 7.81 -7.74
C LYS A 34 5.32 8.20 -6.57
N SER A 35 4.72 8.27 -5.38
CA SER A 35 5.46 8.64 -4.18
C SER A 35 5.14 7.69 -3.04
N SER A 36 6.09 6.81 -2.71
CA SER A 36 5.90 5.83 -1.65
C SER A 36 5.32 6.50 -0.40
N PHE A 37 5.89 7.64 -0.02
CA PHE A 37 5.43 8.38 1.15
C PHE A 37 4.57 9.57 0.74
N PRO A 38 3.25 9.41 0.86
CA PRO A 38 2.29 10.48 0.50
C PRO A 38 2.35 11.65 1.47
N THR A 39 1.43 12.59 1.32
CA THR A 39 1.37 13.77 2.17
C THR A 39 0.00 13.91 2.82
N GLN A 40 -0.04 14.59 3.96
CA GLN A 40 -1.30 14.80 4.68
C GLN A 40 -2.45 15.06 3.70
N ALA A 41 -2.18 15.87 2.69
CA ALA A 41 -3.19 16.21 1.69
C ALA A 41 -3.67 14.95 0.96
N GLU A 42 -2.73 14.24 0.35
CA GLU A 42 -3.06 13.02 -0.39
C GLU A 42 -3.74 12.00 0.52
N LEU A 43 -2.99 11.51 1.51
CA LEU A 43 -3.53 10.52 2.44
C LEU A 43 -4.96 10.85 2.82
N ASP A 44 -5.17 12.06 3.32
CA ASP A 44 -6.51 12.50 3.72
C ASP A 44 -7.55 12.07 2.70
N ARG A 45 -7.18 12.14 1.42
CA ARG A 45 -8.08 11.75 0.35
C ARG A 45 -8.09 10.24 0.15
N LEU A 46 -6.91 9.64 0.27
CA LEU A 46 -6.78 8.19 0.10
C LEU A 46 -7.66 7.44 1.10
N ARG A 47 -7.61 7.86 2.36
CA ARG A 47 -8.41 7.23 3.40
C ARG A 47 -9.89 7.28 3.06
N VAL A 48 -10.45 8.49 3.00
CA VAL A 48 -11.86 8.67 2.69
C VAL A 48 -12.21 7.98 1.37
N GLU A 49 -11.37 8.16 0.36
CA GLU A 49 -11.60 7.56 -0.94
C GLU A 49 -11.70 6.03 -0.83
N THR A 50 -10.61 5.41 -0.41
CA THR A 50 -10.58 3.96 -0.26
C THR A 50 -11.41 3.51 0.94
N LYS A 51 -11.92 4.47 1.68
CA LYS A 51 -12.74 4.18 2.85
C LYS A 51 -11.92 3.42 3.90
N LEU A 52 -10.70 3.87 4.14
CA LEU A 52 -9.82 3.23 5.11
C LEU A 52 -9.30 4.24 6.12
N SER A 53 -8.77 3.74 7.25
CA SER A 53 -8.24 4.61 8.28
C SER A 53 -6.74 4.78 8.13
N ARG A 54 -6.18 5.75 8.85
CA ARG A 54 -4.75 6.03 8.79
C ARG A 54 -3.95 4.73 8.94
N ARG A 55 -4.34 3.91 9.90
CA ARG A 55 -3.66 2.64 10.15
C ARG A 55 -3.90 1.66 9.00
N GLU A 56 -5.16 1.56 8.58
CA GLU A 56 -5.53 0.65 7.51
C GLU A 56 -4.53 0.75 6.35
N ILE A 57 -4.28 1.96 5.90
CA ILE A 57 -3.34 2.20 4.79
C ILE A 57 -1.90 1.95 5.24
N ASP A 58 -1.51 2.62 6.32
CA ASP A 58 -0.15 2.48 6.84
C ASP A 58 0.35 1.03 6.69
N SER A 59 -0.53 0.08 6.94
CA SER A 59 -0.19 -1.33 6.82
C SER A 59 0.18 -1.69 5.38
N TRP A 60 -0.70 -1.35 4.45
CA TRP A 60 -0.47 -1.63 3.05
C TRP A 60 0.88 -1.08 2.59
N PHE A 61 1.07 0.23 2.77
CA PHE A 61 2.31 0.88 2.38
C PHE A 61 3.51 0.20 3.03
N SER A 62 3.51 0.16 4.36
CA SER A 62 4.60 -0.46 5.10
C SER A 62 5.08 -1.73 4.41
N GLU A 63 4.13 -2.54 3.95
CA GLU A 63 4.46 -3.79 3.27
C GLU A 63 4.96 -3.52 1.85
N ARG A 64 4.28 -2.63 1.14
CA ARG A 64 4.65 -2.28 -0.22
C ARG A 64 6.16 -2.07 -0.33
N ARG A 65 6.67 -1.09 0.40
CA ARG A 65 8.09 -0.79 0.38
C ARG A 65 8.92 -2.05 0.66
N LYS A 66 8.47 -2.85 1.62
CA LYS A 66 9.17 -4.08 1.98
C LYS A 66 9.25 -5.03 0.78
N LEU A 67 8.09 -5.41 0.26
CA LEU A 67 8.04 -6.32 -0.88
C LEU A 67 8.91 -5.80 -2.03
N ARG A 68 8.87 -4.49 -2.23
CA ARG A 68 9.66 -3.87 -3.30
C ARG A 68 11.12 -4.25 -3.19
N ASP A 69 11.70 -4.03 -2.00
CA ASP A 69 13.10 -4.36 -1.77
C ASP A 69 13.33 -5.86 -1.85
N SER A 70 12.44 -6.62 -1.21
CA SER A 70 12.56 -8.08 -1.19
C SER A 70 13.84 -8.52 -0.49
N MET A 71 14.13 -7.87 0.64
CA MET A 71 15.32 -8.20 1.41
C MET A 71 15.12 -9.49 2.20
N GLU A 72 13.96 -9.62 2.83
CA GLU A 72 13.64 -10.80 3.62
C GLU A 72 12.46 -11.56 3.02
N GLN A 73 12.30 -12.81 3.43
CA GLN A 73 11.21 -13.64 2.94
C GLN A 73 10.87 -14.74 3.93
N ALA A 74 9.59 -15.13 3.96
CA ALA A 74 9.13 -16.17 4.87
C ALA A 74 8.08 -17.05 4.20
N VAL A 75 8.22 -18.36 4.39
CA VAL A 75 7.28 -19.31 3.80
C VAL A 75 5.96 -19.34 4.57
N LEU A 76 4.86 -19.22 3.85
CA LEU A 76 3.53 -19.22 4.47
C LEU A 76 2.48 -19.72 3.49
N ASP A 77 1.28 -19.96 3.99
CA ASP A 77 0.18 -20.44 3.17
C ASP A 77 -0.90 -19.37 3.02
N SER A 78 -1.02 -18.81 1.82
CA SER A 78 -2.00 -17.77 1.55
C SER A 78 -3.15 -18.32 0.70
N MET A 79 -4.36 -17.91 1.05
CA MET A 79 -5.55 -18.36 0.32
C MET A 79 -5.70 -17.60 -0.99
N GLY A 80 -5.88 -18.34 -2.08
CA GLY A 80 -6.04 -17.72 -3.38
C GLY A 80 -7.45 -17.83 -3.90
N SER A 81 -8.41 -17.35 -3.11
CA SER A 81 -9.82 -17.39 -3.50
C SER A 81 -10.45 -16.00 -3.41
N GLY A 82 -11.35 -15.70 -4.34
CA GLY A 82 -12.02 -14.42 -4.34
C GLY A 82 -13.03 -14.30 -5.47
N LYS A 83 -13.91 -13.30 -5.34
CA LYS A 83 -14.94 -13.07 -6.35
C LYS A 83 -15.37 -11.61 -6.37
N SER A 84 -15.53 -11.06 -7.57
CA SER A 84 -15.93 -9.67 -7.73
C SER A 84 -17.45 -9.54 -7.68
N GLY A 85 -17.93 -8.32 -7.47
CA GLY A 85 -19.36 -8.08 -7.41
C GLY A 85 -19.91 -7.53 -8.71
N PRO A 86 -21.15 -7.91 -9.05
CA PRO A 86 -21.81 -7.46 -10.28
C PRO A 86 -22.18 -5.99 -10.22
N SER A 87 -22.87 -5.51 -11.25
CA SER A 87 -23.29 -4.12 -11.33
C SER A 87 -24.79 -3.98 -11.09
N SER A 88 -25.27 -2.74 -11.05
CA SER A 88 -26.70 -2.48 -10.84
C SER A 88 -27.25 -1.58 -11.93
N GLY A 89 -28.53 -1.78 -12.26
CA GLY A 89 -29.16 -0.99 -13.30
C GLY A 89 -30.62 -1.34 -13.50
#